data_6X3S
#
_entry.id   6X3S
#
_cell.length_a   1.00
_cell.length_b   1.00
_cell.length_c   1.00
_cell.angle_alpha   90.00
_cell.angle_beta   90.00
_cell.angle_gamma   90.00
#
_symmetry.space_group_name_H-M   'P 1'
#
loop_
_entity.id
_entity.type
_entity.pdbx_description
1 polymer 'Gamma-aminobutyric acid receptor subunit beta-2'
2 polymer 'Gamma-aminobutyric acid receptor subunit alpha-1'
3 polymer 'Gamma-aminobutyric acid type A receptor subunit gamma-2'
4 polymer 'Kappa Fab Light Chain'
5 polymer 'IgG2b Fab Heavy Chain'
6 branched beta-D-mannopyranose-(1-4)-2-acetamido-2-deoxy-beta-D-glucopyranose-(1-4)-2-acetamido-2-deoxy-beta-D-glucopyranose
7 branched alpha-D-mannopyranose-(1-2)-alpha-D-mannopyranose-(1-2)-alpha-D-mannopyranose-(1-3)-[alpha-D-mannopyranose-(1-2)-alpha-D-mannopyranose-(1-6)-alpha-D-mannopyranose-(1-6)]beta-D-mannopyranose-(1-4)-2-acetamido-2-deoxy-beta-D-glucopyranose-(1-4)-2-acetamido-2-deoxy-beta-D-glucopyranose
8 branched 2-acetamido-2-deoxy-beta-D-glucopyranose-(1-4)-2-acetamido-2-deoxy-beta-D-glucopyranose
9 non-polymer 2-acetamido-2-deoxy-beta-D-glucopyranose
10 non-polymer (5S)-6,6-dimethyl-5-[(6R)-8-oxo-6,8-dihydrofuro[3,4-e][1,3]benzodioxol-6-yl]-5,6,7,8-tetrahydro[1,3]dioxolo[4,5-g]isoquinolin-6-ium
11 non-polymer alpha-D-mannopyranose
#
loop_
_entity_poly.entity_id
_entity_poly.type
_entity_poly.pdbx_seq_one_letter_code
_entity_poly.pdbx_strand_id
1 'polypeptide(L)'
;QSVNDPSNMSLVKETVDRLLKGYDIRLRPDFGGPPVAVGMNIDIASIDMVSEVNMDYTLTMYFQQAWRDKRLSYNVIPLN
LTLDNRVADQLWVPDTYFLNDKKSFVHGVTVKNRMIRLHPDGTVLYGLRITTTAACMMDLRRYPLDEQNCTLEIESYGYT
TDDIEFYWRGDDNAVTGVTKIELPQFSIVDYKLITKKVVFSTGSYPRLSLSFKLKRNIGYFILQTYMPSILITILSWVSF
WINYDASAARVALGITTVLTMTTINTHLRETLPKIPYVKAIDMYLMGCFVFVFMALLEYALVNYIFFSQPARAAAIDRWS
RIFFPVVFSFFNIVYWLYYVNVDGSGATNFSLLKQAGDVEENPG
;
A,C
2 'polypeptide(L)'
;QPSLQDELKDNTTVFTRILDRLLDGYDNRLRPGLGERVTEVKTDIFVTSFGPVSDHDMEYTIDVFFRQSWKDERLKFKGP
MTVLRLNNLMASKIWTPDTFFHNGKKSVAHNMTMPNKLLRITEDGTLLYTMRLTVRAECPMHLEDFPMDAHACPLKFGSY
AYTRAEVVYEWTREPARSVVVAEDGSRLNQYDLLGQTVDSGIVQSSTGEYVVMTTHFHLKRKIGYFVIQTYLPCIMTVIL
SQVSFWLNRESVPARTVFGVTTVLTMTTLSISARNSLPKVAYATAMDWFIAVCYAFVFSALIEFATVNYFTKSQPARAAK
IDRLSRIAFPLLFGIFNLVYWATYLNREPQLKAPTPHQ
;
B,D
3 'polypeptide(L)'
;WSHPQFEKGGGSGGGSGGSSAWSHPQFEKLEVLFQGPQKSDDDYEDYASNKTWVLTPKVPEGDVTVILNNLLEGYDNKLR
PDIGVKPTLIHTDMYVNSIGPVNAINMEYTIDIFFAQTWYDRRLKFNSTIKVLRLNSNMVGKIWIPDTFFRNSKKADAHW
ITTPNRMLRIWNDGRVLYTLRLTIDAECQLQLHNFPMDEHSCPLEFSSYGYPREEIVYQWKRSSVEVGDTRSWRLYQFSF
VGLRNTTEVVKTTSGDYVVMSVYFDLSRRMGYFTIQTYIPCTLIVVLSWVSFWINKDAVPARTSLGITTVLTMTTLSTIA
RKSLPKVSYVTAMDLFVSVCFIFVFSALVEYGTLHYFVSSQPARAAKMDSYARIFFPTAFCLFNLVYWVSYLYLSRGSGA
TNFSLLKQAGDVEENPG
;
E
4 'polypeptide(L)'
;NIVMTQSPKSMSMSVGERVTLSCKASEYVGTYVSWYQQKPEQSPKLLIYGASNRYTGVPDRFTGSGSATDFTLTIGSVQA
EDLADYHCGQSYSYPTFGAGTKLELKRADAAPTVSIFPPSSEQLTSGGASVVCFLNNFYPKDINVKWKIDGSERQNGVLN
SWTDQDSKDSTYSMSSTLTLTKDEYERHNSYTCEATHKTSTSPIVKSFNRNEC
;
I,L
5 'polypeptide(L)'
;EVQLQQSGAELVKPGASVKLSCTASGFNIKDTYMYWVKQRPEQGLEWIGRIDPANGDTKYDPKFQGKATITTDTFSNTAY
LQLSSLTSEDTAVYYCARKGLRWAMDYWGQGTSVTVSTAKTTPPSVYPLAPGCGDTTGSSVTLGCLVKGYFPESVTVTWN
SGSLSSSVHTFPALLQSGLYTMSSSVTVPSSTWPSQTVTCSVAHPASSTTVDKKLEPSGPISTINPCPPCKECHKCPAPN
LEGGPSVFIFPPNIKDVLMISLTPKVTCVVVDVSEDDPDVQISWFVNNVEVHTAQTQTHREDYNSTIRVVSTLPIQHQDW
MSGKEFKCKVNNKDLPSPIERTISKIKGLVRAPQVYILPPPAEQLSRKDVSLTCLVVGFNPGDISVEWTSNGHTEENYKD
TAPVLDSDGSYFIYSKLNMKTSKWEKTDSFSCNVRHEGLKNYYLKKTISRSPGK
;
J,K
#
loop_
_chem_comp.id
_chem_comp.type
_chem_comp.name
_chem_comp.formula
BMA D-saccharide, beta linking beta-D-mannopyranose 'C6 H12 O6'
J94 non-polymer (5S)-6,6-dimethyl-5-[(6R)-8-oxo-6,8-dihydrofuro[3,4-e][1,3]benzodioxol-6-yl]-5,6,7,8-tetrahydro[1,3]dioxolo[4,5-g]isoquinolin-6-ium 'C21 H20 N O6 1'
MAN D-saccharide, alpha linking alpha-D-mannopyranose 'C6 H12 O6'
NAG D-saccharide, beta linking 2-acetamido-2-deoxy-beta-D-glucopyranose 'C8 H15 N O6'
#
# COMPACT_ATOMS: atom_id res chain seq x y z
N SER A 7 28.43 16.48 -46.64
CA SER A 7 28.45 16.77 -45.21
C SER A 7 28.77 15.53 -44.40
N ASN A 8 28.85 15.69 -43.07
CA ASN A 8 29.14 14.57 -42.19
C ASN A 8 27.87 13.98 -41.58
N MET A 9 26.84 14.80 -41.35
CA MET A 9 25.59 14.29 -40.79
C MET A 9 24.90 13.36 -41.78
N SER A 10 24.87 13.72 -43.06
CA SER A 10 24.24 12.87 -44.07
C SER A 10 24.97 11.54 -44.20
N LEU A 11 26.30 11.56 -44.06
CA LEU A 11 27.07 10.33 -44.12
C LEU A 11 26.66 9.37 -43.00
N VAL A 12 26.57 9.90 -41.77
CA VAL A 12 26.18 9.08 -40.64
C VAL A 12 24.75 8.58 -40.78
N LYS A 13 23.87 9.44 -41.31
CA LYS A 13 22.48 9.02 -41.52
C LYS A 13 22.42 7.85 -42.49
N GLU A 14 23.10 7.96 -43.64
CA GLU A 14 23.11 6.86 -44.60
C GLU A 14 23.76 5.61 -44.02
N THR A 15 24.81 5.78 -43.22
CA THR A 15 25.47 4.64 -42.60
C THR A 15 24.53 3.90 -41.66
N VAL A 16 23.82 4.63 -40.81
CA VAL A 16 22.91 3.99 -39.88
C VAL A 16 21.74 3.35 -40.63
N ASP A 17 21.24 4.02 -41.67
CA ASP A 17 20.16 3.44 -42.46
C ASP A 17 20.60 2.14 -43.11
N ARG A 18 21.85 2.07 -43.55
CA ARG A 18 22.36 0.83 -44.14
C ARG A 18 22.57 -0.24 -43.09
N LEU A 19 23.01 0.16 -41.88
CA LEU A 19 23.20 -0.81 -40.81
C LEU A 19 21.89 -1.43 -40.36
N LEU A 20 20.82 -0.64 -40.35
CA LEU A 20 19.52 -1.14 -39.92
C LEU A 20 18.69 -1.69 -41.07
N LYS A 21 19.16 -1.58 -42.32
CA LYS A 21 18.46 -2.15 -43.46
C LYS A 21 18.89 -3.60 -43.63
N GLY A 22 17.93 -4.51 -43.53
CA GLY A 22 18.24 -5.92 -43.63
C GLY A 22 18.90 -6.46 -42.37
N TYR A 23 18.17 -6.40 -41.26
CA TYR A 23 18.64 -6.87 -39.97
C TYR A 23 17.58 -7.77 -39.37
N ASP A 24 17.97 -8.98 -38.99
CA ASP A 24 17.05 -9.95 -38.40
C ASP A 24 17.32 -10.00 -36.90
N ILE A 25 16.37 -9.46 -36.12
CA ILE A 25 16.49 -9.41 -34.67
C ILE A 25 16.45 -10.79 -34.04
N ARG A 26 16.05 -11.81 -34.79
CA ARG A 26 15.92 -13.16 -34.24
C ARG A 26 17.22 -13.94 -34.26
N LEU A 27 18.24 -13.48 -34.98
CA LEU A 27 19.47 -14.23 -35.17
C LEU A 27 20.59 -13.55 -34.38
N ARG A 28 21.24 -14.32 -33.51
CA ARG A 28 22.38 -13.82 -32.76
C ARG A 28 23.55 -13.59 -33.69
N PRO A 29 24.53 -12.78 -33.25
CA PRO A 29 25.77 -12.65 -34.03
C PRO A 29 26.47 -13.99 -34.18
N ASP A 30 26.89 -14.28 -35.42
CA ASP A 30 27.51 -15.56 -35.76
C ASP A 30 26.55 -16.71 -35.46
N PHE A 31 25.40 -16.69 -36.14
CA PHE A 31 24.33 -17.63 -35.84
C PHE A 31 24.75 -19.08 -36.09
N GLY A 32 25.64 -19.30 -37.05
CA GLY A 32 26.11 -20.64 -37.32
C GLY A 32 27.55 -20.86 -36.88
N GLY A 33 28.14 -19.83 -36.31
CA GLY A 33 29.52 -19.88 -35.89
C GLY A 33 29.69 -20.16 -34.41
N PRO A 34 30.78 -19.67 -33.84
CA PRO A 34 31.06 -19.94 -32.43
C PRO A 34 30.16 -19.11 -31.53
N PRO A 35 30.06 -19.47 -30.25
CA PRO A 35 29.20 -18.70 -29.35
C PRO A 35 29.73 -17.29 -29.14
N VAL A 36 28.80 -16.34 -29.05
CA VAL A 36 29.14 -14.94 -28.86
C VAL A 36 29.51 -14.70 -27.40
N ALA A 37 30.55 -13.89 -27.19
CA ALA A 37 31.04 -13.59 -25.85
C ALA A 37 30.49 -12.23 -25.42
N VAL A 38 29.84 -12.20 -24.26
CA VAL A 38 29.21 -11.00 -23.74
C VAL A 38 29.91 -10.62 -22.44
N GLY A 39 30.53 -9.44 -22.42
CA GLY A 39 31.25 -8.96 -21.25
C GLY A 39 30.38 -8.03 -20.41
N MET A 40 30.46 -8.19 -19.10
CA MET A 40 29.60 -7.50 -18.15
C MET A 40 30.41 -6.52 -17.30
N ASN A 41 29.90 -5.31 -17.17
CA ASN A 41 30.37 -4.35 -16.18
C ASN A 41 29.20 -3.96 -15.30
N ILE A 42 29.48 -3.75 -14.01
CA ILE A 42 28.45 -3.37 -13.05
C ILE A 42 29.02 -2.24 -12.20
N ASP A 43 28.46 -1.05 -12.37
CA ASP A 43 28.86 0.11 -11.57
C ASP A 43 27.76 0.33 -10.52
N ILE A 44 28.05 -0.06 -9.29
CA ILE A 44 27.03 -0.06 -8.24
C ILE A 44 26.88 1.36 -7.69
N ALA A 45 25.66 1.90 -7.79
CA ALA A 45 25.40 3.24 -7.28
C ALA A 45 25.16 3.22 -5.78
N SER A 46 24.23 2.38 -5.32
CA SER A 46 23.92 2.31 -3.91
C SER A 46 23.20 1.01 -3.60
N ILE A 47 23.41 0.51 -2.38
CA ILE A 47 22.66 -0.61 -1.84
C ILE A 47 21.66 -0.03 -0.85
N ASP A 48 20.40 0.08 -1.28
CA ASP A 48 19.46 0.94 -0.57
C ASP A 48 19.11 0.39 0.80
N MET A 49 18.51 -0.80 0.87
CA MET A 49 18.06 -1.35 2.14
C MET A 49 18.25 -2.85 2.16
N VAL A 50 18.58 -3.38 3.34
CA VAL A 50 18.80 -4.80 3.55
C VAL A 50 17.72 -5.26 4.52
N SER A 51 16.65 -5.84 3.99
CA SER A 51 15.47 -6.20 4.78
C SER A 51 15.59 -7.66 5.22
N GLU A 52 15.61 -7.88 6.53
CA GLU A 52 15.77 -9.20 7.10
C GLU A 52 14.44 -9.89 7.38
N VAL A 53 13.33 -9.15 7.31
CA VAL A 53 12.02 -9.76 7.45
C VAL A 53 11.54 -10.30 6.11
N ASN A 54 11.97 -9.69 5.00
CA ASN A 54 11.67 -10.20 3.67
C ASN A 54 12.83 -10.96 3.06
N MET A 55 14.00 -10.98 3.71
CA MET A 55 15.17 -11.73 3.25
C MET A 55 15.61 -11.27 1.87
N ASP A 56 15.82 -9.97 1.72
CA ASP A 56 16.19 -9.41 0.42
C ASP A 56 16.98 -8.12 0.64
N TYR A 57 17.53 -7.60 -0.46
CA TYR A 57 18.23 -6.32 -0.44
C TYR A 57 18.04 -5.62 -1.78
N THR A 58 17.99 -4.29 -1.73
CA THR A 58 17.76 -3.46 -2.90
C THR A 58 19.06 -2.79 -3.32
N LEU A 59 19.36 -2.83 -4.61
CA LEU A 59 20.58 -2.20 -5.12
C LEU A 59 20.32 -1.56 -6.48
N THR A 60 20.89 -0.38 -6.67
CA THR A 60 20.86 0.31 -7.94
C THR A 60 22.20 0.14 -8.63
N MET A 61 22.17 -0.19 -9.92
CA MET A 61 23.40 -0.49 -10.63
C MET A 61 23.32 0.02 -12.06
N TYR A 62 24.48 0.37 -12.60
CA TYR A 62 24.67 0.57 -14.02
C TYR A 62 25.18 -0.74 -14.59
N PHE A 63 24.32 -1.45 -15.32
CA PHE A 63 24.61 -2.78 -15.81
C PHE A 63 24.87 -2.68 -17.31
N GLN A 64 26.11 -2.95 -17.72
CA GLN A 64 26.54 -2.75 -19.09
C GLN A 64 27.04 -4.05 -19.68
N GLN A 65 26.65 -4.33 -20.92
CA GLN A 65 27.07 -5.51 -21.65
C GLN A 65 27.73 -5.10 -22.94
N ALA A 66 28.72 -5.89 -23.37
CA ALA A 66 29.47 -5.59 -24.57
C ALA A 66 29.66 -6.86 -25.37
N TRP A 67 29.32 -6.81 -26.66
CA TRP A 67 29.54 -7.95 -27.54
C TRP A 67 30.00 -7.45 -28.90
N ARG A 68 30.18 -8.37 -29.85
CA ARG A 68 30.61 -8.03 -31.20
C ARG A 68 29.56 -8.49 -32.19
N ASP A 69 28.92 -7.55 -32.86
CA ASP A 69 27.92 -7.83 -33.88
C ASP A 69 28.52 -7.44 -35.22
N LYS A 70 28.98 -8.43 -35.98
CA LYS A 70 29.66 -8.16 -37.24
C LYS A 70 28.74 -7.53 -38.29
N ARG A 71 27.44 -7.48 -38.03
CA ARG A 71 26.52 -6.84 -38.96
C ARG A 71 26.46 -5.34 -38.74
N LEU A 72 26.65 -4.88 -37.51
CA LEU A 72 26.68 -3.46 -37.19
C LEU A 72 28.10 -2.90 -37.23
N SER A 73 28.80 -3.16 -38.32
CA SER A 73 30.18 -2.75 -38.49
C SER A 73 30.28 -1.79 -39.67
N TYR A 74 30.97 -0.68 -39.46
CA TYR A 74 31.08 0.37 -40.47
C TYR A 74 32.51 0.87 -40.50
N ASN A 75 32.89 1.46 -41.63
CA ASN A 75 34.26 1.94 -41.82
C ASN A 75 34.35 3.30 -42.49
N VAL A 76 33.23 3.90 -42.89
CA VAL A 76 33.30 5.19 -43.58
C VAL A 76 33.44 6.36 -42.62
N ILE A 77 33.10 6.17 -41.35
CA ILE A 77 33.27 7.21 -40.33
C ILE A 77 34.02 6.60 -39.15
N PRO A 78 34.89 7.35 -38.48
CA PRO A 78 35.80 6.73 -37.51
C PRO A 78 35.34 6.79 -36.06
N LEU A 79 34.28 7.55 -35.77
CA LEU A 79 33.90 7.76 -34.38
C LEU A 79 32.88 6.74 -33.91
N ASN A 80 32.80 6.58 -32.59
CA ASN A 80 31.86 5.65 -31.97
C ASN A 80 30.48 6.28 -31.94
N LEU A 81 29.54 5.72 -32.68
CA LEU A 81 28.19 6.25 -32.72
C LEU A 81 27.47 5.95 -31.42
N THR A 82 26.76 6.95 -30.90
CA THR A 82 25.94 6.79 -29.71
C THR A 82 24.48 6.99 -30.13
N LEU A 83 23.78 5.90 -30.37
CA LEU A 83 22.44 6.01 -30.92
C LEU A 83 21.43 6.25 -29.81
N ASP A 84 20.28 6.80 -30.17
CA ASP A 84 19.21 6.98 -29.21
C ASP A 84 18.77 5.63 -28.66
N ASN A 85 18.32 5.63 -27.41
CA ASN A 85 17.97 4.38 -26.75
C ASN A 85 16.81 3.66 -27.43
N ARG A 86 15.99 4.36 -28.20
CA ARG A 86 14.84 3.73 -28.84
C ARG A 86 15.25 2.81 -29.98
N VAL A 87 16.51 2.81 -30.39
CA VAL A 87 16.98 1.83 -31.36
C VAL A 87 17.45 0.56 -30.66
N ALA A 88 17.52 0.56 -29.34
CA ALA A 88 17.84 -0.67 -28.62
C ALA A 88 16.79 -1.75 -28.81
N ASP A 89 15.64 -1.41 -29.40
CA ASP A 89 14.60 -2.37 -29.73
C ASP A 89 14.78 -2.98 -31.12
N GLN A 90 15.62 -2.41 -31.97
CA GLN A 90 15.83 -2.88 -33.32
C GLN A 90 17.08 -3.74 -33.48
N LEU A 91 17.80 -3.99 -32.40
CA LEU A 91 19.01 -4.80 -32.42
C LEU A 91 18.81 -6.05 -31.57
N TRP A 92 19.71 -6.99 -31.73
CA TRP A 92 19.72 -8.20 -30.92
C TRP A 92 20.46 -7.91 -29.62
N VAL A 93 19.80 -8.14 -28.50
CA VAL A 93 20.43 -7.97 -27.19
C VAL A 93 20.30 -9.29 -26.45
N PRO A 94 21.30 -9.69 -25.66
CA PRO A 94 21.21 -10.97 -24.96
C PRO A 94 20.11 -10.97 -23.92
N ASP A 95 19.52 -12.13 -23.70
CA ASP A 95 18.42 -12.27 -22.75
C ASP A 95 18.94 -12.50 -21.34
N THR A 96 19.84 -11.63 -20.90
CA THR A 96 20.37 -11.72 -19.55
C THR A 96 19.27 -11.44 -18.54
N TYR A 97 19.18 -12.27 -17.51
CA TYR A 97 18.25 -12.04 -16.41
C TYR A 97 18.95 -12.37 -15.11
N PHE A 98 18.35 -11.93 -14.01
CA PHE A 98 18.90 -12.12 -12.68
C PHE A 98 18.13 -13.23 -12.00
N LEU A 99 18.85 -14.26 -11.54
CA LEU A 99 18.20 -15.50 -11.13
C LEU A 99 17.42 -15.33 -9.83
N ASN A 100 17.84 -14.42 -8.95
CA ASN A 100 17.28 -14.33 -7.61
C ASN A 100 16.56 -13.01 -7.35
N ASP A 101 16.21 -12.26 -8.39
CA ASP A 101 15.52 -11.00 -8.17
C ASP A 101 14.03 -11.21 -7.95
N LYS A 102 13.41 -10.26 -7.27
CA LYS A 102 12.00 -10.31 -6.95
C LYS A 102 11.20 -9.21 -7.63
N LYS A 103 11.72 -7.98 -7.64
CA LYS A 103 11.12 -6.89 -8.41
C LYS A 103 12.23 -6.03 -8.95
N SER A 104 12.24 -5.82 -10.26
CA SER A 104 13.26 -5.05 -10.94
C SER A 104 12.58 -4.06 -11.89
N PHE A 105 13.32 -3.01 -12.25
CA PHE A 105 12.82 -2.07 -13.23
C PHE A 105 13.97 -1.20 -13.72
N VAL A 106 13.85 -0.74 -14.96
CA VAL A 106 14.77 0.24 -15.54
C VAL A 106 14.17 1.62 -15.28
N HIS A 107 15.01 2.55 -14.85
CA HIS A 107 14.54 3.90 -14.60
C HIS A 107 14.15 4.56 -15.92
N GLY A 108 13.11 5.39 -15.86
CA GLY A 108 12.54 5.95 -17.07
C GLY A 108 12.33 7.45 -17.04
N VAL A 109 13.25 8.16 -16.40
CA VAL A 109 13.19 9.62 -16.31
C VAL A 109 14.59 10.18 -16.54
N THR A 110 14.72 11.12 -17.46
CA THR A 110 13.59 11.69 -18.19
C THR A 110 13.22 10.87 -19.41
N VAL A 111 14.12 10.01 -19.85
CA VAL A 111 13.81 9.00 -20.86
C VAL A 111 14.13 7.65 -20.25
N LYS A 112 13.88 6.58 -20.98
CA LYS A 112 14.28 5.25 -20.53
C LYS A 112 15.80 5.23 -20.35
N ASN A 113 16.24 4.98 -19.12
CA ASN A 113 17.66 5.06 -18.78
C ASN A 113 18.39 3.85 -19.36
N ARG A 114 18.73 3.96 -20.64
CA ARG A 114 19.57 2.96 -21.28
C ARG A 114 20.35 3.61 -22.42
N MET A 115 21.45 2.98 -22.76
CA MET A 115 22.39 3.50 -23.74
C MET A 115 22.75 2.41 -24.74
N ILE A 116 22.82 2.79 -26.01
CA ILE A 116 23.26 1.90 -27.08
C ILE A 116 24.37 2.61 -27.87
N ARG A 117 25.54 1.99 -27.92
CA ARG A 117 26.70 2.58 -28.55
C ARG A 117 27.30 1.58 -29.54
N LEU A 118 27.40 2.00 -30.80
CA LEU A 118 28.04 1.20 -31.83
C LEU A 118 29.48 1.68 -32.04
N HIS A 119 30.37 0.74 -32.24
CA HIS A 119 31.76 1.01 -32.55
C HIS A 119 32.07 0.58 -33.98
N PRO A 120 33.08 1.18 -34.62
CA PRO A 120 33.29 0.90 -36.05
C PRO A 120 33.67 -0.54 -36.34
N ASP A 121 34.34 -1.22 -35.41
CA ASP A 121 34.79 -2.59 -35.62
C ASP A 121 33.71 -3.62 -35.31
N GLY A 122 32.49 -3.19 -35.05
CA GLY A 122 31.38 -4.10 -34.81
C GLY A 122 31.01 -4.26 -33.35
N THR A 123 31.75 -3.66 -32.42
CA THR A 123 31.44 -3.81 -31.01
C THR A 123 30.18 -3.03 -30.65
N VAL A 124 29.26 -3.69 -29.96
CA VAL A 124 28.02 -3.10 -29.49
C VAL A 124 28.07 -3.03 -27.98
N LEU A 125 27.70 -1.88 -27.43
CA LEU A 125 27.79 -1.61 -26.00
C LEU A 125 26.41 -1.16 -25.53
N TYR A 126 25.76 -1.98 -24.71
CA TYR A 126 24.37 -1.79 -24.33
C TYR A 126 24.29 -1.72 -22.81
N GLY A 127 23.88 -0.57 -22.30
CA GLY A 127 23.85 -0.34 -20.86
C GLY A 127 22.46 0.01 -20.38
N LEU A 128 22.17 -0.39 -19.14
CA LEU A 128 20.90 -0.12 -18.48
C LEU A 128 21.19 0.40 -17.08
N ARG A 129 20.20 1.09 -16.50
CA ARG A 129 20.26 1.52 -15.11
C ARG A 129 19.13 0.83 -14.36
N ILE A 130 19.47 -0.15 -13.54
CA ILE A 130 18.51 -1.10 -13.00
C ILE A 130 18.49 -0.99 -11.49
N THR A 131 17.29 -0.92 -10.92
CA THR A 131 17.09 -1.05 -9.49
C THR A 131 16.49 -2.43 -9.23
N THR A 132 17.22 -3.26 -8.51
CA THR A 132 16.87 -4.67 -8.34
C THR A 132 16.73 -4.99 -6.87
N THR A 133 15.68 -5.73 -6.52
CA THR A 133 15.48 -6.24 -5.18
C THR A 133 15.80 -7.73 -5.21
N ALA A 134 17.04 -8.08 -4.86
CA ALA A 134 17.50 -9.45 -4.95
C ALA A 134 17.24 -10.19 -3.64
N ALA A 135 17.00 -11.50 -3.77
CA ALA A 135 16.73 -12.36 -2.63
C ALA A 135 18.04 -12.87 -2.06
N CYS A 136 18.27 -12.58 -0.78
CA CYS A 136 19.50 -12.97 -0.08
C CYS A 136 19.10 -13.80 1.13
N MET A 137 19.52 -15.07 1.14
CA MET A 137 19.29 -15.92 2.30
C MET A 137 20.07 -15.40 3.50
N MET A 138 19.40 -15.29 4.65
CA MET A 138 20.00 -14.71 5.84
C MET A 138 19.88 -15.67 7.01
N ASP A 139 20.97 -15.86 7.73
CA ASP A 139 21.01 -16.68 8.94
C ASP A 139 21.23 -15.75 10.11
N LEU A 140 20.16 -15.50 10.87
CA LEU A 140 20.17 -14.48 11.91
C LEU A 140 20.14 -15.08 13.31
N ARG A 141 20.70 -16.27 13.49
CA ARG A 141 20.83 -16.83 14.83
C ARG A 141 21.81 -16.03 15.68
N ARG A 142 22.84 -15.47 15.05
CA ARG A 142 23.85 -14.70 15.76
C ARG A 142 23.51 -13.21 15.82
N TYR A 143 22.32 -12.82 15.37
CA TYR A 143 21.92 -11.43 15.36
C TYR A 143 22.09 -10.83 16.76
N PRO A 144 22.65 -9.62 16.89
CA PRO A 144 23.14 -8.75 15.82
C PRO A 144 24.62 -8.94 15.50
N LEU A 145 25.21 -10.01 15.98
CA LEU A 145 26.64 -10.28 15.76
C LEU A 145 26.81 -11.25 14.59
N ASP A 146 26.38 -10.82 13.42
CA ASP A 146 26.31 -11.72 12.28
C ASP A 146 26.80 -11.03 11.02
N GLU A 147 27.26 -11.85 10.09
CA GLU A 147 27.62 -11.43 8.74
C GLU A 147 26.65 -12.05 7.75
N GLN A 148 26.46 -11.37 6.62
CA GLN A 148 25.56 -11.85 5.57
C GLN A 148 26.31 -11.92 4.25
N ASN A 149 26.18 -13.05 3.57
CA ASN A 149 26.75 -13.24 2.23
C ASN A 149 25.60 -13.08 1.25
N CYS A 150 25.40 -11.86 0.76
CA CYS A 150 24.33 -11.55 -0.16
C CYS A 150 24.86 -11.56 -1.58
N THR A 151 24.29 -12.41 -2.43
CA THR A 151 24.77 -12.63 -3.77
C THR A 151 23.82 -12.04 -4.80
N LEU A 152 24.30 -11.99 -6.04
CA LEU A 152 23.50 -11.57 -7.18
C LEU A 152 23.92 -12.42 -8.37
N GLU A 153 22.97 -13.19 -8.91
CA GLU A 153 23.22 -14.12 -10.00
C GLU A 153 22.81 -13.49 -11.32
N ILE A 154 23.50 -13.89 -12.39
CA ILE A 154 23.21 -13.39 -13.72
C ILE A 154 23.32 -14.57 -14.67
N GLU A 155 22.22 -14.91 -15.34
CA GLU A 155 22.17 -16.07 -16.22
C GLU A 155 21.54 -15.67 -17.55
N SER A 156 21.66 -16.56 -18.52
CA SER A 156 21.01 -16.41 -19.82
C SER A 156 19.76 -17.27 -19.84
N TYR A 157 18.62 -16.67 -20.18
CA TYR A 157 17.36 -17.38 -20.10
C TYR A 157 17.23 -18.42 -21.22
N GLY A 158 17.33 -17.97 -22.47
CA GLY A 158 17.12 -18.87 -23.59
C GLY A 158 18.37 -19.55 -24.09
N TYR A 159 19.46 -18.81 -24.22
CA TYR A 159 20.66 -19.32 -24.84
C TYR A 159 21.49 -20.14 -23.86
N THR A 160 22.18 -21.15 -24.39
CA THR A 160 23.05 -22.02 -23.63
C THR A 160 24.51 -21.72 -23.94
N THR A 161 25.41 -22.49 -23.33
CA THR A 161 26.84 -22.18 -23.42
C THR A 161 27.39 -22.44 -24.82
N ASP A 162 26.76 -23.32 -25.59
CA ASP A 162 27.17 -23.49 -26.98
C ASP A 162 26.58 -22.42 -27.89
N ASP A 163 25.94 -21.40 -27.31
CA ASP A 163 25.43 -20.28 -28.07
C ASP A 163 25.79 -18.91 -27.50
N ILE A 164 26.17 -18.81 -26.22
CA ILE A 164 26.53 -17.54 -25.61
C ILE A 164 27.51 -17.83 -24.48
N GLU A 165 28.34 -16.83 -24.17
CA GLU A 165 29.34 -16.95 -23.13
C GLU A 165 29.38 -15.67 -22.32
N PHE A 166 29.37 -15.81 -20.99
CA PHE A 166 29.44 -14.67 -20.09
C PHE A 166 30.82 -14.59 -19.46
N TYR A 167 31.37 -13.39 -19.37
CA TYR A 167 32.64 -13.18 -18.70
C TYR A 167 32.71 -11.74 -18.24
N TRP A 168 33.33 -11.53 -17.08
CA TRP A 168 33.52 -10.18 -16.57
C TRP A 168 34.51 -9.43 -17.43
N ARG A 169 34.16 -8.20 -17.79
CA ARG A 169 35.04 -7.35 -18.59
C ARG A 169 36.11 -6.77 -17.68
N GLY A 170 37.21 -7.51 -17.52
CA GLY A 170 38.30 -7.10 -16.66
C GLY A 170 38.57 -8.08 -15.54
N ASP A 171 37.51 -8.63 -14.95
CA ASP A 171 37.57 -9.73 -13.99
C ASP A 171 38.14 -9.30 -12.65
N ASP A 172 38.66 -8.08 -12.56
CA ASP A 172 39.12 -7.53 -11.30
C ASP A 172 38.58 -6.11 -11.14
N ASN A 173 38.36 -5.44 -12.27
CA ASN A 173 37.82 -4.09 -12.30
C ASN A 173 36.48 -4.05 -13.04
N ALA A 174 35.80 -5.19 -13.14
CA ALA A 174 34.49 -5.21 -13.80
C ALA A 174 33.43 -4.57 -12.93
N VAL A 175 33.51 -4.78 -11.62
CA VAL A 175 32.55 -4.24 -10.67
C VAL A 175 33.23 -3.11 -9.90
N THR A 176 32.65 -1.92 -9.96
CA THR A 176 33.22 -0.73 -9.33
C THR A 176 32.24 -0.15 -8.34
N GLY A 177 32.72 0.81 -7.55
CA GLY A 177 31.88 1.55 -6.63
C GLY A 177 31.49 0.81 -5.37
N VAL A 178 32.02 -0.39 -5.12
CA VAL A 178 31.65 -1.12 -3.92
C VAL A 178 32.29 -0.48 -2.69
N THR A 179 33.45 0.15 -2.85
CA THR A 179 34.11 0.80 -1.72
C THR A 179 33.48 2.13 -1.34
N LYS A 180 32.74 2.75 -2.26
CA LYS A 180 32.10 4.04 -2.00
C LYS A 180 30.72 3.89 -1.38
N ILE A 181 30.28 2.68 -1.07
CA ILE A 181 28.95 2.46 -0.53
C ILE A 181 28.97 2.71 0.96
N GLU A 182 28.05 3.54 1.45
CA GLU A 182 27.91 3.85 2.86
C GLU A 182 26.54 3.34 3.33
N LEU A 183 26.54 2.29 4.10
CA LEU A 183 25.33 1.74 4.69
C LEU A 183 25.21 2.18 6.13
N PRO A 184 24.03 2.65 6.56
CA PRO A 184 23.89 3.12 7.93
C PRO A 184 24.00 2.01 8.97
N GLN A 185 23.80 0.75 8.59
CA GLN A 185 23.80 -0.34 9.53
C GLN A 185 24.80 -1.45 9.24
N PHE A 186 25.27 -1.57 8.00
CA PHE A 186 26.17 -2.64 7.60
C PHE A 186 27.49 -2.05 7.11
N SER A 187 28.42 -2.93 6.75
CA SER A 187 29.71 -2.51 6.24
C SER A 187 30.24 -3.59 5.31
N ILE A 188 30.49 -3.21 4.05
CA ILE A 188 31.02 -4.15 3.07
C ILE A 188 32.47 -4.45 3.39
N VAL A 189 32.77 -5.71 3.72
CA VAL A 189 34.14 -6.11 4.03
C VAL A 189 34.82 -6.73 2.81
N ASP A 190 34.07 -7.47 1.98
CA ASP A 190 34.66 -8.12 0.83
C ASP A 190 33.58 -8.39 -0.20
N TYR A 191 34.01 -8.51 -1.46
CA TYR A 191 33.11 -8.86 -2.55
C TYR A 191 33.89 -9.71 -3.56
N LYS A 192 33.22 -10.71 -4.11
CA LYS A 192 33.85 -11.67 -5.01
C LYS A 192 33.04 -11.82 -6.28
N LEU A 193 33.74 -12.03 -7.39
CA LEU A 193 33.16 -12.21 -8.72
C LEU A 193 33.46 -13.63 -9.19
N ILE A 194 32.43 -14.38 -9.52
CA ILE A 194 32.55 -15.75 -9.98
C ILE A 194 31.95 -15.86 -11.37
N THR A 195 32.56 -16.70 -12.21
CA THR A 195 32.00 -17.06 -13.50
C THR A 195 32.03 -18.58 -13.65
N LYS A 196 30.94 -19.15 -14.14
CA LYS A 196 30.87 -20.60 -14.25
C LYS A 196 29.81 -20.98 -15.28
N LYS A 197 29.65 -22.29 -15.46
CA LYS A 197 28.63 -22.86 -16.33
C LYS A 197 27.85 -23.89 -15.53
N VAL A 198 26.59 -23.61 -15.27
CA VAL A 198 25.75 -24.53 -14.50
C VAL A 198 25.08 -25.50 -15.47
N VAL A 199 25.10 -26.78 -15.11
CA VAL A 199 24.57 -27.84 -15.95
C VAL A 199 23.23 -28.28 -15.38
N PHE A 200 22.17 -28.09 -16.16
CA PHE A 200 20.83 -28.54 -15.82
C PHE A 200 20.37 -29.51 -16.90
N SER A 201 19.23 -30.16 -16.64
CA SER A 201 18.71 -31.14 -17.57
C SER A 201 18.42 -30.56 -18.95
N THR A 202 18.25 -29.25 -19.05
CA THR A 202 17.99 -28.61 -20.33
C THR A 202 19.26 -28.25 -21.08
N GLY A 203 20.40 -28.21 -20.42
CA GLY A 203 21.65 -27.85 -21.05
C GLY A 203 22.58 -27.19 -20.06
N SER A 204 23.70 -26.69 -20.57
CA SER A 204 24.68 -25.98 -19.77
C SER A 204 24.56 -24.50 -20.05
N TYR A 205 24.26 -23.71 -19.01
CA TYR A 205 24.00 -22.29 -19.10
C TYR A 205 25.09 -21.49 -18.43
N PRO A 206 25.50 -20.37 -19.02
CA PRO A 206 26.50 -19.52 -18.37
C PRO A 206 25.93 -18.82 -17.15
N ARG A 207 26.81 -18.45 -16.22
CA ARG A 207 26.37 -17.73 -15.04
C ARG A 207 27.51 -16.89 -14.50
N LEU A 208 27.17 -15.65 -14.14
CA LEU A 208 28.04 -14.77 -13.37
C LEU A 208 27.44 -14.55 -11.99
N SER A 209 28.30 -14.30 -11.02
CA SER A 209 27.84 -14.11 -9.66
C SER A 209 28.67 -13.01 -9.00
N LEU A 210 27.99 -12.08 -8.36
CA LEU A 210 28.63 -11.00 -7.62
C LEU A 210 28.15 -11.11 -6.17
N SER A 211 29.05 -11.42 -5.25
CA SER A 211 28.67 -11.74 -3.88
C SER A 211 29.34 -10.79 -2.91
N PHE A 212 28.58 -10.24 -1.98
CA PHE A 212 29.07 -9.33 -0.95
C PHE A 212 29.03 -10.00 0.41
N LYS A 213 29.95 -9.59 1.28
CA LYS A 213 29.93 -10.00 2.68
C LYS A 213 29.74 -8.74 3.52
N LEU A 214 28.52 -8.54 4.01
CA LEU A 214 28.21 -7.42 4.87
C LEU A 214 28.38 -7.82 6.33
N LYS A 215 28.99 -6.92 7.12
CA LYS A 215 29.19 -7.14 8.54
C LYS A 215 28.37 -6.12 9.31
N ARG A 216 27.44 -6.60 10.14
CA ARG A 216 26.54 -5.70 10.85
C ARG A 216 27.27 -4.95 11.94
N ASN A 217 27.06 -3.64 12.00
CA ASN A 217 27.64 -2.83 13.05
C ASN A 217 27.07 -3.22 14.41
N ILE A 218 27.79 -2.84 15.46
CA ILE A 218 27.47 -3.31 16.80
C ILE A 218 27.29 -2.14 17.75
N GLY A 219 27.66 -0.94 17.30
CA GLY A 219 27.59 0.22 18.19
C GLY A 219 26.18 0.54 18.64
N TYR A 220 25.25 0.65 17.69
CA TYR A 220 23.88 1.01 18.02
C TYR A 220 23.26 -0.03 18.94
N PHE A 221 23.46 -1.31 18.64
CA PHE A 221 22.87 -2.37 19.44
C PHE A 221 23.43 -2.34 20.86
N ILE A 222 24.76 -2.20 20.98
CA ILE A 222 25.36 -2.07 22.31
C ILE A 222 24.68 -0.94 23.07
N LEU A 223 24.78 0.28 22.53
CA LEU A 223 24.37 1.47 23.27
C LEU A 223 22.89 1.42 23.64
N GLN A 224 22.04 0.88 22.77
CA GLN A 224 20.61 0.96 23.03
C GLN A 224 20.03 -0.26 23.74
N THR A 225 20.63 -1.44 23.59
CA THR A 225 20.07 -2.66 24.14
C THR A 225 20.90 -3.27 25.25
N TYR A 226 22.23 -3.32 25.11
CA TYR A 226 23.02 -4.06 26.07
C TYR A 226 23.34 -3.24 27.31
N MET A 227 23.62 -1.95 27.13
CA MET A 227 23.94 -1.12 28.29
C MET A 227 22.76 -0.93 29.22
N PRO A 228 21.54 -0.61 28.76
CA PRO A 228 20.44 -0.45 29.71
C PRO A 228 20.12 -1.71 30.49
N SER A 229 20.24 -2.88 29.86
CA SER A 229 19.99 -4.13 30.58
C SER A 229 21.00 -4.31 31.72
N ILE A 230 22.28 -4.07 31.43
CA ILE A 230 23.31 -4.22 32.46
C ILE A 230 23.11 -3.20 33.57
N LEU A 231 22.70 -1.98 33.19
CA LEU A 231 22.48 -0.95 34.22
C LEU A 231 21.32 -1.32 35.13
N ILE A 232 20.22 -1.84 34.56
CA ILE A 232 19.11 -2.27 35.40
C ILE A 232 19.51 -3.49 36.23
N THR A 233 20.42 -4.32 35.71
CA THR A 233 20.89 -5.47 36.49
C THR A 233 21.68 -5.02 37.72
N ILE A 234 22.59 -4.07 37.54
CA ILE A 234 23.31 -3.53 38.70
C ILE A 234 22.34 -2.85 39.65
N LEU A 235 21.33 -2.17 39.11
CA LEU A 235 20.34 -1.55 39.97
C LEU A 235 19.60 -2.60 40.80
N SER A 236 19.37 -3.78 40.21
CA SER A 236 18.79 -4.87 40.98
C SER A 236 19.76 -5.37 42.04
N TRP A 237 21.07 -5.37 41.74
CA TRP A 237 22.05 -5.75 42.75
C TRP A 237 22.14 -4.75 43.88
N VAL A 238 21.66 -3.52 43.67
CA VAL A 238 21.74 -2.50 44.73
C VAL A 238 20.98 -2.96 45.97
N SER A 239 19.99 -3.84 45.82
CA SER A 239 19.18 -4.27 46.95
C SER A 239 19.97 -5.01 48.02
N PHE A 240 21.13 -5.57 47.67
CA PHE A 240 21.85 -6.40 48.64
C PHE A 240 22.49 -5.57 49.74
N TRP A 241 22.94 -4.36 49.42
CA TRP A 241 23.54 -3.52 50.45
C TRP A 241 22.50 -2.91 51.38
N ILE A 242 21.25 -2.75 50.90
CA ILE A 242 20.17 -2.32 51.77
C ILE A 242 19.94 -3.37 52.84
N ASN A 243 19.82 -2.93 54.09
CA ASN A 243 19.63 -3.88 55.18
C ASN A 243 18.27 -4.56 55.08
N TYR A 244 18.20 -5.78 55.62
CA TYR A 244 17.01 -6.61 55.47
C TYR A 244 15.81 -6.05 56.22
N ASP A 245 16.04 -5.28 57.28
CA ASP A 245 14.92 -4.83 58.11
C ASP A 245 13.99 -3.92 57.33
N ALA A 246 14.53 -3.11 56.43
CA ALA A 246 13.71 -2.29 55.56
C ALA A 246 13.02 -3.19 54.54
N SER A 247 11.74 -3.47 54.77
CA SER A 247 11.02 -4.46 53.97
C SER A 247 10.37 -3.86 52.73
N ALA A 248 9.97 -2.59 52.79
CA ALA A 248 9.32 -1.97 51.63
C ALA A 248 10.32 -1.58 50.55
N ALA A 249 11.49 -1.09 50.94
CA ALA A 249 12.44 -0.56 49.97
C ALA A 249 13.01 -1.67 49.08
N ARG A 250 13.36 -2.81 49.67
CA ARG A 250 13.94 -3.89 48.88
C ARG A 250 12.91 -4.48 47.92
N VAL A 251 11.67 -4.63 48.39
CA VAL A 251 10.61 -5.11 47.50
C VAL A 251 10.36 -4.13 46.37
N ALA A 252 10.33 -2.83 46.69
CA ALA A 252 10.18 -1.82 45.66
C ALA A 252 11.27 -1.94 44.61
N LEU A 253 12.54 -1.97 45.05
CA LEU A 253 13.64 -2.11 44.12
C LEU A 253 13.48 -3.35 43.24
N GLY A 254 13.29 -4.51 43.86
CA GLY A 254 13.21 -5.74 43.08
C GLY A 254 12.10 -5.72 42.06
N ILE A 255 10.88 -5.41 42.49
CA ILE A 255 9.76 -5.51 41.57
C ILE A 255 9.80 -4.41 40.52
N THR A 256 10.34 -3.24 40.85
CA THR A 256 10.40 -2.18 39.85
C THR A 256 11.51 -2.43 38.85
N THR A 257 12.60 -3.08 39.27
CA THR A 257 13.61 -3.48 38.30
C THR A 257 13.10 -4.59 37.39
N VAL A 258 12.27 -5.49 37.93
CA VAL A 258 11.61 -6.47 37.08
C VAL A 258 10.72 -5.77 36.06
N LEU A 259 9.94 -4.79 36.52
CA LEU A 259 9.10 -4.01 35.62
C LEU A 259 9.93 -3.30 34.55
N THR A 260 11.07 -2.73 34.94
CA THR A 260 11.90 -2.00 33.97
C THR A 260 12.52 -2.94 32.95
N MET A 261 12.96 -4.13 33.38
CA MET A 261 13.47 -5.10 32.44
C MET A 261 12.39 -5.54 31.47
N THR A 262 11.18 -5.79 31.96
CA THR A 262 10.07 -6.15 31.08
C THR A 262 9.78 -5.02 30.10
N THR A 263 9.83 -3.77 30.55
CA THR A 263 9.56 -2.65 29.68
C THR A 263 10.62 -2.52 28.59
N ILE A 264 11.89 -2.69 28.96
CA ILE A 264 12.96 -2.63 27.96
C ILE A 264 12.82 -3.77 26.95
N ASN A 265 12.47 -4.97 27.44
CA ASN A 265 12.32 -6.10 26.52
C ASN A 265 11.17 -5.88 25.54
N THR A 266 10.04 -5.37 26.04
CA THR A 266 8.89 -5.16 25.17
C THR A 266 9.15 -4.02 24.19
N HIS A 267 9.81 -2.95 24.65
CA HIS A 267 10.19 -1.86 23.76
C HIS A 267 11.13 -2.34 22.66
N LEU A 268 12.10 -3.19 23.01
CA LEU A 268 12.99 -3.74 22.00
C LEU A 268 12.21 -4.60 21.01
N ARG A 269 11.37 -5.50 21.51
CA ARG A 269 10.55 -6.33 20.62
C ARG A 269 9.74 -5.47 19.66
N GLU A 270 9.27 -4.32 20.14
CA GLU A 270 8.53 -3.42 19.26
C GLU A 270 9.45 -2.78 18.22
N THR A 271 10.63 -2.32 18.65
CA THR A 271 11.48 -1.53 17.78
C THR A 271 12.48 -2.36 16.97
N LEU A 272 12.82 -3.56 17.42
CA LEU A 272 13.77 -4.39 16.69
C LEU A 272 13.08 -5.06 15.51
N PRO A 273 13.85 -5.44 14.49
CA PRO A 273 13.24 -6.16 13.35
C PRO A 273 12.57 -7.45 13.80
N LYS A 274 11.34 -7.64 13.36
CA LYS A 274 10.58 -8.81 13.76
C LYS A 274 11.11 -10.07 13.09
N ILE A 275 12.03 -10.75 13.76
CA ILE A 275 12.53 -12.05 13.32
C ILE A 275 11.95 -13.11 14.25
N PRO A 276 11.00 -13.91 13.81
CA PRO A 276 10.20 -14.70 14.75
C PRO A 276 10.85 -15.98 15.24
N TYR A 277 12.17 -16.09 15.17
CA TYR A 277 12.85 -17.19 15.84
C TYR A 277 13.93 -16.64 16.76
N VAL A 278 14.65 -17.54 17.43
CA VAL A 278 15.53 -17.18 18.54
C VAL A 278 16.85 -16.64 18.01
N LYS A 279 17.32 -15.56 18.64
CA LYS A 279 18.58 -14.93 18.28
C LYS A 279 19.46 -14.78 19.51
N ALA A 280 20.57 -14.04 19.40
CA ALA A 280 21.49 -13.90 20.52
C ALA A 280 21.04 -12.84 21.51
N ILE A 281 20.51 -11.73 20.99
CA ILE A 281 20.03 -10.66 21.88
C ILE A 281 18.86 -11.14 22.71
N ASP A 282 18.05 -12.05 22.17
CA ASP A 282 17.00 -12.66 22.98
C ASP A 282 17.59 -13.42 24.16
N MET A 283 18.66 -14.17 23.92
CA MET A 283 19.30 -14.92 25.00
C MET A 283 19.88 -13.98 26.04
N TYR A 284 20.51 -12.89 25.61
CA TYR A 284 21.08 -11.95 26.58
C TYR A 284 20.01 -11.27 27.42
N LEU A 285 18.92 -10.84 26.78
CA LEU A 285 17.83 -10.23 27.54
C LEU A 285 17.22 -11.23 28.51
N MET A 286 17.09 -12.49 28.09
CA MET A 286 16.57 -13.50 28.98
C MET A 286 17.50 -13.72 30.17
N GLY A 287 18.81 -13.69 29.93
CA GLY A 287 19.75 -13.82 31.03
C GLY A 287 19.64 -12.69 32.03
N CYS A 288 19.54 -11.45 31.53
CA CYS A 288 19.38 -10.31 32.42
C CYS A 288 18.09 -10.42 33.24
N PHE A 289 16.99 -10.83 32.58
CA PHE A 289 15.74 -11.00 33.30
C PHE A 289 15.84 -12.09 34.37
N VAL A 290 16.53 -13.18 34.05
CA VAL A 290 16.73 -14.24 35.04
C VAL A 290 17.54 -13.73 36.21
N PHE A 291 18.51 -12.86 35.96
CA PHE A 291 19.31 -12.34 37.06
C PHE A 291 18.49 -11.44 37.98
N VAL A 292 17.66 -10.57 37.40
CA VAL A 292 16.78 -9.73 38.23
C VAL A 292 15.83 -10.59 39.04
N PHE A 293 15.22 -11.59 38.37
CA PHE A 293 14.34 -12.53 39.04
C PHE A 293 15.03 -13.22 40.21
N MET A 294 16.29 -13.62 40.00
CA MET A 294 17.02 -14.35 41.03
C MET A 294 17.37 -13.45 42.21
N ALA A 295 17.68 -12.17 41.93
CA ALA A 295 17.90 -11.24 43.03
C ALA A 295 16.65 -11.07 43.88
N LEU A 296 15.49 -10.93 43.23
CA LEU A 296 14.25 -10.81 43.99
C LEU A 296 13.97 -12.08 44.79
N LEU A 297 14.23 -13.25 44.20
CA LEU A 297 14.04 -14.51 44.92
C LEU A 297 14.96 -14.61 46.13
N GLU A 298 16.21 -14.17 45.97
CA GLU A 298 17.14 -14.18 47.09
C GLU A 298 16.63 -13.31 48.22
N TYR A 299 16.14 -12.11 47.89
CA TYR A 299 15.58 -11.27 48.94
C TYR A 299 14.40 -11.94 49.63
N ALA A 300 13.55 -12.61 48.86
CA ALA A 300 12.40 -13.30 49.45
C ALA A 300 12.86 -14.36 50.44
N LEU A 301 13.86 -15.16 50.03
CA LEU A 301 14.39 -16.18 50.93
C LEU A 301 14.95 -15.56 52.19
N VAL A 302 15.71 -14.47 52.06
CA VAL A 302 16.27 -13.80 53.24
C VAL A 302 15.16 -13.32 54.17
N ASN A 303 14.17 -12.63 53.61
CA ASN A 303 13.08 -12.09 54.41
C ASN A 303 12.29 -13.20 55.09
N TYR A 304 12.25 -14.39 54.50
CA TYR A 304 11.58 -15.50 55.17
C TYR A 304 12.42 -16.07 56.31
N ILE A 305 13.68 -16.39 56.04
CA ILE A 305 14.48 -17.16 56.98
C ILE A 305 15.22 -16.27 57.96
N PHE A 306 14.88 -14.98 57.99
CA PHE A 306 15.55 -14.08 58.93
C PHE A 306 14.99 -14.21 60.34
N PHE A 307 13.67 -13.99 60.49
CA PHE A 307 13.10 -13.78 61.82
C PHE A 307 13.35 -14.97 62.75
N SER A 308 13.51 -16.16 62.19
CA SER A 308 13.81 -17.34 63.01
C SER A 308 15.30 -17.53 63.22
N GLN A 309 16.12 -17.26 62.21
CA GLN A 309 17.57 -17.41 62.31
C GLN A 309 18.24 -16.29 61.52
N PRO A 310 18.67 -15.21 62.20
CA PRO A 310 19.27 -14.09 61.48
C PRO A 310 20.66 -14.37 60.94
N ALA A 311 21.38 -15.32 61.54
CA ALA A 311 22.73 -15.64 61.06
C ALA A 311 22.70 -16.15 59.62
N ARG A 312 21.80 -17.08 59.34
CA ARG A 312 21.70 -17.62 57.98
C ARG A 312 21.25 -16.55 57.00
N ALA A 313 20.37 -15.64 57.43
CA ALA A 313 19.93 -14.56 56.56
C ALA A 313 21.09 -13.64 56.20
N ALA A 314 21.87 -13.23 57.21
CA ALA A 314 23.01 -12.37 56.94
C ALA A 314 24.04 -13.07 56.06
N ALA A 315 24.27 -14.36 56.31
CA ALA A 315 25.23 -15.11 55.50
C ALA A 315 24.77 -15.20 54.05
N ILE A 316 23.49 -15.45 53.83
CA ILE A 316 22.96 -15.52 52.47
C ILE A 316 23.07 -14.16 51.80
N ASP A 317 22.79 -13.09 52.54
CA ASP A 317 22.91 -11.74 51.99
C ASP A 317 24.33 -11.48 51.51
N ARG A 318 25.32 -11.77 52.37
CA ARG A 318 26.71 -11.53 51.99
C ARG A 318 27.13 -12.41 50.81
N TRP A 319 26.72 -13.68 50.82
CA TRP A 319 27.10 -14.60 49.74
C TRP A 319 26.53 -14.14 48.40
N SER A 320 25.26 -13.74 48.38
CA SER A 320 24.67 -13.23 47.15
C SER A 320 25.37 -11.95 46.72
N ARG A 321 25.62 -11.05 47.67
CA ARG A 321 26.28 -9.78 47.37
C ARG A 321 27.64 -9.99 46.73
N ILE A 322 28.37 -11.03 47.13
CA ILE A 322 29.69 -11.24 46.57
C ILE A 322 29.66 -12.11 45.31
N PHE A 323 28.64 -12.94 45.12
CA PHE A 323 28.66 -13.90 44.02
C PHE A 323 27.84 -13.50 42.81
N PHE A 324 26.76 -12.74 42.97
CA PHE A 324 25.94 -12.40 41.80
C PHE A 324 26.68 -11.58 40.76
N PRO A 325 27.46 -10.54 41.11
CA PRO A 325 28.30 -9.92 40.07
C PRO A 325 29.26 -10.87 39.41
N VAL A 326 29.81 -11.83 40.17
CA VAL A 326 30.72 -12.81 39.58
C VAL A 326 30.00 -13.68 38.57
N VAL A 327 28.79 -14.14 38.92
CA VAL A 327 28.02 -14.97 38.00
C VAL A 327 27.65 -14.19 36.76
N PHE A 328 27.29 -12.91 36.93
CA PHE A 328 26.94 -12.09 35.78
C PHE A 328 28.14 -11.86 34.87
N SER A 329 29.33 -11.62 35.44
CA SER A 329 30.51 -11.44 34.62
C SER A 329 30.90 -12.72 33.91
N PHE A 330 30.76 -13.86 34.58
CA PHE A 330 30.99 -15.15 33.92
C PHE A 330 30.03 -15.35 32.76
N PHE A 331 28.75 -15.00 32.97
CA PHE A 331 27.77 -15.14 31.90
C PHE A 331 28.10 -14.22 30.73
N ASN A 332 28.54 -12.99 31.03
CA ASN A 332 28.93 -12.07 29.96
C ASN A 332 30.11 -12.61 29.18
N ILE A 333 31.11 -13.15 29.87
CA ILE A 333 32.28 -13.70 29.19
C ILE A 333 31.87 -14.85 28.28
N VAL A 334 31.09 -15.79 28.81
CA VAL A 334 30.67 -16.94 28.01
C VAL A 334 29.84 -16.49 26.81
N TYR A 335 28.91 -15.57 27.03
CA TYR A 335 28.02 -15.13 25.96
C TYR A 335 28.81 -14.42 24.87
N TRP A 336 29.71 -13.51 25.24
CA TRP A 336 30.44 -12.74 24.25
C TRP A 336 31.56 -13.53 23.60
N LEU A 337 31.98 -14.65 24.19
CA LEU A 337 32.94 -15.51 23.52
C LEU A 337 32.30 -16.64 22.73
N TYR A 338 31.00 -16.88 22.93
CA TYR A 338 30.31 -17.87 22.12
C TYR A 338 29.77 -17.30 20.81
N TYR A 339 29.49 -16.00 20.77
CA TYR A 339 28.92 -15.36 19.59
C TYR A 339 29.94 -14.55 18.81
N VAL A 340 31.22 -14.64 19.15
CA VAL A 340 32.26 -13.98 18.38
C VAL A 340 33.31 -14.99 17.96
N ASP B 10 24.92 -21.16 -45.83
CA ASP B 10 23.60 -20.55 -45.77
C ASP B 10 22.72 -21.20 -44.71
N ASN B 11 23.31 -21.47 -43.54
CA ASN B 11 22.56 -22.07 -42.44
C ASN B 11 21.48 -21.12 -41.92
N THR B 12 21.66 -19.81 -42.09
CA THR B 12 20.66 -18.86 -41.63
C THR B 12 19.48 -18.78 -42.57
N THR B 13 19.68 -19.09 -43.85
CA THR B 13 18.62 -18.98 -44.84
C THR B 13 17.51 -19.99 -44.56
N VAL B 14 17.88 -21.24 -44.27
CA VAL B 14 16.86 -22.24 -43.97
C VAL B 14 16.12 -21.89 -42.69
N PHE B 15 16.81 -21.28 -41.73
CA PHE B 15 16.15 -20.94 -40.46
C PHE B 15 15.17 -19.79 -40.65
N THR B 16 15.56 -18.75 -41.38
CA THR B 16 14.61 -17.67 -41.62
C THR B 16 13.45 -18.12 -42.50
N ARG B 17 13.70 -19.04 -43.43
CA ARG B 17 12.61 -19.58 -44.23
C ARG B 17 11.63 -20.37 -43.36
N ILE B 18 12.17 -21.16 -42.43
CA ILE B 18 11.32 -21.94 -41.52
C ILE B 18 10.48 -20.99 -40.67
N LEU B 19 11.11 -19.96 -40.10
CA LEU B 19 10.38 -19.02 -39.26
C LEU B 19 9.36 -18.22 -40.05
N ASP B 20 9.61 -17.97 -41.34
CA ASP B 20 8.65 -17.25 -42.15
C ASP B 20 7.44 -18.15 -42.48
N ARG B 21 7.70 -19.36 -42.94
CA ARG B 21 6.63 -20.26 -43.34
C ARG B 21 5.97 -20.98 -42.16
N LEU B 22 6.43 -20.72 -40.94
CA LEU B 22 5.84 -21.38 -39.77
C LEU B 22 4.51 -20.74 -39.38
N LEU B 23 4.43 -19.42 -39.44
CA LEU B 23 3.23 -18.69 -39.01
C LEU B 23 2.34 -18.31 -40.19
N ASP B 24 2.35 -19.09 -41.26
CA ASP B 24 1.56 -18.80 -42.45
C ASP B 24 0.16 -19.34 -42.24
N GLY B 25 -0.82 -18.45 -42.11
CA GLY B 25 -2.20 -18.84 -41.92
C GLY B 25 -2.59 -19.19 -40.51
N TYR B 26 -1.65 -19.17 -39.58
CA TYR B 26 -1.97 -19.50 -38.19
C TYR B 26 -2.87 -18.43 -37.59
N ASP B 27 -3.98 -18.86 -37.00
CA ASP B 27 -4.91 -17.96 -36.32
C ASP B 27 -4.80 -18.20 -34.81
N ASN B 28 -4.32 -17.18 -34.10
CA ASN B 28 -4.05 -17.30 -32.67
C ASN B 28 -5.26 -17.10 -31.80
N ARG B 29 -6.47 -17.20 -32.37
CA ARG B 29 -7.69 -17.14 -31.59
C ARG B 29 -8.36 -18.49 -31.46
N LEU B 30 -7.74 -19.55 -31.97
CA LEU B 30 -8.34 -20.88 -31.99
C LEU B 30 -7.35 -21.85 -31.36
N ARG B 31 -7.78 -22.52 -30.30
CA ARG B 31 -6.92 -23.48 -29.63
C ARG B 31 -6.69 -24.69 -30.53
N PRO B 32 -5.55 -25.36 -30.40
CA PRO B 32 -5.29 -26.56 -31.21
C PRO B 32 -6.33 -27.65 -30.95
N GLY B 33 -7.00 -28.06 -32.02
CA GLY B 33 -8.09 -29.01 -31.90
C GLY B 33 -9.34 -28.36 -31.35
N LEU B 34 -9.88 -27.38 -32.08
CA LEU B 34 -11.01 -26.62 -31.57
C LEU B 34 -12.29 -27.44 -31.60
N GLY B 35 -12.43 -28.33 -32.57
CA GLY B 35 -13.61 -29.16 -32.65
C GLY B 35 -13.26 -30.64 -32.71
N GLU B 36 -11.99 -30.93 -32.94
CA GLU B 36 -11.52 -32.30 -33.12
C GLU B 36 -11.14 -32.98 -31.81
N ARG B 37 -10.39 -32.31 -30.95
CA ARG B 37 -9.79 -32.95 -29.79
C ARG B 37 -9.99 -32.07 -28.56
N VAL B 38 -9.32 -32.44 -27.48
CA VAL B 38 -9.22 -31.63 -26.27
C VAL B 38 -7.74 -31.37 -26.01
N THR B 39 -7.40 -30.11 -25.73
CA THR B 39 -6.01 -29.74 -25.56
C THR B 39 -5.47 -30.27 -24.24
N GLU B 40 -4.31 -30.92 -24.28
CA GLU B 40 -3.67 -31.51 -23.12
C GLU B 40 -2.45 -30.66 -22.76
N VAL B 41 -2.53 -29.96 -21.64
CA VAL B 41 -1.45 -29.10 -21.17
C VAL B 41 -0.80 -29.77 -19.98
N LYS B 42 0.48 -30.13 -20.11
CA LYS B 42 1.23 -30.77 -19.05
C LYS B 42 2.06 -29.71 -18.32
N THR B 43 1.84 -29.58 -17.02
CA THR B 43 2.37 -28.48 -16.24
C THR B 43 3.48 -28.96 -15.31
N ASP B 44 4.46 -28.10 -15.08
CA ASP B 44 5.60 -28.37 -14.24
C ASP B 44 5.96 -27.09 -13.49
N ILE B 45 6.41 -27.24 -12.24
CA ILE B 45 6.71 -26.10 -11.39
C ILE B 45 8.04 -26.34 -10.68
N PHE B 46 8.95 -25.38 -10.80
CA PHE B 46 10.19 -25.40 -10.04
C PHE B 46 10.24 -24.16 -9.16
N VAL B 47 10.07 -24.34 -7.85
CA VAL B 47 10.05 -23.24 -6.91
C VAL B 47 11.49 -22.84 -6.60
N THR B 48 11.89 -21.66 -7.03
CA THR B 48 13.25 -21.21 -6.75
C THR B 48 13.40 -20.67 -5.35
N SER B 49 12.32 -20.16 -4.75
CA SER B 49 12.36 -19.67 -3.38
C SER B 49 10.94 -19.51 -2.86
N PHE B 50 10.67 -20.08 -1.69
CA PHE B 50 9.37 -19.93 -1.05
C PHE B 50 9.41 -18.68 -0.17
N GLY B 51 8.82 -17.60 -0.65
CA GLY B 51 8.97 -16.30 -0.04
C GLY B 51 8.31 -16.20 1.32
N PRO B 52 8.28 -14.99 1.87
CA PRO B 52 7.79 -14.82 3.25
C PRO B 52 6.30 -15.10 3.36
N VAL B 53 5.92 -15.84 4.37
CA VAL B 53 4.51 -16.13 4.66
C VAL B 53 4.02 -15.08 5.63
N SER B 54 3.18 -14.17 5.15
CA SER B 54 2.66 -13.08 5.98
C SER B 54 1.47 -13.60 6.79
N ASP B 55 1.59 -13.53 8.11
CA ASP B 55 0.53 -14.03 8.98
C ASP B 55 -0.57 -13.00 9.19
N HIS B 56 -0.25 -11.72 9.11
CA HIS B 56 -1.26 -10.68 9.28
C HIS B 56 -2.15 -10.57 8.05
N ASP B 57 -1.56 -10.63 6.86
CA ASP B 57 -2.30 -10.55 5.61
C ASP B 57 -2.83 -11.90 5.14
N MET B 58 -2.50 -12.99 5.85
CA MET B 58 -2.94 -14.33 5.50
C MET B 58 -2.58 -14.66 4.06
N GLU B 59 -1.38 -14.24 3.64
CA GLU B 59 -0.93 -14.44 2.28
C GLU B 59 0.53 -14.89 2.31
N TYR B 60 0.94 -15.52 1.21
CA TYR B 60 2.33 -15.93 1.06
C TYR B 60 2.79 -15.57 -0.34
N THR B 61 4.10 -15.60 -0.52
CA THR B 61 4.73 -15.27 -1.80
C THR B 61 5.59 -16.45 -2.23
N ILE B 62 5.63 -16.71 -3.53
CA ILE B 62 6.39 -17.81 -4.09
C ILE B 62 7.00 -17.33 -5.40
N ASP B 63 8.11 -17.95 -5.78
CA ASP B 63 8.80 -17.61 -7.02
C ASP B 63 9.02 -18.89 -7.79
N VAL B 64 8.44 -19.00 -8.99
CA VAL B 64 8.41 -20.28 -9.69
C VAL B 64 8.83 -20.11 -11.14
N PHE B 65 9.52 -21.14 -11.62
CA PHE B 65 9.64 -21.42 -13.06
C PHE B 65 8.47 -22.31 -13.42
N PHE B 66 7.57 -21.79 -14.25
CA PHE B 66 6.30 -22.42 -14.60
C PHE B 66 6.39 -22.88 -16.05
N ARG B 67 6.44 -24.19 -16.26
CA ARG B 67 6.61 -24.75 -17.59
C ARG B 67 5.33 -25.44 -18.01
N GLN B 68 4.88 -25.18 -19.24
CA GLN B 68 3.70 -25.80 -19.80
C GLN B 68 4.05 -26.39 -21.15
N SER B 69 3.70 -27.65 -21.36
CA SER B 69 3.97 -28.33 -22.62
C SER B 69 2.65 -28.79 -23.22
N TRP B 70 2.39 -28.41 -24.45
CA TRP B 70 1.18 -28.85 -25.13
C TRP B 70 1.52 -29.19 -26.58
N LYS B 71 0.50 -29.51 -27.35
CA LYS B 71 0.69 -29.97 -28.73
C LYS B 71 -0.13 -29.11 -29.67
N ASP B 72 0.52 -28.60 -30.71
CA ASP B 72 -0.13 -27.81 -31.74
C ASP B 72 0.26 -28.39 -33.09
N GLU B 73 -0.71 -29.01 -33.77
CA GLU B 73 -0.42 -29.64 -35.05
C GLU B 73 -0.24 -28.64 -36.19
N ARG B 74 -0.50 -27.37 -35.94
CA ARG B 74 -0.31 -26.33 -36.95
C ARG B 74 1.10 -25.77 -36.97
N LEU B 75 2.01 -26.31 -36.15
CA LEU B 75 3.37 -25.81 -36.06
C LEU B 75 4.38 -26.88 -36.43
N LYS B 76 3.96 -27.87 -37.22
CA LYS B 76 4.88 -28.89 -37.69
C LYS B 76 5.80 -28.32 -38.76
N PHE B 77 7.09 -28.58 -38.64
CA PHE B 77 8.06 -28.14 -39.62
C PHE B 77 9.02 -29.28 -39.95
N LYS B 78 9.48 -29.28 -41.20
CA LYS B 78 10.46 -30.25 -41.68
C LYS B 78 11.75 -29.51 -41.98
N GLY B 79 12.79 -29.82 -41.22
CA GLY B 79 14.06 -29.17 -41.40
C GLY B 79 15.21 -29.94 -40.77
N PRO B 80 16.42 -29.38 -40.85
CA PRO B 80 17.57 -30.09 -40.28
C PRO B 80 17.59 -30.07 -38.76
N MET B 81 17.16 -28.97 -38.14
CA MET B 81 17.16 -28.88 -36.69
C MET B 81 15.90 -29.51 -36.11
N THR B 82 16.07 -30.25 -35.02
CA THR B 82 14.94 -30.95 -34.42
C THR B 82 14.02 -30.00 -33.69
N VAL B 83 14.58 -29.11 -32.87
CA VAL B 83 13.82 -28.16 -32.07
C VAL B 83 14.31 -26.76 -32.39
N LEU B 84 13.39 -25.80 -32.46
CA LEU B 84 13.75 -24.41 -32.69
C LEU B 84 13.11 -23.55 -31.62
N ARG B 85 13.85 -22.51 -31.22
CA ARG B 85 13.37 -21.57 -30.21
C ARG B 85 12.74 -20.37 -30.89
N LEU B 86 11.54 -20.00 -30.45
CA LEU B 86 10.82 -18.89 -31.05
C LEU B 86 11.13 -17.59 -30.32
N ASN B 87 11.24 -16.51 -31.09
CA ASN B 87 11.42 -15.19 -30.52
C ASN B 87 10.18 -14.77 -29.75
N ASN B 88 10.35 -13.83 -28.82
CA ASN B 88 9.21 -13.36 -28.04
C ASN B 88 8.21 -12.63 -28.93
N LEU B 89 8.70 -11.89 -29.92
CA LEU B 89 7.81 -11.30 -30.90
C LEU B 89 7.06 -12.39 -31.67
N MET B 90 7.70 -13.53 -31.92
CA MET B 90 7.01 -14.66 -32.52
C MET B 90 6.22 -15.45 -31.50
N ALA B 91 6.67 -15.49 -30.25
CA ALA B 91 5.93 -16.22 -29.22
C ALA B 91 4.60 -15.56 -28.91
N SER B 92 4.51 -14.24 -29.05
CA SER B 92 3.24 -13.55 -28.81
C SER B 92 2.23 -13.82 -29.91
N LYS B 93 2.66 -14.31 -31.06
CA LYS B 93 1.77 -14.45 -32.22
C LYS B 93 1.01 -15.77 -32.25
N ILE B 94 1.35 -16.72 -31.38
CA ILE B 94 0.74 -18.05 -31.41
C ILE B 94 -0.14 -18.22 -30.18
N TRP B 95 -0.93 -19.29 -30.17
CA TRP B 95 -1.85 -19.55 -29.09
C TRP B 95 -1.12 -20.14 -27.90
N THR B 96 -1.29 -19.54 -26.73
CA THR B 96 -0.76 -20.03 -25.48
C THR B 96 -1.89 -20.16 -24.47
N PRO B 97 -1.85 -21.16 -23.61
CA PRO B 97 -2.96 -21.35 -22.67
C PRO B 97 -3.06 -20.20 -21.69
N ASP B 98 -4.29 -19.85 -21.34
CA ASP B 98 -4.54 -18.73 -20.43
C ASP B 98 -4.60 -19.21 -18.98
N THR B 99 -3.48 -19.75 -18.53
CA THR B 99 -3.40 -20.27 -17.16
C THR B 99 -3.38 -19.13 -16.17
N PHE B 100 -4.20 -19.24 -15.13
CA PHE B 100 -4.24 -18.25 -14.07
C PHE B 100 -4.35 -18.96 -12.73
N PHE B 101 -3.95 -18.27 -11.68
CA PHE B 101 -3.89 -18.82 -10.34
C PHE B 101 -5.14 -18.43 -9.58
N HIS B 102 -5.90 -19.44 -9.13
CA HIS B 102 -7.22 -19.19 -8.57
C HIS B 102 -7.17 -18.33 -7.33
N ASN B 103 -6.13 -18.49 -6.51
CA ASN B 103 -6.04 -17.77 -5.25
C ASN B 103 -4.87 -16.80 -5.23
N GLY B 104 -4.45 -16.32 -6.40
CA GLY B 104 -3.42 -15.31 -6.46
C GLY B 104 -3.98 -13.93 -6.18
N LYS B 105 -3.16 -13.10 -5.53
CA LYS B 105 -3.56 -11.75 -5.17
C LYS B 105 -3.01 -10.71 -6.15
N LYS B 106 -1.69 -10.64 -6.27
CA LYS B 106 -1.06 -9.68 -7.19
C LYS B 106 0.32 -10.24 -7.53
N SER B 107 0.42 -10.84 -8.70
CA SER B 107 1.64 -11.48 -9.15
C SER B 107 2.16 -10.78 -10.39
N VAL B 108 3.47 -10.81 -10.58
CA VAL B 108 4.10 -10.19 -11.73
C VAL B 108 4.91 -11.22 -12.48
N ALA B 109 5.00 -11.01 -13.80
CA ALA B 109 5.81 -11.86 -14.70
C ALA B 109 7.10 -11.10 -15.00
N HIS B 110 8.23 -11.56 -14.46
CA HIS B 110 9.53 -10.87 -14.62
C HIS B 110 9.88 -10.66 -16.09
N ASN B 111 10.40 -9.47 -16.42
CA ASN B 111 10.82 -9.13 -17.80
C ASN B 111 12.07 -8.24 -17.73
N MET B 112 13.09 -8.71 -17.01
CA MET B 112 14.37 -7.97 -16.84
C MET B 112 15.53 -8.95 -17.07
N THR B 113 16.40 -8.66 -18.04
CA THR B 113 16.35 -7.41 -18.83
C THR B 113 15.45 -7.62 -20.05
N MET B 114 15.04 -8.86 -20.31
CA MET B 114 14.14 -9.21 -21.43
C MET B 114 12.96 -10.03 -20.89
N PRO B 115 11.84 -10.17 -21.63
CA PRO B 115 10.70 -10.97 -21.15
C PRO B 115 11.18 -12.38 -20.76
N ASN B 116 11.11 -12.70 -19.47
CA ASN B 116 11.58 -14.01 -18.95
C ASN B 116 10.66 -15.14 -19.44
N LYS B 117 10.49 -15.25 -20.76
CA LYS B 117 9.69 -16.31 -21.35
C LYS B 117 10.51 -17.03 -22.39
N LEU B 118 10.38 -18.35 -22.45
CA LEU B 118 11.11 -19.17 -23.41
C LEU B 118 10.14 -20.13 -24.06
N LEU B 119 10.06 -20.09 -25.39
CA LEU B 119 9.17 -20.93 -26.17
C LEU B 119 10.00 -21.77 -27.13
N ARG B 120 9.85 -23.09 -27.06
CA ARG B 120 10.58 -24.01 -27.91
C ARG B 120 9.59 -24.95 -28.59
N ILE B 121 9.81 -25.19 -29.88
CA ILE B 121 8.92 -26.03 -30.67
C ILE B 121 9.74 -27.18 -31.25
N THR B 122 9.31 -28.41 -30.98
CA THR B 122 9.93 -29.55 -31.62
C THR B 122 9.30 -29.78 -32.99
N GLU B 123 10.02 -30.51 -33.85
CA GLU B 123 9.56 -30.72 -35.20
C GLU B 123 8.29 -31.55 -35.27
N ASP B 124 7.89 -32.19 -34.17
CA ASP B 124 6.65 -32.96 -34.13
C ASP B 124 5.43 -32.09 -33.88
N GLY B 125 5.62 -30.86 -33.42
CA GLY B 125 4.52 -30.00 -33.06
C GLY B 125 4.33 -29.79 -31.57
N THR B 126 5.25 -30.27 -30.74
CA THR B 126 5.14 -30.11 -29.30
C THR B 126 5.79 -28.81 -28.87
N LEU B 127 5.07 -28.03 -28.07
CA LEU B 127 5.49 -26.71 -27.63
C LEU B 127 5.80 -26.76 -26.14
N LEU B 128 6.96 -26.22 -25.76
CA LEU B 128 7.39 -26.08 -24.38
C LEU B 128 7.53 -24.61 -24.09
N TYR B 129 6.74 -24.11 -23.15
CA TYR B 129 6.65 -22.68 -22.85
C TYR B 129 6.92 -22.50 -21.37
N THR B 130 8.08 -21.95 -21.04
CA THR B 130 8.46 -21.75 -19.65
C THR B 130 8.50 -20.26 -19.35
N MET B 131 7.86 -19.87 -18.24
CA MET B 131 7.84 -18.52 -17.74
C MET B 131 8.51 -18.51 -16.39
N ARG B 132 8.98 -17.34 -15.97
CA ARG B 132 9.49 -17.15 -14.62
C ARG B 132 8.67 -16.07 -13.97
N LEU B 133 8.06 -16.37 -12.83
CA LEU B 133 7.11 -15.43 -12.25
C LEU B 133 6.99 -15.63 -10.76
N THR B 134 6.80 -14.53 -10.05
CA THR B 134 6.53 -14.54 -8.62
C THR B 134 5.04 -14.32 -8.40
N VAL B 135 4.46 -15.14 -7.54
CA VAL B 135 3.03 -15.16 -7.29
C VAL B 135 2.79 -14.86 -5.81
N ARG B 136 1.96 -13.87 -5.54
CA ARG B 136 1.56 -13.53 -4.17
C ARG B 136 0.16 -14.10 -3.99
N ALA B 137 0.09 -15.30 -3.42
CA ALA B 137 -1.17 -15.99 -3.26
C ALA B 137 -1.71 -15.80 -1.84
N GLU B 138 -2.99 -16.12 -1.67
CA GLU B 138 -3.65 -16.04 -0.38
C GLU B 138 -3.66 -17.41 0.29
N CYS B 139 -3.32 -17.42 1.58
CA CYS B 139 -3.29 -18.65 2.37
C CYS B 139 -4.20 -18.47 3.57
N PRO B 140 -5.42 -19.00 3.53
CA PRO B 140 -6.31 -18.88 4.69
C PRO B 140 -5.78 -19.69 5.85
N MET B 141 -5.66 -19.05 7.01
CA MET B 141 -5.02 -19.64 8.17
C MET B 141 -6.02 -19.77 9.31
N HIS B 142 -6.07 -20.94 9.92
CA HIS B 142 -6.80 -21.15 11.17
C HIS B 142 -5.80 -21.07 12.30
N LEU B 143 -5.97 -20.08 13.17
CA LEU B 143 -5.01 -19.78 14.22
C LEU B 143 -5.58 -20.08 15.60
N GLU B 144 -6.25 -21.23 15.73
CA GLU B 144 -6.75 -21.63 17.04
C GLU B 144 -5.63 -22.12 17.94
N ASP B 145 -4.59 -22.73 17.36
CA ASP B 145 -3.50 -23.33 18.12
C ASP B 145 -2.25 -22.46 18.15
N PHE B 146 -2.38 -21.19 17.79
CA PHE B 146 -1.22 -20.30 17.77
C PHE B 146 -0.59 -20.24 19.16
N PRO B 147 0.73 -20.35 19.27
CA PRO B 147 1.71 -20.47 18.19
C PRO B 147 2.15 -21.91 17.88
N MET B 148 1.32 -22.90 18.22
CA MET B 148 1.66 -24.29 18.00
C MET B 148 0.85 -24.88 16.85
N ASP B 149 0.64 -24.09 15.80
CA ASP B 149 -0.20 -24.49 14.68
C ASP B 149 0.65 -24.95 13.50
N ALA B 150 -0.03 -25.53 12.52
CA ALA B 150 0.57 -25.92 11.26
C ALA B 150 -0.42 -25.61 10.15
N HIS B 151 0.11 -25.26 8.98
CA HIS B 151 -0.73 -24.83 7.86
C HIS B 151 -0.37 -25.63 6.61
N ALA B 152 -1.29 -25.59 5.65
CA ALA B 152 -1.07 -26.16 4.32
C ALA B 152 -1.45 -25.07 3.33
N CYS B 153 -0.50 -24.22 3.00
CA CYS B 153 -0.77 -23.09 2.13
C CYS B 153 -0.98 -23.58 0.70
N PRO B 154 -2.12 -23.30 0.07
CA PRO B 154 -2.38 -23.81 -1.28
C PRO B 154 -1.99 -22.84 -2.38
N LEU B 155 -1.61 -23.43 -3.50
CA LEU B 155 -1.37 -22.73 -4.76
C LEU B 155 -2.23 -23.42 -5.80
N LYS B 156 -3.38 -22.84 -6.11
CA LYS B 156 -4.32 -23.41 -7.05
C LYS B 156 -4.24 -22.65 -8.37
N PHE B 157 -4.08 -23.37 -9.46
CA PHE B 157 -4.08 -22.74 -10.77
C PHE B 157 -4.94 -23.57 -11.71
N GLY B 158 -5.15 -23.02 -12.90
CA GLY B 158 -6.03 -23.67 -13.85
C GLY B 158 -6.19 -22.79 -15.07
N SER B 159 -7.21 -23.08 -15.85
CA SER B 159 -7.45 -22.36 -17.09
C SER B 159 -8.61 -21.40 -16.93
N TYR B 160 -8.41 -20.18 -17.38
CA TYR B 160 -9.50 -19.23 -17.53
C TYR B 160 -10.15 -19.48 -18.89
N ALA B 161 -11.47 -19.34 -18.95
CA ALA B 161 -12.21 -19.34 -20.21
C ALA B 161 -12.33 -20.68 -20.91
N TYR B 162 -11.63 -21.71 -20.46
CA TYR B 162 -11.64 -23.00 -21.14
C TYR B 162 -12.13 -24.08 -20.19
N THR B 163 -13.30 -24.64 -20.49
CA THR B 163 -13.94 -25.60 -19.60
C THR B 163 -13.20 -26.93 -19.64
N ARG B 164 -13.77 -27.93 -18.96
CA ARG B 164 -13.15 -29.28 -18.86
C ARG B 164 -13.22 -30.03 -20.19
N ALA B 165 -14.16 -29.66 -21.07
CA ALA B 165 -14.28 -30.31 -22.37
C ALA B 165 -13.32 -29.73 -23.40
N GLU B 166 -12.66 -28.62 -23.10
CA GLU B 166 -11.77 -27.96 -24.04
C GLU B 166 -10.31 -28.04 -23.66
N VAL B 167 -9.97 -27.79 -22.40
CA VAL B 167 -8.58 -27.82 -21.94
C VAL B 167 -8.53 -28.52 -20.59
N VAL B 168 -7.82 -29.63 -20.52
CA VAL B 168 -7.54 -30.31 -19.26
C VAL B 168 -6.05 -30.21 -18.99
N TYR B 169 -5.70 -30.21 -17.72
CA TYR B 169 -4.33 -30.10 -17.26
C TYR B 169 -3.86 -31.43 -16.70
N GLU B 170 -2.55 -31.63 -16.70
CA GLU B 170 -1.93 -32.78 -16.08
C GLU B 170 -0.50 -32.43 -15.72
N TRP B 171 0.08 -33.22 -14.82
CA TRP B 171 1.47 -33.04 -14.46
C TRP B 171 2.37 -33.76 -15.45
N THR B 172 3.50 -33.15 -15.77
CA THR B 172 4.38 -33.72 -16.79
C THR B 172 5.15 -34.92 -16.28
N ARG B 173 5.43 -34.99 -14.99
CA ARG B 173 6.06 -36.14 -14.35
C ARG B 173 5.10 -36.74 -13.34
N GLU B 174 5.56 -37.76 -12.63
CA GLU B 174 4.77 -38.32 -11.56
C GLU B 174 4.36 -37.21 -10.59
N PRO B 175 3.10 -37.17 -10.16
CA PRO B 175 2.65 -36.04 -9.32
C PRO B 175 3.52 -35.79 -8.10
N ALA B 176 4.12 -36.83 -7.53
CA ALA B 176 5.03 -36.62 -6.41
C ALA B 176 6.35 -35.99 -6.82
N ARG B 177 6.59 -35.82 -8.12
CA ARG B 177 7.86 -35.29 -8.61
C ARG B 177 7.67 -34.12 -9.57
N SER B 178 6.54 -33.44 -9.52
CA SER B 178 6.24 -32.34 -10.43
C SER B 178 6.61 -30.98 -9.84
N VAL B 179 6.07 -30.66 -8.67
CA VAL B 179 6.44 -29.44 -7.97
C VAL B 179 7.75 -29.70 -7.24
N VAL B 180 8.84 -29.14 -7.73
CA VAL B 180 10.17 -29.35 -7.14
C VAL B 180 10.59 -28.05 -6.49
N VAL B 181 10.77 -28.07 -5.17
CA VAL B 181 11.24 -26.91 -4.43
C VAL B 181 12.76 -26.94 -4.37
N ALA B 182 13.38 -25.82 -4.71
CA ALA B 182 14.83 -25.73 -4.62
C ALA B 182 15.29 -25.99 -3.19
N GLU B 183 16.50 -26.53 -3.06
CA GLU B 183 16.99 -26.95 -1.75
C GLU B 183 17.12 -25.76 -0.81
N ASP B 184 17.67 -24.65 -1.30
CA ASP B 184 17.77 -23.44 -0.51
C ASP B 184 16.57 -22.53 -0.68
N GLY B 185 15.51 -23.01 -1.32
CA GLY B 185 14.33 -22.20 -1.55
C GLY B 185 13.31 -22.28 -0.43
N SER B 186 13.75 -21.97 0.79
CA SER B 186 12.86 -21.87 1.95
C SER B 186 13.24 -20.59 2.67
N ARG B 187 12.59 -19.49 2.30
CA ARG B 187 12.91 -18.15 2.79
C ARG B 187 12.05 -17.76 3.98
N LEU B 188 11.68 -18.71 4.81
CA LEU B 188 10.75 -18.49 5.91
C LEU B 188 11.52 -18.29 7.22
N ASN B 189 11.36 -17.11 7.82
CA ASN B 189 11.98 -16.86 9.11
C ASN B 189 11.29 -17.62 10.23
N GLN B 190 9.98 -17.79 10.13
CA GLN B 190 9.15 -18.28 11.23
C GLN B 190 8.71 -19.72 11.07
N TYR B 191 8.44 -20.16 9.85
CA TYR B 191 7.84 -21.47 9.62
C TYR B 191 8.90 -22.48 9.22
N ASP B 192 8.45 -23.69 8.91
CA ASP B 192 9.31 -24.79 8.50
C ASP B 192 8.63 -25.49 7.33
N LEU B 193 9.18 -25.32 6.13
CA LEU B 193 8.59 -25.94 4.95
C LEU B 193 8.83 -27.45 5.01
N LEU B 194 7.79 -28.20 5.37
CA LEU B 194 7.93 -29.64 5.48
C LEU B 194 7.98 -30.30 4.10
N GLY B 195 7.03 -29.97 3.24
CA GLY B 195 7.04 -30.56 1.90
C GLY B 195 5.85 -30.10 1.10
N GLN B 196 5.77 -30.64 -0.11
CA GLN B 196 4.72 -30.32 -1.07
C GLN B 196 3.72 -31.47 -1.14
N THR B 197 2.56 -31.16 -1.71
CA THR B 197 1.48 -32.13 -1.83
C THR B 197 0.58 -31.68 -2.97
N VAL B 198 0.66 -32.34 -4.12
CA VAL B 198 -0.07 -31.91 -5.29
C VAL B 198 -1.38 -32.68 -5.37
N ASP B 199 -2.28 -32.16 -6.20
CA ASP B 199 -3.59 -32.77 -6.40
C ASP B 199 -4.22 -32.14 -7.62
N SER B 200 -5.25 -32.81 -8.15
CA SER B 200 -6.00 -32.31 -9.28
C SER B 200 -7.48 -32.51 -9.01
N GLY B 201 -8.30 -31.54 -9.43
CA GLY B 201 -9.72 -31.64 -9.21
C GLY B 201 -10.48 -30.93 -10.31
N ILE B 202 -11.80 -30.91 -10.16
CA ILE B 202 -12.69 -30.23 -11.08
C ILE B 202 -13.62 -29.34 -10.27
N VAL B 203 -13.56 -28.04 -10.51
CA VAL B 203 -14.45 -27.10 -9.86
C VAL B 203 -15.57 -26.74 -10.82
N GLN B 204 -16.66 -26.25 -10.26
CA GLN B 204 -17.81 -25.83 -11.05
C GLN B 204 -18.09 -24.36 -10.76
N SER B 205 -17.95 -23.53 -11.79
CA SER B 205 -18.22 -22.11 -11.69
C SER B 205 -19.48 -21.78 -12.47
N SER B 206 -19.79 -20.49 -12.58
CA SER B 206 -20.97 -20.06 -13.33
C SER B 206 -20.84 -20.35 -14.82
N THR B 207 -19.63 -20.53 -15.32
CA THR B 207 -19.39 -20.70 -16.75
C THR B 207 -19.25 -22.15 -17.18
N GLY B 208 -19.05 -23.07 -16.24
CA GLY B 208 -18.94 -24.47 -16.58
C GLY B 208 -18.12 -25.21 -15.54
N GLU B 209 -17.52 -26.32 -15.96
CA GLU B 209 -16.62 -27.10 -15.13
C GLU B 209 -15.20 -26.91 -15.61
N TYR B 210 -14.30 -26.62 -14.68
CA TYR B 210 -12.90 -26.36 -14.98
C TYR B 210 -12.02 -27.34 -14.24
N VAL B 211 -10.85 -27.60 -14.81
CA VAL B 211 -9.83 -28.43 -14.17
C VAL B 211 -8.94 -27.52 -13.34
N VAL B 212 -8.66 -27.92 -12.11
CA VAL B 212 -7.91 -27.11 -11.16
C VAL B 212 -6.77 -27.95 -10.61
N MET B 213 -5.54 -27.48 -10.81
CA MET B 213 -4.35 -28.13 -10.28
C MET B 213 -3.98 -27.44 -8.99
N THR B 214 -3.94 -28.20 -7.89
CA THR B 214 -3.69 -27.67 -6.57
C THR B 214 -2.33 -28.15 -6.07
N THR B 215 -1.60 -27.27 -5.40
CA THR B 215 -0.39 -27.63 -4.67
C THR B 215 -0.58 -27.17 -3.23
N HIS B 216 0.00 -27.92 -2.29
CA HIS B 216 -0.07 -27.58 -0.88
C HIS B 216 1.34 -27.61 -0.31
N PHE B 217 1.75 -26.50 0.28
CA PHE B 217 3.03 -26.41 0.96
C PHE B 217 2.78 -26.46 2.45
N HIS B 218 3.38 -27.44 3.12
CA HIS B 218 3.07 -27.70 4.53
C HIS B 218 4.07 -26.96 5.41
N LEU B 219 3.55 -26.06 6.24
CA LEU B 219 4.37 -25.23 7.12
C LEU B 219 4.08 -25.59 8.56
N LYS B 220 5.12 -25.53 9.39
CA LYS B 220 5.02 -25.80 10.81
C LYS B 220 5.75 -24.69 11.56
N ARG B 221 5.06 -24.01 12.46
CA ARG B 221 5.61 -22.82 13.08
C ARG B 221 6.71 -23.18 14.08
N LYS B 222 7.65 -22.24 14.25
CA LYS B 222 8.73 -22.38 15.22
C LYS B 222 8.28 -21.83 16.57
N ILE B 223 8.38 -22.65 17.61
CA ILE B 223 7.86 -22.29 18.92
C ILE B 223 8.88 -21.63 19.84
N GLY B 224 10.18 -21.89 19.65
CA GLY B 224 11.18 -21.42 20.60
C GLY B 224 11.12 -19.93 20.87
N TYR B 225 10.88 -19.13 19.83
CA TYR B 225 10.85 -17.69 20.02
C TYR B 225 9.69 -17.27 20.90
N PHE B 226 8.50 -17.82 20.64
CA PHE B 226 7.35 -17.49 21.48
C PHE B 226 7.55 -17.99 22.89
N VAL B 227 8.20 -19.14 23.06
CA VAL B 227 8.53 -19.60 24.40
C VAL B 227 9.33 -18.53 25.12
N ILE B 228 10.52 -18.20 24.60
CA ILE B 228 11.41 -17.25 25.26
C ILE B 228 10.76 -15.89 25.44
N GLN B 229 9.85 -15.51 24.53
CA GLN B 229 9.30 -14.16 24.59
C GLN B 229 8.13 -14.05 25.55
N THR B 230 7.28 -15.06 25.62
CA THR B 230 6.03 -14.92 26.37
C THR B 230 5.81 -15.99 27.41
N TYR B 231 6.22 -17.22 27.17
CA TYR B 231 5.86 -18.29 28.10
C TYR B 231 6.78 -18.30 29.31
N LEU B 232 8.05 -17.99 29.13
CA LEU B 232 8.95 -17.88 30.28
C LEU B 232 8.71 -16.61 31.09
N PRO B 233 8.57 -15.42 30.50
CA PRO B 233 8.27 -14.25 31.33
C PRO B 233 6.96 -14.35 32.09
N CYS B 234 5.90 -14.86 31.46
CA CYS B 234 4.62 -14.99 32.16
C CYS B 234 4.73 -16.01 33.30
N ILE B 235 5.38 -17.15 33.04
CA ILE B 235 5.56 -18.15 34.08
C ILE B 235 6.37 -17.57 35.24
N MET B 236 7.42 -16.82 34.92
CA MET B 236 8.25 -16.22 35.96
C MET B 236 7.45 -15.21 36.78
N THR B 237 6.60 -14.41 36.12
CA THR B 237 5.79 -13.44 36.84
C THR B 237 4.80 -14.14 37.77
N VAL B 238 4.20 -15.23 37.31
CA VAL B 238 3.24 -15.96 38.15
C VAL B 238 3.97 -16.62 39.32
N ILE B 239 5.16 -17.17 39.07
CA ILE B 239 5.97 -17.71 40.15
C ILE B 239 6.30 -16.63 41.17
N LEU B 240 6.59 -15.42 40.69
CA LEU B 240 6.84 -14.30 41.59
C LEU B 240 5.62 -14.00 42.45
N SER B 241 4.44 -14.03 41.84
CA SER B 241 3.21 -13.87 42.60
C SER B 241 3.10 -14.91 43.71
N GLN B 242 3.40 -16.17 43.40
CA GLN B 242 3.36 -17.19 44.45
C GLN B 242 4.45 -16.98 45.48
N VAL B 243 5.60 -16.44 45.08
CA VAL B 243 6.68 -16.16 46.03
C VAL B 243 6.26 -15.10 47.02
N SER B 244 5.41 -14.16 46.59
CA SER B 244 4.92 -13.13 47.51
C SER B 244 4.17 -13.72 48.70
N PHE B 245 3.69 -14.97 48.60
CA PHE B 245 3.04 -15.60 49.75
C PHE B 245 4.00 -15.84 50.90
N TRP B 246 5.29 -16.05 50.60
CA TRP B 246 6.25 -16.42 51.61
C TRP B 246 6.75 -15.23 52.41
N LEU B 247 6.50 -14.00 51.95
CA LEU B 247 6.87 -12.83 52.74
C LEU B 247 6.11 -12.81 54.05
N ASN B 248 6.61 -12.01 54.99
CA ASN B 248 5.98 -11.91 56.30
C ASN B 248 4.68 -11.14 56.21
N ARG B 249 3.72 -11.51 57.06
CA ARG B 249 2.37 -10.97 56.98
C ARG B 249 2.23 -9.60 57.62
N GLU B 250 3.14 -9.23 58.53
CA GLU B 250 3.06 -7.93 59.18
C GLU B 250 3.66 -6.80 58.35
N SER B 251 4.05 -7.07 57.10
CA SER B 251 4.62 -6.06 56.21
C SER B 251 3.65 -5.86 55.06
N VAL B 252 2.72 -4.93 55.23
CA VAL B 252 1.64 -4.70 54.29
C VAL B 252 2.11 -3.94 53.04
N PRO B 253 2.84 -2.82 53.16
CA PRO B 253 3.21 -2.07 51.94
C PRO B 253 4.07 -2.88 50.99
N ALA B 254 5.00 -3.68 51.51
CA ALA B 254 5.86 -4.48 50.64
C ALA B 254 5.03 -5.44 49.80
N ARG B 255 4.18 -6.24 50.46
CA ARG B 255 3.36 -7.20 49.73
C ARG B 255 2.41 -6.50 48.77
N THR B 256 1.89 -5.33 49.17
CA THR B 256 0.96 -4.60 48.31
C THR B 256 1.64 -4.16 47.02
N VAL B 257 2.78 -3.46 47.15
CA VAL B 257 3.48 -3.00 45.96
C VAL B 257 3.94 -4.19 45.12
N PHE B 258 4.33 -5.28 45.78
CA PHE B 258 4.74 -6.48 45.06
C PHE B 258 3.61 -6.99 44.18
N GLY B 259 2.45 -7.24 44.78
CA GLY B 259 1.33 -7.78 44.02
C GLY B 259 0.88 -6.85 42.91
N VAL B 260 0.76 -5.56 43.20
CA VAL B 260 0.17 -4.68 42.18
C VAL B 260 1.17 -4.41 41.06
N THR B 261 2.46 -4.27 41.38
CA THR B 261 3.44 -4.13 40.32
C THR B 261 3.58 -5.42 39.52
N THR B 262 3.32 -6.57 40.14
CA THR B 262 3.31 -7.81 39.38
C THR B 262 2.13 -7.87 38.42
N VAL B 263 0.97 -7.38 38.85
CA VAL B 263 -0.16 -7.30 37.92
C VAL B 263 0.14 -6.35 36.78
N LEU B 264 0.83 -5.24 37.07
CA LEU B 264 1.19 -4.31 36.00
C LEU B 264 2.21 -4.91 35.06
N THR B 265 3.16 -5.70 35.58
CA THR B 265 4.11 -6.40 34.74
C THR B 265 3.40 -7.38 33.81
N MET B 266 2.48 -8.17 34.37
CA MET B 266 1.68 -9.06 33.54
C MET B 266 0.91 -8.28 32.49
N THR B 267 0.41 -7.10 32.85
CA THR B 267 -0.35 -6.29 31.91
C THR B 267 0.51 -5.86 30.74
N THR B 268 1.72 -5.36 31.01
CA THR B 268 2.60 -4.95 29.92
C THR B 268 3.02 -6.14 29.06
N LEU B 269 3.33 -7.28 29.68
CA LEU B 269 3.66 -8.47 28.92
C LEU B 269 2.50 -8.90 28.03
N SER B 270 1.27 -8.80 28.53
CA SER B 270 0.10 -9.18 27.75
C SER B 270 -0.13 -8.22 26.60
N ILE B 271 0.06 -6.92 26.81
CA ILE B 271 -0.11 -5.97 25.73
C ILE B 271 0.94 -6.20 24.64
N SER B 272 2.19 -6.40 25.04
CA SER B 272 3.22 -6.64 24.03
C SER B 272 3.07 -7.99 23.35
N ALA B 273 2.46 -8.96 24.01
CA ALA B 273 2.25 -10.26 23.39
C ALA B 273 1.16 -10.21 22.33
N ARG B 274 0.19 -9.32 22.47
CA ARG B 274 -0.88 -9.21 21.49
C ARG B 274 -0.50 -8.31 20.32
N ASN B 275 0.70 -7.74 20.32
CA ASN B 275 1.15 -6.95 19.19
C ASN B 275 1.57 -7.82 18.01
N SER B 276 1.88 -9.09 18.24
CA SER B 276 2.30 -9.99 17.18
C SER B 276 1.14 -10.75 16.55
N LEU B 277 0.15 -11.12 17.33
CA LEU B 277 -0.99 -11.87 16.81
C LEU B 277 -1.81 -10.99 15.86
N PRO B 278 -2.20 -11.50 14.70
CA PRO B 278 -3.16 -10.77 13.86
C PRO B 278 -4.51 -10.67 14.56
N LYS B 279 -5.36 -9.79 14.03
CA LYS B 279 -6.66 -9.53 14.65
C LYS B 279 -7.62 -10.65 14.28
N VAL B 280 -7.46 -11.78 14.96
CA VAL B 280 -8.40 -12.88 14.83
C VAL B 280 -9.56 -12.69 15.80
N ALA B 281 -10.68 -13.37 15.50
CA ALA B 281 -11.92 -13.16 16.23
C ALA B 281 -12.17 -14.23 17.29
N TYR B 282 -11.18 -15.07 17.58
CA TYR B 282 -11.31 -16.12 18.59
C TYR B 282 -10.08 -16.09 19.49
N ALA B 283 -10.02 -17.06 20.39
CA ALA B 283 -8.94 -17.16 21.37
C ALA B 283 -7.93 -18.20 20.90
N THR B 284 -6.66 -17.81 20.88
CA THR B 284 -5.57 -18.72 20.54
C THR B 284 -5.08 -19.42 21.81
N ALA B 285 -4.06 -20.26 21.65
CA ALA B 285 -3.50 -20.93 22.82
C ALA B 285 -2.77 -19.94 23.73
N MET B 286 -2.02 -19.02 23.15
CA MET B 286 -1.35 -18.00 23.95
C MET B 286 -2.37 -17.12 24.66
N ASP B 287 -3.53 -16.90 24.05
CA ASP B 287 -4.58 -16.13 24.72
C ASP B 287 -5.05 -16.84 25.99
N TRP B 288 -5.25 -18.16 25.91
CA TRP B 288 -5.67 -18.91 27.09
C TRP B 288 -4.58 -18.92 28.16
N PHE B 289 -3.33 -19.12 27.75
CA PHE B 289 -2.24 -19.11 28.73
C PHE B 289 -2.12 -17.74 29.41
N ILE B 290 -2.22 -16.66 28.64
CA ILE B 290 -2.11 -15.33 29.20
C ILE B 290 -3.29 -15.02 30.11
N ALA B 291 -4.49 -15.43 29.72
CA ALA B 291 -5.66 -15.21 30.56
C ALA B 291 -5.53 -15.94 31.89
N VAL B 292 -5.05 -17.18 31.85
CA VAL B 292 -4.91 -17.94 33.09
C VAL B 292 -3.82 -17.37 33.97
N CYS B 293 -2.71 -16.91 33.36
CA CYS B 293 -1.65 -16.29 34.14
C CYS B 293 -2.14 -15.00 34.80
N TYR B 294 -2.86 -14.18 34.04
CA TYR B 294 -3.43 -12.95 34.59
C TYR B 294 -4.39 -13.26 35.73
N ALA B 295 -5.22 -14.29 35.55
CA ALA B 295 -6.15 -14.68 36.61
C ALA B 295 -5.40 -15.14 37.85
N PHE B 296 -4.29 -15.84 37.67
CA PHE B 296 -3.51 -16.30 38.83
C PHE B 296 -2.88 -15.13 39.57
N VAL B 297 -2.35 -14.16 38.84
CA VAL B 297 -1.76 -12.99 39.51
C VAL B 297 -2.83 -12.21 40.26
N PHE B 298 -3.97 -11.98 39.62
CA PHE B 298 -5.05 -11.25 40.28
C PHE B 298 -5.56 -12.01 41.50
N SER B 299 -5.62 -13.34 41.41
CA SER B 299 -6.10 -14.13 42.54
C SER B 299 -5.10 -14.14 43.68
N ALA B 300 -3.79 -14.10 43.38
CA ALA B 300 -2.80 -13.97 44.43
C ALA B 300 -2.94 -12.63 45.15
N LEU B 301 -3.19 -11.56 44.39
CA LEU B 301 -3.41 -10.26 45.03
C LEU B 301 -4.68 -10.28 45.88
N ILE B 302 -5.73 -10.94 45.40
CA ILE B 302 -6.97 -11.05 46.18
C ILE B 302 -6.72 -11.85 47.45
N GLU B 303 -5.89 -12.88 47.37
CA GLU B 303 -5.55 -13.66 48.56
C GLU B 303 -4.82 -12.80 49.57
N PHE B 304 -3.88 -11.97 49.11
CA PHE B 304 -3.21 -11.05 50.03
C PHE B 304 -4.20 -10.09 50.68
N ALA B 305 -5.15 -9.58 49.89
CA ALA B 305 -6.18 -8.72 50.45
C ALA B 305 -6.98 -9.44 51.54
N THR B 306 -7.31 -10.71 51.29
CA THR B 306 -8.05 -11.48 52.30
C THR B 306 -7.23 -11.65 53.57
N VAL B 307 -5.93 -11.94 53.43
CA VAL B 307 -5.08 -12.11 54.59
C VAL B 307 -4.99 -10.81 55.39
N ASN B 308 -4.85 -9.68 54.69
CA ASN B 308 -4.75 -8.40 55.38
C ASN B 308 -6.10 -7.93 55.93
N TYR B 309 -7.20 -8.49 55.45
CA TYR B 309 -8.48 -8.21 56.08
C TYR B 309 -8.69 -9.04 57.33
N PHE B 310 -8.34 -10.32 57.29
CA PHE B 310 -8.55 -11.19 58.43
C PHE B 310 -7.50 -11.03 59.52
N THR B 311 -6.38 -10.39 59.22
CA THR B 311 -5.34 -10.22 60.22
C THR B 311 -5.82 -9.31 61.34
N LYS B 312 -5.19 -9.45 62.51
CA LYS B 312 -5.39 -8.64 63.71
C LYS B 312 -6.75 -8.85 64.34
N SER B 313 -7.64 -9.64 63.73
CA SER B 313 -8.91 -10.01 64.33
C SER B 313 -9.05 -11.52 64.49
N GLN B 314 -8.74 -12.28 63.44
CA GLN B 314 -8.74 -13.74 63.47
C GLN B 314 -7.36 -14.20 63.06
N PRO B 315 -6.39 -14.17 64.00
CA PRO B 315 -5.00 -14.43 63.62
C PRO B 315 -4.72 -15.87 63.21
N ALA B 316 -5.53 -16.83 63.66
CA ALA B 316 -5.30 -18.22 63.28
C ALA B 316 -5.59 -18.45 61.81
N ARG B 317 -6.78 -18.04 61.36
CA ARG B 317 -7.21 -18.26 59.99
C ARG B 317 -6.30 -17.56 58.98
N ALA B 318 -5.69 -16.45 59.36
CA ALA B 318 -4.77 -15.76 58.45
C ALA B 318 -3.60 -16.67 58.09
N ALA B 319 -2.86 -17.15 59.09
CA ALA B 319 -1.75 -18.05 58.83
C ALA B 319 -2.24 -19.36 58.22
N LYS B 320 -3.47 -19.79 58.57
CA LYS B 320 -4.02 -21.00 57.99
C LYS B 320 -4.14 -20.88 56.47
N ILE B 321 -4.77 -19.80 56.01
CA ILE B 321 -4.94 -19.64 54.58
C ILE B 321 -3.61 -19.30 53.91
N ASP B 322 -2.67 -18.68 54.63
CA ASP B 322 -1.34 -18.50 54.09
C ASP B 322 -0.68 -19.84 53.77
N ARG B 323 -0.64 -20.73 54.76
CA ARG B 323 -0.02 -22.04 54.56
C ARG B 323 -0.78 -22.86 53.53
N LEU B 324 -2.10 -22.69 53.45
CA LEU B 324 -2.87 -23.42 52.44
C LEU B 324 -2.58 -22.92 51.04
N SER B 325 -2.49 -21.59 50.86
CA SER B 325 -2.22 -21.04 49.54
C SER B 325 -0.81 -21.39 49.08
N ARG B 326 0.15 -21.40 50.00
CA ARG B 326 1.52 -21.77 49.64
C ARG B 326 1.60 -23.14 48.97
N ILE B 327 0.61 -24.00 49.23
CA ILE B 327 0.61 -25.36 48.70
C ILE B 327 -0.37 -25.46 47.53
N ALA B 328 -1.42 -24.62 47.57
CA ALA B 328 -2.48 -24.73 46.57
C ALA B 328 -2.12 -24.02 45.27
N PHE B 329 -1.49 -22.85 45.35
CA PHE B 329 -1.24 -22.08 44.13
C PHE B 329 -0.19 -22.73 43.25
N PRO B 330 1.02 -23.07 43.73
CA PRO B 330 1.99 -23.72 42.84
C PRO B 330 1.49 -25.05 42.29
N LEU B 331 0.75 -25.81 43.10
CA LEU B 331 0.21 -27.08 42.62
C LEU B 331 -0.74 -26.85 41.45
N LEU B 332 -1.66 -25.91 41.59
CA LEU B 332 -2.61 -25.64 40.53
C LEU B 332 -1.93 -25.12 39.27
N PHE B 333 -0.95 -24.23 39.44
CA PHE B 333 -0.26 -23.72 38.25
C PHE B 333 0.54 -24.82 37.55
N GLY B 334 1.15 -25.72 38.32
CA GLY B 334 1.89 -26.80 37.71
C GLY B 334 0.99 -27.75 36.94
N ILE B 335 -0.15 -28.12 37.52
CA ILE B 335 -1.01 -29.05 36.81
C ILE B 335 -1.66 -28.37 35.60
N PHE B 336 -1.92 -27.06 35.69
CA PHE B 336 -2.43 -26.34 34.53
C PHE B 336 -1.40 -26.29 33.42
N ASN B 337 -0.14 -26.01 33.75
CA ASN B 337 0.91 -26.06 32.75
C ASN B 337 0.97 -27.43 32.09
N LEU B 338 0.91 -28.49 32.90
CA LEU B 338 0.99 -29.84 32.35
C LEU B 338 -0.15 -30.10 31.37
N VAL B 339 -1.39 -29.82 31.78
CA VAL B 339 -2.52 -30.14 30.91
C VAL B 339 -2.49 -29.27 29.65
N TYR B 340 -2.09 -28.00 29.78
CA TYR B 340 -2.06 -27.10 28.63
C TYR B 340 -1.03 -27.57 27.61
N TRP B 341 0.20 -27.80 28.05
CA TRP B 341 1.23 -28.25 27.12
C TRP B 341 0.91 -29.61 26.54
N ALA B 342 0.25 -30.48 27.31
CA ALA B 342 -0.11 -31.79 26.79
C ALA B 342 -1.19 -31.69 25.72
N THR B 343 -2.19 -30.82 25.92
CA THR B 343 -3.27 -30.73 24.95
C THR B 343 -2.90 -29.92 23.73
N TYR B 344 -1.86 -29.08 23.80
CA TYR B 344 -1.47 -28.29 22.64
C TYR B 344 -0.22 -28.79 21.95
N LEU B 345 0.54 -29.72 22.54
CA LEU B 345 1.66 -30.32 21.85
C LEU B 345 1.29 -31.55 21.03
N ASN B 346 0.15 -32.16 21.31
CA ASN B 346 -0.25 -33.39 20.64
C ASN B 346 -1.16 -33.15 19.43
N ARG B 347 -1.60 -31.93 19.21
CA ARG B 347 -2.41 -31.62 18.03
C ARG B 347 -1.54 -31.48 16.79
N SER C 7 -12.04 -29.03 -43.72
CA SER C 7 -11.96 -29.64 -42.39
C SER C 7 -12.82 -28.87 -41.39
N ASN C 8 -12.54 -29.07 -40.10
CA ASN C 8 -13.28 -28.40 -39.05
C ASN C 8 -12.57 -27.14 -38.57
N MET C 9 -11.25 -27.20 -38.36
CA MET C 9 -10.52 -26.05 -37.86
C MET C 9 -10.55 -24.90 -38.86
N SER C 10 -10.34 -25.20 -40.14
CA SER C 10 -10.37 -24.15 -41.14
C SER C 10 -11.78 -23.59 -41.32
N LEU C 11 -12.81 -24.43 -41.14
CA LEU C 11 -14.18 -23.95 -41.23
C LEU C 11 -14.46 -22.89 -40.18
N VAL C 12 -14.17 -23.18 -38.91
CA VAL C 12 -14.41 -22.21 -37.85
C VAL C 12 -13.46 -21.02 -37.99
N LYS C 13 -12.26 -21.25 -38.53
CA LYS C 13 -11.36 -20.13 -38.79
C LYS C 13 -11.98 -19.14 -39.76
N GLU C 14 -12.48 -19.64 -40.89
CA GLU C 14 -13.11 -18.75 -41.86
C GLU C 14 -14.41 -18.16 -41.32
N THR C 15 -15.12 -18.89 -40.47
CA THR C 15 -16.32 -18.34 -39.84
C THR C 15 -15.97 -17.15 -38.97
N VAL C 16 -14.95 -17.28 -38.12
CA VAL C 16 -14.54 -16.18 -37.26
C VAL C 16 -14.04 -15.01 -38.10
N ASP C 17 -13.26 -15.29 -39.15
CA ASP C 17 -12.78 -14.22 -40.01
C ASP C 17 -13.94 -13.47 -40.65
N ARG C 18 -14.94 -14.19 -41.13
CA ARG C 18 -16.11 -13.56 -41.72
C ARG C 18 -16.88 -12.75 -40.69
N LEU C 19 -16.92 -13.22 -39.44
CA LEU C 19 -17.57 -12.46 -38.38
C LEU C 19 -16.85 -11.15 -38.13
N LEU C 20 -15.53 -11.16 -38.20
CA LEU C 20 -14.74 -9.97 -37.87
C LEU C 20 -14.46 -9.05 -39.05
N LYS C 21 -14.76 -9.48 -40.28
CA LYS C 21 -14.58 -8.64 -41.44
C LYS C 21 -15.83 -7.80 -41.66
N GLY C 22 -15.64 -6.51 -41.93
CA GLY C 22 -16.76 -5.60 -42.04
C GLY C 22 -17.44 -5.36 -40.71
N TYR C 23 -16.68 -5.34 -39.63
CA TYR C 23 -17.19 -5.14 -38.28
C TYR C 23 -16.74 -3.78 -37.79
N ASP C 24 -17.68 -2.98 -37.29
CA ASP C 24 -17.41 -1.63 -36.85
C ASP C 24 -17.47 -1.61 -35.33
N ILE C 25 -16.31 -1.44 -34.69
CA ILE C 25 -16.22 -1.44 -33.23
C ILE C 25 -16.88 -0.22 -32.61
N ARG C 26 -17.27 0.77 -33.42
CA ARG C 26 -17.82 2.01 -32.91
C ARG C 26 -19.33 1.98 -32.73
N LEU C 27 -20.02 0.93 -33.16
CA LEU C 27 -21.46 0.85 -33.09
C LEU C 27 -21.88 -0.24 -32.13
N ARG C 28 -22.74 0.11 -31.17
CA ARG C 28 -23.32 -0.86 -30.27
C ARG C 28 -24.27 -1.76 -31.04
N PRO C 29 -24.60 -2.94 -30.50
CA PRO C 29 -25.59 -3.80 -31.17
C PRO C 29 -26.93 -3.10 -31.30
N ASP C 30 -27.46 -3.10 -32.52
CA ASP C 30 -28.69 -2.39 -32.86
C ASP C 30 -28.55 -0.89 -32.56
N PHE C 31 -27.64 -0.26 -33.28
CA PHE C 31 -27.36 1.16 -33.05
C PHE C 31 -28.54 2.04 -33.44
N GLY C 32 -29.38 1.57 -34.36
CA GLY C 32 -30.55 2.34 -34.74
C GLY C 32 -31.84 1.75 -34.23
N GLY C 33 -31.74 0.63 -33.51
CA GLY C 33 -32.90 -0.05 -32.99
C GLY C 33 -33.05 0.12 -31.49
N PRO C 34 -33.60 -0.90 -30.84
CA PRO C 34 -33.85 -0.81 -29.40
C PRO C 34 -32.55 -0.90 -28.62
N PRO C 35 -32.57 -0.49 -27.35
CA PRO C 35 -31.34 -0.57 -26.54
C PRO C 35 -30.97 -2.01 -26.23
N VAL C 36 -29.68 -2.22 -25.99
CA VAL C 36 -29.12 -3.53 -25.70
C VAL C 36 -29.19 -3.78 -24.21
N ALA C 37 -29.51 -5.02 -23.83
CA ALA C 37 -29.61 -5.42 -22.44
C ALA C 37 -28.39 -6.24 -22.06
N VAL C 38 -27.70 -5.83 -21.00
CA VAL C 38 -26.47 -6.45 -20.55
C VAL C 38 -26.72 -7.08 -19.19
N GLY C 39 -26.57 -8.39 -19.09
CA GLY C 39 -26.78 -9.11 -17.85
C GLY C 39 -25.46 -9.36 -17.14
N MET C 40 -25.49 -9.30 -15.81
CA MET C 40 -24.29 -9.32 -14.99
C MET C 40 -24.28 -10.51 -14.05
N ASN C 41 -23.07 -11.03 -13.80
CA ASN C 41 -22.80 -11.99 -12.74
C ASN C 41 -21.56 -11.53 -12.01
N ILE C 42 -21.51 -11.82 -10.71
CA ILE C 42 -20.35 -11.48 -9.88
C ILE C 42 -20.07 -12.66 -8.98
N ASP C 43 -18.94 -13.32 -9.19
CA ASP C 43 -18.51 -14.44 -8.35
C ASP C 43 -17.40 -13.92 -7.43
N ILE C 44 -17.74 -13.69 -6.17
CA ILE C 44 -16.82 -13.03 -5.24
C ILE C 44 -15.80 -14.05 -4.77
N ALA C 45 -14.54 -13.86 -5.18
CA ALA C 45 -13.49 -14.79 -4.80
C ALA C 45 -13.06 -14.58 -3.35
N SER C 46 -12.78 -13.34 -2.96
CA SER C 46 -12.40 -13.04 -1.59
C SER C 46 -12.54 -11.55 -1.34
N ILE C 47 -12.93 -11.20 -0.12
CA ILE C 47 -12.96 -9.82 0.34
C ILE C 47 -11.74 -9.65 1.23
N ASP C 48 -10.69 -9.02 0.69
CA ASP C 48 -9.37 -9.11 1.31
C ASP C 48 -9.31 -8.35 2.63
N MET C 49 -9.50 -7.03 2.60
CA MET C 49 -9.30 -6.22 3.78
C MET C 49 -10.34 -5.11 3.84
N VAL C 50 -10.75 -4.78 5.06
CA VAL C 50 -11.68 -3.69 5.34
C VAL C 50 -10.94 -2.70 6.20
N SER C 51 -10.55 -1.57 5.62
CA SER C 51 -9.76 -0.56 6.29
C SER C 51 -10.65 0.60 6.69
N GLU C 52 -10.78 0.84 8.00
CA GLU C 52 -11.56 1.96 8.49
C GLU C 52 -10.82 3.29 8.38
N VAL C 53 -9.48 3.27 8.38
CA VAL C 53 -8.73 4.51 8.29
C VAL C 53 -8.73 5.05 6.86
N ASN C 54 -8.73 4.17 5.86
CA ASN C 54 -8.94 4.58 4.49
C ASN C 54 -10.41 4.60 4.10
N MET C 55 -11.28 4.04 4.93
CA MET C 55 -12.72 4.00 4.68
C MET C 55 -13.02 3.30 3.35
N ASP C 56 -12.45 2.12 3.17
CA ASP C 56 -12.64 1.34 1.95
C ASP C 56 -12.48 -0.13 2.26
N TYR C 57 -12.83 -0.96 1.28
CA TYR C 57 -12.65 -2.40 1.36
C TYR C 57 -12.13 -2.91 0.02
N THR C 58 -11.55 -4.10 0.04
CA THR C 58 -10.94 -4.69 -1.14
C THR C 58 -11.60 -6.04 -1.43
N LEU C 59 -12.04 -6.23 -2.67
CA LEU C 59 -12.66 -7.49 -3.05
C LEU C 59 -12.18 -7.92 -4.42
N THR C 60 -11.90 -9.21 -4.55
CA THR C 60 -11.61 -9.83 -5.83
C THR C 60 -12.86 -10.51 -6.34
N MET C 61 -13.13 -10.37 -7.63
CA MET C 61 -14.38 -10.91 -8.16
C MET C 61 -14.16 -11.36 -9.60
N TYR C 62 -14.98 -12.32 -10.01
CA TYR C 62 -15.17 -12.66 -11.41
C TYR C 62 -16.38 -11.88 -11.86
N PHE C 63 -16.16 -10.79 -12.59
CA PHE C 63 -17.22 -9.91 -13.04
C PHE C 63 -17.52 -10.23 -14.50
N GLN C 64 -18.76 -10.61 -14.78
CA GLN C 64 -19.11 -11.24 -16.04
C GLN C 64 -20.32 -10.53 -16.64
N GLN C 65 -20.27 -10.25 -17.93
CA GLN C 65 -21.36 -9.59 -18.63
C GLN C 65 -21.76 -10.43 -19.82
N ALA C 66 -23.03 -10.31 -20.22
CA ALA C 66 -23.54 -11.05 -21.35
C ALA C 66 -24.55 -10.20 -22.11
N TRP C 67 -24.43 -10.16 -23.42
CA TRP C 67 -25.39 -9.43 -24.23
C TRP C 67 -25.64 -10.18 -25.53
N ARG C 68 -26.44 -9.59 -26.40
CA ARG C 68 -26.81 -10.20 -27.68
C ARG C 68 -26.29 -9.31 -28.80
N ASP C 69 -25.32 -9.80 -29.56
CA ASP C 69 -24.77 -9.10 -30.71
C ASP C 69 -25.13 -9.90 -31.95
N LYS C 70 -26.06 -9.38 -32.76
CA LYS C 70 -26.50 -10.07 -33.95
C LYS C 70 -25.49 -10.00 -35.08
N ARG C 71 -24.46 -9.16 -34.97
CA ARG C 71 -23.38 -9.18 -35.95
C ARG C 71 -22.48 -10.38 -35.76
N LEU C 72 -22.30 -10.84 -34.53
CA LEU C 72 -21.48 -12.01 -34.22
C LEU C 72 -22.36 -13.26 -34.12
N SER C 73 -23.06 -13.56 -35.20
CA SER C 73 -23.91 -14.74 -35.29
C SER C 73 -23.39 -15.67 -36.36
N TYR C 74 -23.36 -16.97 -36.05
CA TYR C 74 -22.92 -17.99 -37.00
C TYR C 74 -23.84 -19.19 -36.87
N ASN C 75 -23.93 -19.96 -37.95
CA ASN C 75 -24.86 -21.07 -38.00
C ASN C 75 -24.31 -22.35 -38.63
N VAL C 76 -23.07 -22.33 -39.11
CA VAL C 76 -22.54 -23.54 -39.77
C VAL C 76 -22.09 -24.59 -38.76
N ILE C 77 -21.86 -24.20 -37.50
CA ILE C 77 -21.36 -25.14 -36.49
C ILE C 77 -22.12 -24.94 -35.20
N PRO C 78 -22.34 -26.03 -34.47
CA PRO C 78 -23.19 -25.98 -33.27
C PRO C 78 -22.46 -25.77 -31.95
N LEU C 79 -21.14 -25.68 -31.94
CA LEU C 79 -20.41 -25.57 -30.68
C LEU C 79 -20.27 -24.12 -30.25
N ASN C 80 -20.12 -23.92 -28.94
CA ASN C 80 -19.95 -22.60 -28.34
C ASN C 80 -18.48 -22.21 -28.44
N LEU C 81 -18.20 -21.18 -29.22
CA LEU C 81 -16.80 -20.79 -29.44
C LEU C 81 -16.27 -20.05 -28.24
N THR C 82 -15.08 -20.43 -27.79
CA THR C 82 -14.34 -19.66 -26.80
C THR C 82 -13.09 -19.10 -27.50
N LEU C 83 -13.02 -17.78 -27.61
CA LEU C 83 -11.94 -17.18 -28.36
C LEU C 83 -10.83 -16.72 -27.42
N ASP C 84 -9.65 -16.54 -27.98
CA ASP C 84 -8.53 -16.00 -27.23
C ASP C 84 -8.89 -14.61 -26.71
N ASN C 85 -8.40 -14.28 -25.51
CA ASN C 85 -8.80 -13.03 -24.89
C ASN C 85 -8.29 -11.80 -25.63
N ARG C 86 -7.43 -11.97 -26.63
CA ARG C 86 -6.94 -10.83 -27.40
C ARG C 86 -7.92 -10.39 -28.48
N VAL C 87 -9.02 -11.12 -28.70
CA VAL C 87 -10.04 -10.66 -29.63
C VAL C 87 -11.05 -9.75 -28.95
N ALA C 88 -11.03 -9.66 -27.62
CA ALA C 88 -11.89 -8.71 -26.92
C ALA C 88 -11.57 -7.27 -27.27
N ASP C 89 -10.40 -7.03 -27.87
CA ASP C 89 -10.04 -5.70 -28.34
C ASP C 89 -10.66 -5.37 -29.70
N GLN C 90 -11.29 -6.33 -30.36
CA GLN C 90 -11.92 -6.13 -31.65
C GLN C 90 -13.44 -6.17 -31.59
N LEU C 91 -14.02 -6.46 -30.43
CA LEU C 91 -15.46 -6.51 -30.28
C LEU C 91 -15.95 -5.30 -29.49
N TRP C 92 -17.24 -5.05 -29.58
CA TRP C 92 -17.86 -4.00 -28.78
C TRP C 92 -18.19 -4.55 -27.40
N VAL C 93 -17.70 -3.88 -26.37
CA VAL C 93 -18.02 -4.25 -24.99
C VAL C 93 -18.55 -3.01 -24.29
N PRO C 94 -19.49 -3.14 -23.36
CA PRO C 94 -20.04 -1.94 -22.71
C PRO C 94 -18.99 -1.24 -21.85
N ASP C 95 -19.15 0.07 -21.72
CA ASP C 95 -18.23 0.88 -20.93
C ASP C 95 -18.64 0.90 -19.46
N THR C 96 -18.84 -0.30 -18.91
CA THR C 96 -19.23 -0.43 -17.52
C THR C 96 -18.11 0.03 -16.61
N TYR C 97 -18.45 0.82 -15.61
CA TYR C 97 -17.48 1.24 -14.61
C TYR C 97 -18.08 1.10 -13.23
N PHE C 98 -17.22 1.19 -12.22
CA PHE C 98 -17.62 1.12 -10.83
C PHE C 98 -17.57 2.53 -10.25
N LEU C 99 -18.66 2.94 -9.61
CA LEU C 99 -18.80 4.34 -9.23
C LEU C 99 -17.98 4.69 -8.00
N ASN C 100 -17.74 3.74 -7.09
CA ASN C 100 -17.09 4.04 -5.82
C ASN C 100 -15.72 3.37 -5.69
N ASP C 101 -15.12 2.97 -6.79
CA ASP C 101 -13.80 2.35 -6.74
C ASP C 101 -12.70 3.41 -6.72
N LYS C 102 -11.56 3.05 -6.12
CA LYS C 102 -10.41 3.93 -6.04
C LYS C 102 -9.23 3.40 -6.85
N LYS C 103 -8.87 2.14 -6.68
CA LYS C 103 -7.83 1.50 -7.47
C LYS C 103 -8.30 0.11 -7.83
N SER C 104 -8.37 -0.18 -9.13
CA SER C 104 -8.84 -1.47 -9.60
C SER C 104 -7.99 -1.91 -10.78
N PHE C 105 -7.85 -3.23 -10.93
CA PHE C 105 -7.03 -3.77 -11.99
C PHE C 105 -7.48 -5.18 -12.34
N VAL C 106 -7.43 -5.50 -13.63
CA VAL C 106 -7.64 -6.87 -14.08
C VAL C 106 -6.34 -7.63 -13.95
N HIS C 107 -6.40 -8.81 -13.35
CA HIS C 107 -5.19 -9.59 -13.16
C HIS C 107 -4.60 -9.98 -14.51
N GLY C 108 -3.29 -10.01 -14.59
CA GLY C 108 -2.62 -10.22 -15.86
C GLY C 108 -1.58 -11.30 -15.85
N VAL C 109 -1.84 -12.38 -15.12
CA VAL C 109 -0.91 -13.50 -15.02
C VAL C 109 -1.72 -14.79 -15.11
N THR C 110 -1.30 -15.70 -16.00
CA THR C 110 -0.10 -15.52 -16.82
C THR C 110 -0.40 -14.74 -18.09
N VAL C 111 -1.68 -14.62 -18.41
CA VAL C 111 -2.13 -13.70 -19.46
C VAL C 111 -3.17 -12.78 -18.84
N LYS C 112 -3.70 -11.86 -19.63
CA LYS C 112 -4.76 -10.99 -19.14
C LYS C 112 -5.99 -11.82 -18.78
N ASN C 113 -6.38 -11.79 -17.52
CA ASN C 113 -7.47 -12.62 -17.03
C ASN C 113 -8.79 -12.09 -17.56
N ARG C 114 -9.12 -12.48 -18.79
CA ARG C 114 -10.43 -12.20 -19.34
C ARG C 114 -10.82 -13.33 -20.28
N MET C 115 -12.13 -13.48 -20.48
CA MET C 115 -12.72 -14.55 -21.25
C MET C 115 -13.73 -13.97 -22.23
N ILE C 116 -13.72 -14.49 -23.46
CA ILE C 116 -14.70 -14.10 -24.46
C ILE C 116 -15.27 -15.37 -25.08
N ARG C 117 -16.60 -15.50 -25.02
CA ARG C 117 -17.29 -16.71 -25.47
C ARG C 117 -18.47 -16.30 -26.34
N LEU C 118 -18.46 -16.75 -27.59
CA LEU C 118 -19.56 -16.50 -28.52
C LEU C 118 -20.43 -17.73 -28.62
N HIS C 119 -21.75 -17.49 -28.67
CA HIS C 119 -22.78 -18.49 -28.88
C HIS C 119 -23.36 -18.37 -30.28
N PRO C 120 -23.85 -19.46 -30.87
CA PRO C 120 -24.30 -19.39 -32.27
C PRO C 120 -25.50 -18.49 -32.48
N ASP C 121 -26.23 -18.13 -31.43
CA ASP C 121 -27.39 -17.25 -31.56
C ASP C 121 -27.04 -15.78 -31.47
N GLY C 122 -25.75 -15.45 -31.41
CA GLY C 122 -25.31 -14.07 -31.30
C GLY C 122 -24.94 -13.62 -29.91
N THR C 123 -25.19 -14.45 -28.90
CA THR C 123 -24.88 -14.07 -27.52
C THR C 123 -23.38 -13.98 -27.32
N VAL C 124 -22.94 -12.92 -26.66
CA VAL C 124 -21.54 -12.70 -26.33
C VAL C 124 -21.41 -12.67 -24.81
N LEU C 125 -20.45 -13.44 -24.29
CA LEU C 125 -20.16 -13.50 -22.86
C LEU C 125 -18.74 -12.99 -22.66
N TYR C 126 -18.58 -12.00 -21.78
CA TYR C 126 -17.32 -11.31 -21.58
C TYR C 126 -17.05 -11.28 -20.07
N GLY C 127 -16.02 -11.99 -19.64
CA GLY C 127 -15.70 -12.09 -18.23
C GLY C 127 -14.34 -11.50 -17.92
N LEU C 128 -14.21 -10.93 -16.73
CA LEU C 128 -12.95 -10.40 -16.24
C LEU C 128 -12.77 -10.85 -14.80
N ARG C 129 -11.52 -10.83 -14.34
CA ARG C 129 -11.19 -11.11 -12.95
C ARG C 129 -10.57 -9.83 -12.38
N ILE C 130 -11.35 -9.11 -11.58
CA ILE C 130 -11.03 -7.75 -11.19
C ILE C 130 -10.87 -7.69 -9.68
N THR C 131 -9.81 -7.01 -9.22
CA THR C 131 -9.62 -6.71 -7.82
C THR C 131 -9.87 -5.22 -7.61
N THR C 132 -10.88 -4.90 -6.80
CA THR C 132 -11.37 -3.55 -6.64
C THR C 132 -11.22 -3.10 -5.20
N THR C 133 -10.77 -1.86 -5.03
CA THR C 133 -10.73 -1.20 -3.73
C THR C 133 -11.88 -0.18 -3.71
N ALA C 134 -13.04 -0.60 -3.25
CA ALA C 134 -14.22 0.23 -3.28
C ALA C 134 -14.34 1.04 -1.99
N ALA C 135 -15.01 2.18 -2.09
CA ALA C 135 -15.17 3.08 -0.96
C ALA C 135 -16.36 2.64 -0.11
N CYS C 136 -16.10 2.37 1.16
CA CYS C 136 -17.10 1.88 2.11
C CYS C 136 -17.31 2.99 3.15
N MET C 137 -18.33 3.83 2.91
CA MET C 137 -18.65 4.89 3.86
C MET C 137 -19.00 4.29 5.22
N MET C 138 -18.29 4.73 6.26
CA MET C 138 -18.36 4.09 7.56
C MET C 138 -18.81 5.07 8.63
N ASP C 139 -19.41 4.52 9.67
CA ASP C 139 -19.88 5.29 10.84
C ASP C 139 -19.57 4.44 12.06
N LEU C 140 -18.46 4.73 12.73
CA LEU C 140 -17.95 3.89 13.80
C LEU C 140 -18.18 4.48 15.18
N ARG C 141 -19.30 5.19 15.38
CA ARG C 141 -19.61 5.65 16.74
C ARG C 141 -19.85 4.47 17.66
N ARG C 142 -20.53 3.43 17.18
CA ARG C 142 -20.83 2.24 17.95
C ARG C 142 -19.69 1.23 17.95
N TYR C 143 -18.56 1.58 17.36
CA TYR C 143 -17.42 0.66 17.32
C TYR C 143 -17.00 0.27 18.72
N PRO C 144 -16.65 -1.00 18.96
CA PRO C 144 -16.59 -2.11 18.01
C PRO C 144 -17.90 -2.87 17.83
N LEU C 145 -18.98 -2.40 18.44
CA LEU C 145 -20.28 -3.07 18.35
C LEU C 145 -21.10 -2.42 17.24
N ASP C 146 -20.60 -2.54 16.02
CA ASP C 146 -21.17 -1.83 14.89
C ASP C 146 -21.42 -2.78 13.73
N GLU C 147 -22.39 -2.43 12.89
CA GLU C 147 -22.66 -3.12 11.64
C GLU C 147 -22.50 -2.13 10.50
N GLN C 148 -21.59 -2.44 9.58
CA GLN C 148 -21.27 -1.55 8.48
C GLN C 148 -21.93 -2.05 7.20
N ASN C 149 -22.71 -1.18 6.57
CA ASN C 149 -23.37 -1.49 5.30
C ASN C 149 -22.64 -0.73 4.21
N CYS C 150 -22.06 -1.44 3.24
CA CYS C 150 -21.47 -0.75 2.12
C CYS C 150 -21.52 -1.60 0.86
N THR C 151 -21.40 -0.92 -0.27
CA THR C 151 -21.93 -1.40 -1.53
C THR C 151 -20.83 -1.50 -2.57
N LEU C 152 -21.23 -1.91 -3.76
CA LEU C 152 -20.46 -1.78 -4.98
C LEU C 152 -21.45 -1.39 -6.07
N GLU C 153 -21.27 -0.19 -6.62
CA GLU C 153 -22.18 0.37 -7.61
C GLU C 153 -21.60 0.21 -9.01
N ILE C 154 -22.41 -0.31 -9.92
CA ILE C 154 -21.99 -0.65 -11.26
C ILE C 154 -22.85 0.14 -12.23
N GLU C 155 -22.22 1.04 -12.98
CA GLU C 155 -22.96 1.95 -13.85
C GLU C 155 -22.36 1.92 -15.24
N SER C 156 -23.05 2.56 -16.17
CA SER C 156 -22.57 2.76 -17.53
C SER C 156 -22.08 4.19 -17.69
N TYR C 157 -20.92 4.34 -18.34
CA TYR C 157 -20.30 5.66 -18.40
C TYR C 157 -20.94 6.55 -19.46
N GLY C 158 -20.91 6.13 -20.71
CA GLY C 158 -21.34 7.00 -21.78
C GLY C 158 -22.77 6.78 -22.24
N TYR C 159 -23.30 5.58 -22.04
CA TYR C 159 -24.62 5.24 -22.54
C TYR C 159 -25.69 5.54 -21.49
N THR C 160 -26.86 5.94 -21.99
CA THR C 160 -28.02 6.19 -21.14
C THR C 160 -29.00 5.03 -21.28
N THR C 161 -30.12 5.11 -20.56
CA THR C 161 -31.08 4.01 -20.58
C THR C 161 -31.77 3.88 -21.94
N ASP C 162 -31.80 4.95 -22.73
CA ASP C 162 -32.31 4.86 -24.08
C ASP C 162 -31.36 4.14 -25.03
N ASP C 163 -30.16 3.80 -24.57
CA ASP C 163 -29.17 3.11 -25.38
C ASP C 163 -28.68 1.80 -24.79
N ILE C 164 -28.80 1.60 -23.48
CA ILE C 164 -28.28 0.42 -22.82
C ILE C 164 -29.11 0.15 -21.57
N GLU C 165 -29.16 -1.12 -21.16
CA GLU C 165 -29.92 -1.53 -19.98
C GLU C 165 -29.09 -2.52 -19.18
N PHE C 166 -29.16 -2.41 -17.85
CA PHE C 166 -28.45 -3.31 -16.96
C PHE C 166 -29.45 -4.14 -16.18
N TYR C 167 -29.17 -5.43 -16.05
CA TYR C 167 -29.95 -6.31 -15.21
C TYR C 167 -29.05 -7.41 -14.67
N TRP C 168 -29.49 -8.06 -13.61
CA TRP C 168 -28.76 -9.17 -13.03
C TRP C 168 -29.14 -10.46 -13.75
N ARG C 169 -28.14 -11.24 -14.14
CA ARG C 169 -28.39 -12.52 -14.79
C ARG C 169 -28.87 -13.55 -13.77
N GLY C 170 -30.18 -13.58 -13.54
CA GLY C 170 -30.75 -14.43 -12.51
C GLY C 170 -31.53 -13.64 -11.49
N ASP C 171 -31.01 -12.46 -11.15
CA ASP C 171 -31.69 -11.47 -10.30
C ASP C 171 -31.76 -11.92 -8.84
N ASP C 172 -31.39 -13.16 -8.56
CA ASP C 172 -31.29 -13.62 -7.19
C ASP C 172 -30.01 -14.40 -6.98
N ASN C 173 -29.53 -15.04 -8.04
CA ASN C 173 -28.32 -15.86 -8.00
C ASN C 173 -27.20 -15.25 -8.81
N ALA C 174 -27.29 -13.95 -9.11
CA ALA C 174 -26.23 -13.29 -9.87
C ALA C 174 -24.92 -13.27 -9.10
N VAL C 175 -24.99 -13.12 -7.77
CA VAL C 175 -23.81 -13.05 -6.92
C VAL C 175 -23.70 -14.34 -6.13
N THR C 176 -22.62 -15.06 -6.35
CA THR C 176 -22.35 -16.32 -5.67
C THR C 176 -21.06 -16.21 -4.88
N GLY C 177 -20.85 -17.16 -3.99
CA GLY C 177 -19.64 -17.21 -3.19
C GLY C 177 -19.61 -16.32 -1.99
N VAL C 178 -20.72 -15.68 -1.64
CA VAL C 178 -20.72 -14.77 -0.49
C VAL C 178 -20.78 -15.55 0.82
N THR C 179 -21.49 -16.67 0.85
CA THR C 179 -21.57 -17.48 2.07
C THR C 179 -20.29 -18.22 2.36
N LYS C 180 -19.33 -18.24 1.43
CA LYS C 180 -18.06 -18.90 1.62
C LYS C 180 -16.93 -17.93 1.97
N ILE C 181 -17.22 -16.64 2.01
CA ILE C 181 -16.21 -15.65 2.37
C ILE C 181 -16.00 -15.68 3.87
N GLU C 182 -14.77 -15.89 4.31
CA GLU C 182 -14.41 -15.91 5.72
C GLU C 182 -13.56 -14.68 6.02
N LEU C 183 -14.19 -13.68 6.63
CA LEU C 183 -13.47 -12.49 7.04
C LEU C 183 -12.86 -12.67 8.41
N PRO C 184 -11.65 -12.16 8.64
CA PRO C 184 -11.00 -12.38 9.94
C PRO C 184 -11.58 -11.54 11.05
N GLN C 185 -12.15 -10.38 10.74
CA GLN C 185 -12.67 -9.48 11.76
C GLN C 185 -14.17 -9.24 11.66
N PHE C 186 -14.80 -9.51 10.52
CA PHE C 186 -16.21 -9.26 10.31
C PHE C 186 -16.92 -10.57 10.00
N SER C 187 -18.19 -10.47 9.62
CA SER C 187 -18.97 -11.64 9.22
C SER C 187 -20.15 -11.16 8.38
N ILE C 188 -20.20 -11.60 7.13
CA ILE C 188 -21.28 -11.20 6.23
C ILE C 188 -22.59 -11.78 6.75
N VAL C 189 -23.54 -10.90 7.08
CA VAL C 189 -24.82 -11.34 7.61
C VAL C 189 -25.90 -11.22 6.54
N ASP C 190 -25.68 -10.35 5.56
CA ASP C 190 -26.71 -10.11 4.56
C ASP C 190 -26.10 -9.41 3.36
N TYR C 191 -26.67 -9.66 2.19
CA TYR C 191 -26.32 -8.94 0.97
C TYR C 191 -27.57 -8.73 0.13
N LYS C 192 -27.55 -7.67 -0.66
CA LYS C 192 -28.71 -7.28 -1.45
C LYS C 192 -28.29 -6.82 -2.83
N LEU C 193 -29.19 -7.02 -3.79
CA LEU C 193 -28.99 -6.66 -5.19
C LEU C 193 -30.09 -5.70 -5.62
N ILE C 194 -29.72 -4.48 -5.95
CA ILE C 194 -30.68 -3.42 -6.25
C ILE C 194 -30.39 -2.88 -7.64
N THR C 195 -31.33 -3.06 -8.55
CA THR C 195 -31.25 -2.47 -9.88
C THR C 195 -32.16 -1.25 -9.97
N LYS C 196 -31.70 -0.23 -10.69
CA LYS C 196 -32.46 1.01 -10.81
C LYS C 196 -31.93 1.79 -11.99
N LYS C 197 -32.56 2.94 -12.24
CA LYS C 197 -32.10 3.89 -13.25
C LYS C 197 -32.04 5.26 -12.59
N VAL C 198 -30.83 5.80 -12.47
CA VAL C 198 -30.65 7.09 -11.84
C VAL C 198 -30.81 8.18 -12.89
N VAL C 199 -31.54 9.24 -12.52
CA VAL C 199 -31.89 10.32 -13.45
C VAL C 199 -31.03 11.52 -13.10
N PHE C 200 -30.30 12.02 -14.10
CA PHE C 200 -29.46 13.20 -13.95
C PHE C 200 -29.82 14.20 -15.05
N SER C 201 -29.11 15.33 -15.06
CA SER C 201 -29.35 16.34 -16.09
C SER C 201 -28.90 15.86 -17.46
N THR C 202 -27.96 14.93 -17.53
CA THR C 202 -27.48 14.42 -18.81
C THR C 202 -28.30 13.26 -19.35
N GLY C 203 -29.05 12.58 -18.50
CA GLY C 203 -29.91 11.49 -18.95
C GLY C 203 -30.09 10.47 -17.84
N SER C 204 -30.86 9.44 -18.18
CA SER C 204 -31.13 8.35 -17.24
C SER C 204 -30.13 7.23 -17.48
N TYR C 205 -29.34 6.93 -16.46
CA TYR C 205 -28.27 5.94 -16.53
C TYR C 205 -28.62 4.70 -15.71
N PRO C 206 -28.39 3.51 -16.25
CA PRO C 206 -28.71 2.30 -15.50
C PRO C 206 -27.67 2.06 -14.41
N ARG C 207 -28.14 1.58 -13.25
CA ARG C 207 -27.23 1.31 -12.16
C ARG C 207 -27.64 0.02 -11.45
N LEU C 208 -26.64 -0.78 -11.11
CA LEU C 208 -26.80 -1.92 -10.23
C LEU C 208 -26.02 -1.67 -8.96
N SER C 209 -26.45 -2.29 -7.86
CA SER C 209 -25.79 -2.10 -6.58
C SER C 209 -25.80 -3.42 -5.83
N LEU C 210 -24.60 -3.88 -5.47
CA LEU C 210 -24.44 -5.09 -4.67
C LEU C 210 -23.94 -4.65 -3.29
N SER C 211 -24.81 -4.74 -2.29
CA SER C 211 -24.50 -4.21 -0.96
C SER C 211 -24.34 -5.34 0.04
N PHE C 212 -23.36 -5.21 0.92
CA PHE C 212 -23.15 -6.14 2.01
C PHE C 212 -23.36 -5.44 3.34
N LYS C 213 -23.75 -6.22 4.33
CA LYS C 213 -23.82 -5.79 5.73
C LYS C 213 -22.87 -6.66 6.53
N LEU C 214 -21.83 -6.05 7.09
CA LEU C 214 -20.81 -6.75 7.85
C LEU C 214 -21.01 -6.44 9.32
N LYS C 215 -21.16 -7.48 10.14
CA LYS C 215 -21.31 -7.34 11.58
C LYS C 215 -19.99 -7.65 12.26
N ARG C 216 -19.41 -6.64 12.91
CA ARG C 216 -18.08 -6.80 13.49
C ARG C 216 -18.12 -7.73 14.70
N ASN C 217 -17.27 -8.75 14.68
CA ASN C 217 -17.19 -9.68 15.78
C ASN C 217 -16.75 -8.96 17.06
N ILE C 218 -17.14 -9.52 18.19
CA ILE C 218 -16.96 -8.85 19.48
C ILE C 218 -16.03 -9.61 20.42
N GLY C 219 -15.88 -10.93 20.29
CA GLY C 219 -15.09 -11.69 21.24
C GLY C 219 -13.66 -11.18 21.36
N TYR C 220 -13.05 -10.84 20.23
CA TYR C 220 -11.67 -10.35 20.26
C TYR C 220 -11.57 -9.02 20.99
N PHE C 221 -12.45 -8.08 20.65
CA PHE C 221 -12.43 -6.78 21.31
C PHE C 221 -12.69 -6.91 22.80
N ILE C 222 -13.64 -7.77 23.17
CA ILE C 222 -13.87 -8.06 24.59
C ILE C 222 -12.58 -8.52 25.24
N LEU C 223 -12.04 -9.65 24.77
CA LEU C 223 -10.87 -10.26 25.37
C LEU C 223 -9.68 -9.31 25.46
N GLN C 224 -9.53 -8.40 24.49
CA GLN C 224 -8.33 -7.57 24.49
C GLN C 224 -8.51 -6.24 25.21
N THR C 225 -9.72 -5.69 25.27
CA THR C 225 -9.89 -4.35 25.82
C THR C 225 -10.80 -4.30 27.03
N TYR C 226 -11.90 -5.06 27.03
CA TYR C 226 -12.87 -4.89 28.11
C TYR C 226 -12.50 -5.68 29.34
N MET C 227 -11.91 -6.87 29.16
CA MET C 227 -11.46 -7.65 30.31
C MET C 227 -10.35 -6.96 31.09
N PRO C 228 -9.28 -6.45 30.47
CA PRO C 228 -8.24 -5.80 31.28
C PRO C 228 -8.73 -4.57 32.05
N SER C 229 -9.60 -3.76 31.44
CA SER C 229 -10.07 -2.56 32.11
C SER C 229 -10.89 -2.89 33.34
N ILE C 230 -11.85 -3.81 33.20
CA ILE C 230 -12.66 -4.21 34.34
C ILE C 230 -11.81 -4.91 35.39
N LEU C 231 -10.80 -5.66 34.95
CA LEU C 231 -9.93 -6.32 35.91
C LEU C 231 -9.13 -5.31 36.72
N ILE C 232 -8.60 -4.28 36.08
CA ILE C 232 -7.87 -3.25 36.81
C ILE C 232 -8.80 -2.47 37.72
N THR C 233 -10.05 -2.26 37.31
CA THR C 233 -11.00 -1.56 38.19
C THR C 233 -11.32 -2.39 39.43
N ILE C 234 -11.58 -3.68 39.24
CA ILE C 234 -11.82 -4.55 40.39
C ILE C 234 -10.60 -4.59 41.30
N LEU C 235 -9.41 -4.60 40.69
CA LEU C 235 -8.18 -4.54 41.48
C LEU C 235 -8.10 -3.25 42.29
N SER C 236 -8.50 -2.12 41.69
CA SER C 236 -8.50 -0.86 42.42
C SER C 236 -9.48 -0.90 43.59
N TRP C 237 -10.58 -1.64 43.44
CA TRP C 237 -11.53 -1.76 44.55
C TRP C 237 -10.92 -2.41 45.78
N VAL C 238 -9.81 -3.15 45.64
CA VAL C 238 -9.21 -3.86 46.77
C VAL C 238 -8.79 -2.89 47.86
N SER C 239 -8.42 -1.67 47.50
CA SER C 239 -7.90 -0.72 48.48
C SER C 239 -8.90 -0.34 49.55
N PHE C 240 -10.16 -0.77 49.44
CA PHE C 240 -11.15 -0.43 50.45
C PHE C 240 -11.10 -1.41 51.63
N TRP C 241 -10.85 -2.69 51.34
CA TRP C 241 -10.72 -3.67 52.41
C TRP C 241 -9.43 -3.51 53.18
N ILE C 242 -8.43 -2.84 52.61
CA ILE C 242 -7.21 -2.52 53.35
C ILE C 242 -7.52 -1.47 54.40
N ASN C 243 -6.90 -1.59 55.56
CA ASN C 243 -7.20 -0.70 56.67
C ASN C 243 -6.66 0.71 56.40
N TYR C 244 -7.27 1.69 57.08
CA TYR C 244 -6.93 3.09 56.86
C TYR C 244 -5.50 3.41 57.28
N ASP C 245 -4.96 2.70 58.27
CA ASP C 245 -3.61 3.00 58.73
C ASP C 245 -2.55 2.58 57.73
N ALA C 246 -2.87 1.61 56.88
CA ALA C 246 -1.98 1.23 55.79
C ALA C 246 -2.06 2.32 54.73
N SER C 247 -1.11 3.26 54.76
CA SER C 247 -1.11 4.38 53.85
C SER C 247 -0.34 4.06 52.56
N ALA C 248 0.88 3.56 52.71
CA ALA C 248 1.68 3.22 51.53
C ALA C 248 1.00 2.14 50.70
N ALA C 249 0.33 1.19 51.35
CA ALA C 249 -0.34 0.13 50.61
C ALA C 249 -1.45 0.69 49.73
N ARG C 250 -2.33 1.51 50.30
CA ARG C 250 -3.47 2.01 49.54
C ARG C 250 -3.01 3.00 48.47
N VAL C 251 -2.02 3.83 48.77
CA VAL C 251 -1.48 4.71 47.74
C VAL C 251 -0.87 3.91 46.60
N ALA C 252 -0.10 2.86 46.92
CA ALA C 252 0.46 2.01 45.88
C ALA C 252 -0.65 1.42 45.01
N LEU C 253 -1.66 0.83 45.65
CA LEU C 253 -2.76 0.25 44.89
C LEU C 253 -3.40 1.27 43.97
N GLY C 254 -3.84 2.40 44.52
CA GLY C 254 -4.55 3.37 43.71
C GLY C 254 -3.71 3.93 42.58
N ILE C 255 -2.49 4.37 42.89
CA ILE C 255 -1.68 5.04 41.88
C ILE C 255 -1.22 4.06 40.81
N THR C 256 -0.92 2.81 41.21
CA THR C 256 -0.53 1.82 40.23
C THR C 256 -1.70 1.41 39.35
N THR C 257 -2.92 1.42 39.90
CA THR C 257 -4.08 1.17 39.05
C THR C 257 -4.29 2.31 38.06
N VAL C 258 -4.08 3.55 38.49
CA VAL C 258 -4.14 4.68 37.57
C VAL C 258 -3.09 4.52 36.47
N LEU C 259 -1.88 4.13 36.84
CA LEU C 259 -0.81 3.99 35.86
C LEU C 259 -1.10 2.83 34.89
N THR C 260 -1.66 1.73 35.40
CA THR C 260 -1.99 0.61 34.53
C THR C 260 -3.12 0.97 33.59
N MET C 261 -4.12 1.70 34.07
CA MET C 261 -5.20 2.14 33.19
C MET C 261 -4.67 3.08 32.12
N THR C 262 -3.75 3.97 32.49
CA THR C 262 -3.14 4.85 31.49
C THR C 262 -2.36 4.05 30.45
N THR C 263 -1.59 3.06 30.90
CA THR C 263 -0.84 2.22 29.98
C THR C 263 -1.76 1.49 29.01
N ILE C 264 -2.82 0.88 29.54
CA ILE C 264 -3.78 0.17 28.70
C ILE C 264 -4.43 1.13 27.70
N ASN C 265 -4.80 2.32 28.15
CA ASN C 265 -5.47 3.26 27.26
C ASN C 265 -4.55 3.72 26.14
N THR C 266 -3.31 4.10 26.49
CA THR C 266 -2.40 4.58 25.46
C THR C 266 -1.89 3.46 24.55
N HIS C 267 -1.96 2.20 24.99
CA HIS C 267 -1.57 1.11 24.10
C HIS C 267 -2.73 0.68 23.21
N LEU C 268 -3.95 0.75 23.70
CA LEU C 268 -5.09 0.49 22.82
C LEU C 268 -5.34 1.66 21.87
N ARG C 269 -4.85 2.85 22.20
CA ARG C 269 -4.86 3.95 21.24
C ARG C 269 -4.01 3.62 20.03
N GLU C 270 -2.98 2.80 20.21
CA GLU C 270 -2.11 2.36 19.12
C GLU C 270 -2.63 1.09 18.46
N THR C 271 -3.16 0.15 19.24
CA THR C 271 -3.64 -1.10 18.69
C THR C 271 -4.87 -0.88 17.80
N LEU C 272 -5.83 -0.11 18.29
CA LEU C 272 -7.03 0.17 17.51
C LEU C 272 -6.68 0.99 16.26
N PRO C 273 -7.46 0.86 15.20
CA PRO C 273 -7.27 1.73 14.03
C PRO C 273 -7.43 3.19 14.43
N LYS C 274 -6.55 4.04 13.90
CA LYS C 274 -6.59 5.45 14.21
C LYS C 274 -7.83 6.06 13.58
N ILE C 275 -8.84 6.31 14.41
CA ILE C 275 -10.08 6.94 13.98
C ILE C 275 -10.30 8.18 14.84
N PRO C 276 -10.12 9.36 14.28
CA PRO C 276 -9.94 10.56 15.11
C PRO C 276 -11.21 11.16 15.66
N TYR C 277 -12.31 10.41 15.70
CA TYR C 277 -13.47 10.85 16.46
C TYR C 277 -13.78 9.83 17.55
N VAL C 278 -14.72 10.20 18.42
CA VAL C 278 -15.00 9.45 19.63
C VAL C 278 -15.82 8.21 19.30
N LYS C 279 -15.48 7.10 19.94
CA LYS C 279 -16.16 5.81 19.76
C LYS C 279 -16.64 5.30 21.11
N ALA C 280 -17.26 4.12 21.09
CA ALA C 280 -17.81 3.55 22.31
C ALA C 280 -16.74 3.00 23.24
N ILE C 281 -15.74 2.33 22.66
CA ILE C 281 -14.67 1.76 23.46
C ILE C 281 -13.90 2.85 24.20
N ASP C 282 -13.77 4.01 23.58
CA ASP C 282 -13.13 5.14 24.28
C ASP C 282 -13.98 5.59 25.46
N MET C 283 -15.31 5.60 25.29
CA MET C 283 -16.18 5.95 26.40
C MET C 283 -16.03 4.96 27.55
N TYR C 284 -15.92 3.67 27.24
CA TYR C 284 -15.75 2.67 28.30
C TYR C 284 -14.40 2.82 28.99
N LEU C 285 -13.34 3.05 28.22
CA LEU C 285 -12.02 3.24 28.83
C LEU C 285 -12.01 4.46 29.74
N MET C 286 -12.62 5.56 29.30
CA MET C 286 -12.71 6.75 30.15
C MET C 286 -13.56 6.49 31.38
N GLY C 287 -14.61 5.68 31.27
CA GLY C 287 -15.40 5.33 32.44
C GLY C 287 -14.58 4.58 33.47
N CYS C 288 -13.82 3.58 33.02
CA CYS C 288 -12.97 2.83 33.95
C CYS C 288 -11.91 3.72 34.58
N PHE C 289 -11.34 4.64 33.79
CA PHE C 289 -10.38 5.59 34.34
C PHE C 289 -11.01 6.47 35.40
N VAL C 290 -12.24 6.94 35.15
CA VAL C 290 -12.96 7.74 36.14
C VAL C 290 -13.19 6.94 37.41
N PHE C 291 -13.51 5.65 37.27
CA PHE C 291 -13.75 4.82 38.44
C PHE C 291 -12.48 4.68 39.28
N VAL C 292 -11.34 4.42 38.63
CA VAL C 292 -10.09 4.31 39.37
C VAL C 292 -9.74 5.63 40.05
N PHE C 293 -9.92 6.73 39.32
CA PHE C 293 -9.68 8.06 39.88
C PHE C 293 -10.54 8.28 41.12
N MET C 294 -11.83 7.90 41.06
CA MET C 294 -12.73 8.10 42.18
C MET C 294 -12.35 7.23 43.36
N ALA C 295 -11.89 6.00 43.11
CA ALA C 295 -11.42 5.15 44.19
C ALA C 295 -10.24 5.78 44.92
N LEU C 296 -9.26 6.26 44.17
CA LEU C 296 -8.09 6.86 44.80
C LEU C 296 -8.47 8.13 45.55
N LEU C 297 -9.37 8.94 44.99
CA LEU C 297 -9.82 10.14 45.68
C LEU C 297 -10.59 9.80 46.95
N GLU C 298 -11.36 8.71 46.92
CA GLU C 298 -12.04 8.26 48.13
C GLU C 298 -11.03 7.91 49.21
N TYR C 299 -9.97 7.20 48.84
CA TYR C 299 -8.93 6.90 49.83
C TYR C 299 -8.33 8.19 50.38
N ALA C 300 -8.07 9.16 49.51
CA ALA C 300 -7.48 10.42 49.98
C ALA C 300 -8.41 11.13 50.95
N LEU C 301 -9.72 11.15 50.65
CA LEU C 301 -10.69 11.73 51.56
C LEU C 301 -10.70 11.02 52.90
N VAL C 302 -10.67 9.69 52.88
CA VAL C 302 -10.62 8.92 54.13
C VAL C 302 -9.38 9.31 54.93
N ASN C 303 -8.23 9.36 54.26
CA ASN C 303 -6.99 9.69 54.97
C ASN C 303 -7.00 11.10 55.53
N TYR C 304 -7.76 12.01 54.90
CA TYR C 304 -7.75 13.39 55.36
C TYR C 304 -8.51 13.53 56.69
N ILE C 305 -9.74 13.02 56.76
CA ILE C 305 -10.61 13.23 57.90
C ILE C 305 -10.46 12.08 58.90
N PHE C 306 -9.39 11.29 58.74
CA PHE C 306 -9.17 10.15 59.62
C PHE C 306 -8.85 10.60 61.04
N PHE C 307 -7.83 11.44 61.21
CA PHE C 307 -7.37 11.79 62.54
C PHE C 307 -8.43 12.55 63.33
N SER C 308 -9.10 13.51 62.69
CA SER C 308 -10.07 14.33 63.41
C SER C 308 -11.33 13.55 63.75
N GLN C 309 -11.70 12.55 62.95
CA GLN C 309 -12.92 11.79 63.20
C GLN C 309 -12.82 10.42 62.55
N PRO C 310 -12.37 9.39 63.27
CA PRO C 310 -12.15 8.07 62.64
C PRO C 310 -13.43 7.32 62.34
N ALA C 311 -14.50 7.59 63.11
CA ALA C 311 -15.76 6.92 62.86
C ALA C 311 -16.34 7.32 61.51
N ARG C 312 -16.25 8.61 61.18
CA ARG C 312 -16.68 9.05 59.86
C ARG C 312 -15.85 8.39 58.76
N ALA C 313 -14.56 8.23 58.99
CA ALA C 313 -13.70 7.58 58.01
C ALA C 313 -14.12 6.13 57.79
N ALA C 314 -14.41 5.40 58.87
CA ALA C 314 -14.85 4.02 58.73
C ALA C 314 -16.20 3.94 58.02
N ALA C 315 -17.10 4.86 58.33
CA ALA C 315 -18.40 4.88 57.65
C ALA C 315 -18.24 5.14 56.15
N ILE C 316 -17.39 6.11 55.79
CA ILE C 316 -17.13 6.39 54.38
C ILE C 316 -16.51 5.19 53.69
N ASP C 317 -15.58 4.52 54.37
CA ASP C 317 -14.93 3.35 53.78
C ASP C 317 -15.92 2.23 53.52
N ARG C 318 -16.79 1.94 54.50
CA ARG C 318 -17.79 0.90 54.30
C ARG C 318 -18.77 1.28 53.21
N TRP C 319 -19.19 2.54 53.16
CA TRP C 319 -20.11 2.99 52.12
C TRP C 319 -19.49 2.80 50.74
N SER C 320 -18.24 3.21 50.57
CA SER C 320 -17.58 3.04 49.28
C SER C 320 -17.45 1.56 48.93
N ARG C 321 -17.00 0.76 49.90
CA ARG C 321 -16.85 -0.69 49.71
C ARG C 321 -18.16 -1.33 49.27
N ILE C 322 -19.29 -0.79 49.69
CA ILE C 322 -20.58 -1.36 49.30
C ILE C 322 -21.09 -0.79 47.97
N PHE C 323 -20.84 0.50 47.71
CA PHE C 323 -21.57 1.20 46.65
C PHE C 323 -20.72 1.58 45.45
N PHE C 324 -19.43 1.24 45.41
CA PHE C 324 -18.73 1.43 44.15
C PHE C 324 -19.00 0.30 43.15
N PRO C 325 -18.99 -0.97 43.56
CA PRO C 325 -19.43 -2.02 42.62
C PRO C 325 -20.85 -1.83 42.12
N VAL C 326 -21.72 -1.23 42.93
CA VAL C 326 -23.09 -0.98 42.50
C VAL C 326 -23.11 0.01 41.34
N VAL C 327 -22.42 1.13 41.49
CA VAL C 327 -22.38 2.14 40.43
C VAL C 327 -21.68 1.58 39.20
N PHE C 328 -20.65 0.74 39.41
CA PHE C 328 -19.97 0.15 38.26
C PHE C 328 -20.89 -0.79 37.49
N SER C 329 -21.67 -1.62 38.20
CA SER C 329 -22.60 -2.51 37.51
C SER C 329 -23.71 -1.72 36.82
N PHE C 330 -24.16 -0.63 37.44
CA PHE C 330 -25.17 0.21 36.80
C PHE C 330 -24.64 0.83 35.52
N PHE C 331 -23.42 1.35 35.56
CA PHE C 331 -22.80 1.93 34.36
C PHE C 331 -22.59 0.85 33.30
N ASN C 332 -22.20 -0.35 33.71
CA ASN C 332 -22.04 -1.45 32.77
C ASN C 332 -23.35 -1.76 32.07
N ILE C 333 -24.43 -1.87 32.84
CA ILE C 333 -25.73 -2.20 32.24
C ILE C 333 -26.15 -1.11 31.26
N VAL C 334 -26.03 0.16 31.67
CA VAL C 334 -26.43 1.27 30.81
C VAL C 334 -25.62 1.26 29.52
N TYR C 335 -24.29 1.12 29.65
CA TYR C 335 -23.42 1.15 28.48
C TYR C 335 -23.73 -0.01 27.54
N TRP C 336 -23.83 -1.23 28.07
CA TRP C 336 -24.02 -2.39 27.22
C TRP C 336 -25.43 -2.48 26.65
N LEU C 337 -26.38 -1.74 27.22
CA LEU C 337 -27.69 -1.66 26.57
C LEU C 337 -27.75 -0.57 25.52
N TYR C 338 -27.07 0.55 25.75
CA TYR C 338 -27.17 1.67 24.81
C TYR C 338 -26.49 1.36 23.49
N TYR C 339 -25.38 0.63 23.51
CA TYR C 339 -24.61 0.36 22.30
C TYR C 339 -24.96 -0.96 21.64
N VAL C 340 -25.94 -1.70 22.17
CA VAL C 340 -26.42 -2.91 21.52
C VAL C 340 -27.92 -2.80 21.30
N ASP D 10 -30.02 0.59 -43.79
CA ASP D 10 -28.72 1.25 -43.85
C ASP D 10 -28.66 2.44 -42.91
N ASN D 11 -29.25 2.28 -41.72
CA ASN D 11 -29.24 3.36 -40.74
C ASN D 11 -27.86 3.61 -40.16
N THR D 12 -26.94 2.66 -40.31
CA THR D 12 -25.58 2.81 -39.81
C THR D 12 -24.63 3.39 -40.85
N THR D 13 -25.00 3.41 -42.13
CA THR D 13 -24.05 3.83 -43.16
C THR D 13 -23.81 5.34 -43.11
N VAL D 14 -24.84 6.14 -42.84
CA VAL D 14 -24.63 7.57 -42.75
C VAL D 14 -23.85 7.93 -41.50
N PHE D 15 -24.06 7.18 -40.42
CA PHE D 15 -23.33 7.42 -39.18
C PHE D 15 -21.85 7.11 -39.36
N THR D 16 -21.54 5.95 -39.94
CA THR D 16 -20.14 5.61 -40.17
C THR D 16 -19.50 6.51 -41.23
N ARG D 17 -20.30 7.02 -42.18
CA ARG D 17 -19.76 8.00 -43.12
C ARG D 17 -19.38 9.29 -42.41
N ILE D 18 -20.25 9.76 -41.51
CA ILE D 18 -19.93 10.93 -40.71
C ILE D 18 -18.67 10.69 -39.91
N LEU D 19 -18.56 9.52 -39.29
CA LEU D 19 -17.42 9.22 -38.44
C LEU D 19 -16.12 9.16 -39.25
N ASP D 20 -16.17 8.61 -40.47
CA ASP D 20 -14.98 8.53 -41.28
C ASP D 20 -14.57 9.89 -41.84
N ARG D 21 -15.53 10.69 -42.27
CA ARG D 21 -15.23 12.01 -42.82
C ARG D 21 -15.04 13.07 -41.74
N LEU D 22 -15.17 12.71 -40.46
CA LEU D 22 -15.01 13.70 -39.40
C LEU D 22 -13.56 14.11 -39.25
N LEU D 23 -12.65 13.15 -39.11
CA LEU D 23 -11.24 13.42 -38.89
C LEU D 23 -10.46 13.49 -40.19
N ASP D 24 -11.10 13.87 -41.29
CA ASP D 24 -10.43 14.01 -42.58
C ASP D 24 -9.75 15.38 -42.62
N GLY D 25 -8.42 15.38 -42.60
CA GLY D 25 -7.69 16.62 -42.60
C GLY D 25 -7.53 17.26 -41.24
N TYR D 26 -7.67 16.50 -40.16
CA TYR D 26 -7.55 17.02 -38.81
C TYR D 26 -6.13 16.86 -38.29
N ASP D 27 -5.67 17.86 -37.53
CA ASP D 27 -4.33 17.86 -36.95
C ASP D 27 -4.46 18.08 -35.45
N ASN D 28 -4.14 17.06 -34.66
CA ASN D 28 -4.25 17.17 -33.21
C ASN D 28 -3.04 17.80 -32.57
N ARG D 29 -2.16 18.43 -33.35
CA ARG D 29 -1.04 19.19 -32.83
C ARG D 29 -1.33 20.68 -32.80
N LEU D 30 -2.48 21.11 -33.33
CA LEU D 30 -2.85 22.51 -33.41
C LEU D 30 -4.15 22.73 -32.65
N ARG D 31 -4.18 23.74 -31.80
CA ARG D 31 -5.39 24.02 -31.06
C ARG D 31 -6.41 24.70 -31.96
N PRO D 32 -7.70 24.55 -31.67
CA PRO D 32 -8.72 25.22 -32.47
C PRO D 32 -8.58 26.74 -32.40
N GLY D 33 -8.52 27.37 -33.57
CA GLY D 33 -8.25 28.79 -33.62
C GLY D 33 -6.83 29.08 -33.20
N LEU D 34 -5.87 28.63 -34.01
CA LEU D 34 -4.46 28.81 -33.64
C LEU D 34 -4.04 30.27 -33.73
N GLY D 35 -4.32 30.92 -34.86
CA GLY D 35 -3.93 32.30 -35.03
C GLY D 35 -5.12 33.23 -35.10
N GLU D 36 -6.32 32.67 -35.04
CA GLU D 36 -7.55 33.45 -35.18
C GLU D 36 -8.16 33.85 -33.84
N ARG D 37 -8.18 32.95 -32.87
CA ARG D 37 -8.93 33.18 -31.64
C ARG D 37 -8.07 32.77 -30.45
N VAL D 38 -8.71 32.72 -29.29
CA VAL D 38 -8.11 32.19 -28.06
C VAL D 38 -9.00 31.05 -27.59
N THR D 39 -8.41 29.86 -27.45
CA THR D 39 -9.20 28.68 -27.09
C THR D 39 -9.74 28.85 -25.68
N GLU D 40 -11.07 28.89 -25.56
CA GLU D 40 -11.74 29.10 -24.28
C GLU D 40 -12.30 27.77 -23.81
N VAL D 41 -11.70 27.24 -22.74
CA VAL D 41 -12.13 25.98 -22.15
C VAL D 41 -13.02 26.30 -20.96
N LYS D 42 -14.23 25.75 -20.96
CA LYS D 42 -15.17 25.90 -19.85
C LYS D 42 -15.09 24.65 -18.98
N THR D 43 -14.74 24.84 -17.72
CA THR D 43 -14.43 23.74 -16.82
C THR D 43 -15.52 23.56 -15.78
N ASP D 44 -15.69 22.32 -15.33
CA ASP D 44 -16.65 21.97 -14.30
C ASP D 44 -16.08 20.80 -13.50
N ILE D 45 -16.43 20.74 -12.22
CA ILE D 45 -15.92 19.71 -11.32
C ILE D 45 -17.07 19.19 -10.47
N PHE D 46 -17.25 17.87 -10.46
CA PHE D 46 -18.20 17.23 -9.56
C PHE D 46 -17.42 16.30 -8.64
N VAL D 47 -17.36 16.64 -7.36
CA VAL D 47 -16.59 15.89 -6.38
C VAL D 47 -17.47 14.75 -5.86
N THR D 48 -17.21 13.54 -6.35
CA THR D 48 -18.00 12.40 -5.90
C THR D 48 -17.69 12.02 -4.46
N SER D 49 -16.44 12.17 -4.03
CA SER D 49 -16.07 11.84 -2.66
C SER D 49 -14.80 12.59 -2.31
N PHE D 50 -14.82 13.29 -1.17
CA PHE D 50 -13.65 13.98 -0.65
C PHE D 50 -12.88 12.99 0.21
N GLY D 51 -11.83 12.41 -0.36
CA GLY D 51 -11.15 11.30 0.25
C GLY D 51 -10.45 11.68 1.53
N PRO D 52 -9.75 10.71 2.13
CA PRO D 52 -9.14 10.91 3.45
C PRO D 52 -8.04 11.96 3.39
N VAL D 53 -8.17 12.99 4.21
CA VAL D 53 -7.13 14.01 4.32
C VAL D 53 -6.00 13.43 5.17
N SER D 54 -4.85 13.23 4.54
CA SER D 54 -3.69 12.67 5.23
C SER D 54 -2.96 13.80 5.93
N ASP D 55 -2.89 13.74 7.26
CA ASP D 55 -2.30 14.83 8.03
C ASP D 55 -0.78 14.71 8.09
N HIS D 56 -0.26 13.49 8.17
CA HIS D 56 1.19 13.30 8.23
C HIS D 56 1.85 13.58 6.90
N ASP D 57 1.13 13.38 5.80
CA ASP D 57 1.68 13.59 4.47
C ASP D 57 1.34 14.97 3.91
N MET D 58 0.58 15.78 4.64
CA MET D 58 0.19 17.12 4.20
C MET D 58 -0.46 17.08 2.82
N GLU D 59 -1.29 16.05 2.60
CA GLU D 59 -1.93 15.86 1.31
C GLU D 59 -3.36 15.39 1.54
N TYR D 60 -4.17 15.53 0.49
CA TYR D 60 -5.57 15.11 0.55
C TYR D 60 -5.97 14.47 -0.76
N THR D 61 -6.82 13.46 -0.67
CA THR D 61 -7.32 12.74 -1.83
C THR D 61 -8.71 13.26 -2.19
N ILE D 62 -8.97 13.37 -3.49
CA ILE D 62 -10.27 13.79 -3.98
C ILE D 62 -10.59 12.96 -5.22
N ASP D 63 -11.87 12.71 -5.44
CA ASP D 63 -12.33 11.90 -6.56
C ASP D 63 -13.33 12.74 -7.35
N VAL D 64 -13.00 13.09 -8.59
CA VAL D 64 -13.76 14.10 -9.30
C VAL D 64 -14.12 13.61 -10.70
N PHE D 65 -15.32 13.97 -11.13
CA PHE D 65 -15.67 14.03 -12.54
C PHE D 65 -15.26 15.42 -13.03
N PHE D 66 -14.20 15.45 -13.84
CA PHE D 66 -13.63 16.68 -14.37
C PHE D 66 -14.13 16.85 -15.80
N ARG D 67 -14.90 17.90 -16.03
CA ARG D 67 -15.55 18.11 -17.32
C ARG D 67 -14.99 19.37 -17.97
N GLN D 68 -14.71 19.29 -19.26
CA GLN D 68 -14.21 20.42 -20.03
C GLN D 68 -14.94 20.52 -21.36
N SER D 69 -15.34 21.73 -21.71
CA SER D 69 -16.05 21.99 -22.96
C SER D 69 -15.30 23.05 -23.74
N TRP D 70 -15.03 22.78 -25.01
CA TRP D 70 -14.42 23.80 -25.86
C TRP D 70 -15.10 23.76 -27.21
N LYS D 71 -14.63 24.59 -28.14
CA LYS D 71 -15.24 24.73 -29.45
C LYS D 71 -14.19 24.46 -30.51
N ASP D 72 -14.48 23.52 -31.39
CA ASP D 72 -13.57 23.12 -32.46
C ASP D 72 -14.32 23.25 -33.79
N GLU D 73 -14.01 24.29 -34.55
CA GLU D 73 -14.68 24.53 -35.82
C GLU D 73 -14.31 23.51 -36.88
N ARG D 74 -13.25 22.72 -36.66
CA ARG D 74 -12.84 21.72 -37.63
C ARG D 74 -13.64 20.43 -37.52
N LEU D 75 -14.44 20.28 -36.48
CA LEU D 75 -15.24 19.08 -36.27
C LEU D 75 -16.73 19.33 -36.50
N LYS D 76 -17.06 20.39 -37.24
CA LYS D 76 -18.45 20.65 -37.57
C LYS D 76 -18.94 19.63 -38.59
N PHE D 77 -20.03 18.95 -38.26
CA PHE D 77 -20.63 17.95 -39.12
C PHE D 77 -22.12 18.21 -39.24
N LYS D 78 -22.73 17.58 -40.24
CA LYS D 78 -24.17 17.67 -40.45
C LYS D 78 -24.73 16.26 -40.58
N GLY D 79 -25.86 16.02 -39.94
CA GLY D 79 -26.47 14.71 -39.96
C GLY D 79 -27.81 14.68 -39.26
N PRO D 80 -28.41 13.49 -39.20
CA PRO D 80 -29.72 13.37 -38.52
C PRO D 80 -29.63 13.54 -37.02
N MET D 81 -28.48 13.25 -36.41
CA MET D 81 -28.33 13.32 -34.97
C MET D 81 -27.74 14.67 -34.57
N THR D 82 -28.09 15.10 -33.34
CA THR D 82 -27.59 16.35 -32.79
C THR D 82 -26.25 16.18 -32.08
N VAL D 83 -26.11 15.13 -31.29
CA VAL D 83 -24.89 14.86 -30.53
C VAL D 83 -24.32 13.53 -31.01
N LEU D 84 -23.01 13.50 -31.21
CA LEU D 84 -22.29 12.33 -31.65
C LEU D 84 -21.28 11.95 -30.57
N ARG D 85 -21.44 10.77 -29.99
CA ARG D 85 -20.52 10.28 -28.99
C ARG D 85 -19.37 9.54 -29.66
N LEU D 86 -18.14 9.83 -29.23
CA LEU D 86 -16.96 9.21 -29.79
C LEU D 86 -16.40 8.17 -28.84
N ASN D 87 -15.79 7.13 -29.41
CA ASN D 87 -15.10 6.15 -28.59
C ASN D 87 -13.70 6.63 -28.26
N ASN D 88 -13.11 6.02 -27.23
CA ASN D 88 -11.81 6.46 -26.75
C ASN D 88 -10.70 6.26 -27.78
N LEU D 89 -10.91 5.37 -28.76
CA LEU D 89 -9.97 5.27 -29.86
C LEU D 89 -10.00 6.53 -30.72
N MET D 90 -11.13 7.23 -30.75
CA MET D 90 -11.27 8.45 -31.52
C MET D 90 -10.93 9.70 -30.70
N ALA D 91 -11.15 9.64 -29.38
CA ALA D 91 -10.89 10.81 -28.54
C ALA D 91 -9.41 11.14 -28.50
N SER D 92 -8.53 10.16 -28.68
CA SER D 92 -7.10 10.41 -28.67
C SER D 92 -6.59 11.00 -29.97
N LYS D 93 -7.40 10.95 -31.03
CA LYS D 93 -6.96 11.48 -32.32
C LYS D 93 -7.26 12.97 -32.48
N ILE D 94 -8.03 13.56 -31.56
CA ILE D 94 -8.38 14.97 -31.66
C ILE D 94 -7.59 15.75 -30.61
N TRP D 95 -7.66 17.07 -30.70
CA TRP D 95 -6.96 17.92 -29.77
C TRP D 95 -7.76 18.09 -28.48
N THR D 96 -7.12 17.81 -27.35
CA THR D 96 -7.72 18.00 -26.05
C THR D 96 -6.80 18.86 -25.20
N PRO D 97 -7.34 19.74 -24.36
CA PRO D 97 -6.48 20.59 -23.54
C PRO D 97 -5.70 19.78 -22.54
N ASP D 98 -4.44 20.17 -22.33
CA ASP D 98 -3.55 19.45 -21.43
C ASP D 98 -3.60 20.04 -20.03
N THR D 99 -4.78 19.96 -19.43
CA THR D 99 -4.98 20.47 -18.08
C THR D 99 -4.15 19.66 -17.09
N PHE D 100 -3.42 20.35 -16.22
CA PHE D 100 -2.65 19.72 -15.18
C PHE D 100 -2.87 20.46 -13.87
N PHE D 101 -2.70 19.73 -12.77
CA PHE D 101 -2.97 20.26 -11.43
C PHE D 101 -1.67 20.74 -10.81
N HIS D 102 -1.65 22.01 -10.40
CA HIS D 102 -0.40 22.63 -9.98
C HIS D 102 0.14 22.04 -8.68
N ASN D 103 -0.74 21.56 -7.81
CA ASN D 103 -0.32 20.97 -6.54
C ASN D 103 -0.61 19.48 -6.47
N GLY D 104 -0.96 18.85 -7.59
CA GLY D 104 -1.20 17.42 -7.57
C GLY D 104 0.11 16.67 -7.42
N LYS D 105 0.05 15.58 -6.65
CA LYS D 105 1.22 14.74 -6.41
C LYS D 105 1.23 13.51 -7.29
N LYS D 106 0.21 12.67 -7.17
CA LYS D 106 0.15 11.41 -7.90
C LYS D 106 -1.32 11.09 -8.13
N SER D 107 -1.84 11.50 -9.27
CA SER D 107 -3.23 11.28 -9.62
C SER D 107 -3.35 10.06 -10.51
N VAL D 108 -4.48 9.36 -10.38
CA VAL D 108 -4.75 8.20 -11.22
C VAL D 108 -5.97 8.51 -12.08
N ALA D 109 -5.96 7.96 -13.29
CA ALA D 109 -7.09 8.05 -14.22
C ALA D 109 -7.62 6.65 -14.41
N HIS D 110 -8.85 6.41 -13.97
CA HIS D 110 -9.41 5.06 -13.97
C HIS D 110 -9.66 4.58 -15.39
N ASN D 111 -9.40 3.30 -15.63
CA ASN D 111 -9.70 2.63 -16.89
C ASN D 111 -10.36 1.29 -16.62
N MET D 112 -11.35 1.29 -15.74
CA MET D 112 -12.06 0.10 -15.30
C MET D 112 -13.55 0.29 -15.55
N THR D 113 -14.12 -0.51 -16.44
CA THR D 113 -13.41 -1.55 -17.17
C THR D 113 -12.82 -1.03 -18.47
N MET D 114 -13.35 0.09 -18.94
CA MET D 114 -12.82 0.84 -20.06
C MET D 114 -12.28 2.16 -19.57
N PRO D 115 -11.47 2.87 -20.36
CA PRO D 115 -11.02 4.20 -19.95
C PRO D 115 -12.19 5.12 -19.63
N ASN D 116 -12.23 5.63 -18.40
CA ASN D 116 -13.36 6.42 -17.93
C ASN D 116 -13.32 7.83 -18.49
N LYS D 117 -13.38 7.91 -19.82
CA LYS D 117 -13.38 9.17 -20.54
C LYS D 117 -14.53 9.17 -21.53
N LEU D 118 -15.28 10.26 -21.56
CA LEU D 118 -16.41 10.39 -22.46
C LEU D 118 -16.24 11.65 -23.29
N LEU D 119 -16.32 11.51 -24.61
CA LEU D 119 -16.20 12.62 -25.54
C LEU D 119 -17.44 12.71 -26.40
N ARG D 120 -18.05 13.89 -26.43
CA ARG D 120 -19.26 14.14 -27.20
C ARG D 120 -19.07 15.38 -28.06
N ILE D 121 -19.57 15.34 -29.28
CA ILE D 121 -19.43 16.43 -30.24
C ILE D 121 -20.82 16.85 -30.71
N THR D 122 -21.12 18.13 -30.59
CA THR D 122 -22.37 18.65 -31.12
C THR D 122 -22.18 19.13 -32.55
N GLU D 123 -23.31 19.35 -33.24
CA GLU D 123 -23.26 19.70 -34.66
C GLU D 123 -22.53 21.00 -34.91
N ASP D 124 -22.47 21.90 -33.93
CA ASP D 124 -21.83 23.20 -34.11
C ASP D 124 -20.37 23.21 -33.71
N GLY D 125 -19.77 22.04 -33.49
CA GLY D 125 -18.37 21.95 -33.15
C GLY D 125 -18.05 21.96 -31.68
N THR D 126 -19.06 22.04 -30.82
CA THR D 126 -18.81 22.03 -29.37
C THR D 126 -18.40 20.63 -28.93
N LEU D 127 -17.39 20.58 -28.07
CA LEU D 127 -16.82 19.34 -27.58
C LEU D 127 -16.96 19.30 -26.07
N LEU D 128 -17.54 18.21 -25.56
CA LEU D 128 -17.63 17.94 -24.13
C LEU D 128 -16.77 16.73 -23.81
N TYR D 129 -15.92 16.86 -22.78
CA TYR D 129 -14.90 15.86 -22.48
C TYR D 129 -14.90 15.65 -20.97
N THR D 130 -15.38 14.49 -20.53
CA THR D 130 -15.48 14.17 -19.12
C THR D 130 -14.49 13.08 -18.76
N MET D 131 -13.80 13.26 -17.64
CA MET D 131 -12.85 12.29 -17.12
C MET D 131 -13.13 12.04 -15.65
N ARG D 132 -13.33 10.80 -15.27
CA ARG D 132 -13.41 10.45 -13.87
C ARG D 132 -12.02 10.10 -13.38
N LEU D 133 -11.55 10.79 -12.35
CA LEU D 133 -10.17 10.59 -11.95
C LEU D 133 -9.98 10.95 -10.48
N THR D 134 -8.98 10.34 -9.86
CA THR D 134 -8.63 10.56 -8.47
C THR D 134 -7.38 11.42 -8.41
N VAL D 135 -7.48 12.56 -7.73
CA VAL D 135 -6.40 13.52 -7.61
C VAL D 135 -5.90 13.51 -6.17
N ARG D 136 -4.62 13.24 -5.98
CA ARG D 136 -3.98 13.28 -4.67
C ARG D 136 -3.15 14.54 -4.62
N ALA D 137 -3.68 15.59 -4.01
CA ALA D 137 -3.08 16.92 -4.08
C ALA D 137 -2.42 17.28 -2.76
N GLU D 138 -1.61 18.33 -2.80
CA GLU D 138 -0.87 18.81 -1.65
C GLU D 138 -1.72 19.78 -0.84
N CYS D 139 -1.85 19.52 0.46
CA CYS D 139 -2.66 20.32 1.37
C CYS D 139 -1.72 20.89 2.43
N PRO D 140 -1.14 22.07 2.20
CA PRO D 140 -0.24 22.66 3.20
C PRO D 140 -1.00 23.05 4.46
N MET D 141 -0.55 22.54 5.60
CA MET D 141 -1.25 22.69 6.87
C MET D 141 -0.37 23.42 7.87
N HIS D 142 -0.93 24.43 8.52
CA HIS D 142 -0.25 25.12 9.61
C HIS D 142 -0.90 24.66 10.92
N LEU D 143 -0.13 23.97 11.74
CA LEU D 143 -0.65 23.27 12.90
C LEU D 143 -0.37 24.04 14.19
N GLU D 144 -0.47 25.36 14.13
CA GLU D 144 -0.25 26.18 15.32
C GLU D 144 -1.38 26.04 16.34
N ASP D 145 -2.57 25.61 15.90
CA ASP D 145 -3.73 25.51 16.78
C ASP D 145 -4.17 24.07 17.03
N PHE D 146 -3.32 23.10 16.71
CA PHE D 146 -3.69 21.69 16.87
C PHE D 146 -4.13 21.43 18.31
N PRO D 147 -5.29 20.79 18.53
CA PRO D 147 -6.22 20.25 17.55
C PRO D 147 -7.43 21.14 17.27
N MET D 148 -7.28 22.45 17.49
CA MET D 148 -8.36 23.40 17.23
C MET D 148 -8.12 24.18 15.94
N ASP D 149 -7.45 23.57 14.97
CA ASP D 149 -7.06 24.24 13.74
C ASP D 149 -8.15 24.15 12.69
N ALA D 150 -8.18 25.15 11.81
CA ALA D 150 -9.06 25.17 10.65
C ALA D 150 -8.21 25.40 9.42
N HIS D 151 -8.33 24.52 8.44
CA HIS D 151 -7.54 24.60 7.23
C HIS D 151 -8.43 24.94 6.04
N ALA D 152 -7.80 25.41 4.97
CA ALA D 152 -8.47 25.66 3.70
C ALA D 152 -7.48 25.28 2.61
N CYS D 153 -7.53 24.05 2.16
CA CYS D 153 -6.45 23.83 1.21
C CYS D 153 -6.96 23.67 -0.20
N PRO D 154 -6.14 24.03 -1.19
CA PRO D 154 -6.66 24.22 -2.54
C PRO D 154 -6.49 23.02 -3.46
N LEU D 155 -7.29 23.02 -4.52
CA LEU D 155 -7.05 22.26 -5.73
C LEU D 155 -6.86 23.30 -6.83
N LYS D 156 -5.62 23.47 -7.28
CA LYS D 156 -5.30 24.42 -8.33
C LYS D 156 -4.98 23.65 -9.60
N PHE D 157 -5.67 23.98 -10.67
CA PHE D 157 -5.39 23.38 -11.95
C PHE D 157 -5.26 24.46 -13.01
N GLY D 158 -4.81 24.06 -14.18
CA GLY D 158 -4.59 25.02 -15.23
C GLY D 158 -4.10 24.31 -16.46
N SER D 159 -3.50 25.04 -17.37
CA SER D 159 -2.98 24.47 -18.59
C SER D 159 -1.46 24.42 -18.54
N TYR D 160 -0.91 23.38 -19.14
CA TYR D 160 0.52 23.28 -19.36
C TYR D 160 0.77 23.59 -20.82
N ALA D 161 1.93 24.17 -21.12
CA ALA D 161 2.39 24.45 -22.48
C ALA D 161 1.58 25.50 -23.22
N TYR D 162 0.54 26.07 -22.62
CA TYR D 162 -0.32 27.02 -23.32
C TYR D 162 -0.52 28.24 -22.43
N THR D 163 -0.09 29.40 -22.90
CA THR D 163 -0.10 30.61 -22.10
C THR D 163 -1.48 31.24 -22.10
N ARG D 164 -1.56 32.48 -21.59
CA ARG D 164 -2.84 33.21 -21.46
C ARG D 164 -3.35 33.72 -22.82
N ALA D 165 -2.45 33.90 -23.79
CA ALA D 165 -2.83 34.37 -25.11
C ALA D 165 -3.28 33.25 -26.03
N GLU D 166 -3.24 32.00 -25.57
CA GLU D 166 -3.61 30.86 -26.40
C GLU D 166 -4.76 30.05 -25.81
N VAL D 167 -4.69 29.68 -24.54
CA VAL D 167 -5.71 28.87 -23.90
C VAL D 167 -6.07 29.52 -22.57
N VAL D 168 -7.30 30.02 -22.47
CA VAL D 168 -7.82 30.56 -21.23
C VAL D 168 -8.86 29.59 -20.69
N TYR D 169 -9.01 29.61 -19.37
CA TYR D 169 -10.00 28.78 -18.70
C TYR D 169 -11.09 29.67 -18.11
N GLU D 170 -12.25 29.05 -17.89
CA GLU D 170 -13.38 29.76 -17.30
C GLU D 170 -14.37 28.72 -16.80
N TRP D 171 -15.04 29.03 -15.70
CA TRP D 171 -16.04 28.12 -15.19
C TRP D 171 -17.25 28.10 -16.11
N THR D 172 -17.91 26.95 -16.18
CA THR D 172 -19.02 26.81 -17.11
C THR D 172 -20.31 27.42 -16.57
N ARG D 173 -20.55 27.29 -15.28
CA ARG D 173 -21.67 27.94 -14.61
C ARG D 173 -21.14 29.08 -13.75
N GLU D 174 -22.04 29.71 -13.01
CA GLU D 174 -21.61 30.74 -12.07
C GLU D 174 -20.59 30.15 -11.11
N PRO D 175 -19.49 30.85 -10.83
CA PRO D 175 -18.42 30.28 -10.01
C PRO D 175 -18.89 29.70 -8.68
N ALA D 176 -19.99 30.18 -8.12
CA ALA D 176 -20.54 29.59 -6.92
C ALA D 176 -21.25 28.27 -7.18
N ARG D 177 -21.47 27.92 -8.44
CA ARG D 177 -22.22 26.71 -8.79
C ARG D 177 -21.46 25.85 -9.78
N SER D 178 -20.12 25.90 -9.75
CA SER D 178 -19.30 25.10 -10.65
C SER D 178 -18.77 23.85 -9.95
N VAL D 179 -18.02 24.01 -8.87
CA VAL D 179 -17.51 22.88 -8.12
C VAL D 179 -18.63 22.38 -7.21
N VAL D 180 -19.23 21.24 -7.59
CA VAL D 180 -20.37 20.69 -6.86
C VAL D 180 -19.87 19.49 -6.06
N VAL D 181 -19.91 19.58 -4.75
CA VAL D 181 -19.55 18.46 -3.88
C VAL D 181 -20.81 17.66 -3.61
N ALA D 182 -20.73 16.34 -3.78
CA ALA D 182 -21.86 15.48 -3.53
C ALA D 182 -22.29 15.55 -2.06
N GLU D 183 -23.45 14.96 -1.78
CA GLU D 183 -23.96 14.98 -0.41
C GLU D 183 -23.12 14.12 0.51
N ASP D 184 -22.91 12.85 0.15
CA ASP D 184 -22.07 11.94 0.91
C ASP D 184 -20.61 11.99 0.49
N GLY D 185 -20.19 13.07 -0.19
CA GLY D 185 -18.83 13.14 -0.67
C GLY D 185 -17.80 13.21 0.45
N SER D 186 -18.20 13.72 1.61
CA SER D 186 -17.27 13.91 2.72
C SER D 186 -16.89 12.55 3.29
N ARG D 187 -15.72 12.05 2.92
CA ARG D 187 -15.14 10.83 3.49
C ARG D 187 -14.14 11.16 4.58
N LEU D 188 -14.41 12.21 5.34
CA LEU D 188 -13.51 12.70 6.38
C LEU D 188 -14.06 12.29 7.74
N ASN D 189 -13.28 11.51 8.48
CA ASN D 189 -13.61 11.24 9.87
C ASN D 189 -12.98 12.25 10.82
N GLN D 190 -11.81 12.77 10.46
CA GLN D 190 -11.10 13.71 11.32
C GLN D 190 -11.69 15.12 11.21
N TYR D 191 -11.89 15.60 9.99
CA TYR D 191 -12.29 16.98 9.75
C TYR D 191 -13.78 17.06 9.48
N ASP D 192 -14.25 18.26 9.16
CA ASP D 192 -15.65 18.52 8.82
C ASP D 192 -15.66 19.48 7.65
N LEU D 193 -15.92 18.96 6.45
CA LEU D 193 -15.94 19.79 5.25
C LEU D 193 -17.03 20.84 5.34
N LEU D 194 -16.63 22.11 5.31
CA LEU D 194 -17.56 23.21 5.50
C LEU D 194 -18.12 23.74 4.18
N GLY D 195 -17.26 24.16 3.28
CA GLY D 195 -17.68 24.75 2.03
C GLY D 195 -16.65 24.63 0.96
N GLN D 196 -16.57 25.65 0.10
CA GLN D 196 -15.65 25.68 -1.02
C GLN D 196 -15.66 27.09 -1.61
N THR D 197 -14.49 27.57 -1.99
CA THR D 197 -14.35 28.87 -2.63
C THR D 197 -13.49 28.76 -3.87
N VAL D 198 -14.04 29.12 -5.01
CA VAL D 198 -13.32 29.01 -6.27
C VAL D 198 -12.76 30.39 -6.63
N ASP D 199 -11.76 30.40 -7.50
CA ASP D 199 -11.09 31.62 -7.90
C ASP D 199 -10.34 31.38 -9.19
N SER D 200 -10.03 32.48 -9.88
CA SER D 200 -9.25 32.44 -11.11
C SER D 200 -8.16 33.50 -11.06
N GLY D 201 -6.95 33.13 -11.46
CA GLY D 201 -5.83 34.05 -11.43
C GLY D 201 -4.89 33.81 -12.58
N ILE D 202 -3.83 34.60 -12.62
CA ILE D 202 -2.79 34.49 -13.65
C ILE D 202 -1.46 34.28 -12.96
N VAL D 203 -0.84 33.13 -13.20
CA VAL D 203 0.47 32.80 -12.65
C VAL D 203 1.52 33.12 -13.68
N GLN D 204 2.52 33.89 -13.29
CA GLN D 204 3.59 34.31 -14.19
C GLN D 204 4.84 33.48 -13.90
N SER D 205 5.36 32.81 -14.93
CA SER D 205 6.58 32.04 -14.80
C SER D 205 7.58 32.48 -15.86
N SER D 206 8.66 31.72 -16.03
CA SER D 206 9.67 32.08 -17.02
C SER D 206 9.13 31.96 -18.44
N THR D 207 8.22 31.01 -18.68
CA THR D 207 7.73 30.78 -20.04
C THR D 207 6.62 31.74 -20.42
N GLY D 208 5.87 32.25 -19.46
CA GLY D 208 4.85 33.23 -19.75
C GLY D 208 3.77 33.24 -18.68
N GLU D 209 2.68 33.92 -19.01
CA GLU D 209 1.52 34.00 -18.13
C GLU D 209 0.59 32.82 -18.41
N TYR D 210 0.05 32.25 -17.34
CA TYR D 210 -0.86 31.12 -17.45
C TYR D 210 -2.10 31.38 -16.62
N VAL D 211 -3.23 30.87 -17.08
CA VAL D 211 -4.48 30.97 -16.33
C VAL D 211 -4.55 29.82 -15.35
N VAL D 212 -4.93 30.10 -14.11
CA VAL D 212 -4.95 29.10 -13.04
C VAL D 212 -6.29 29.19 -12.32
N MET D 213 -6.97 28.07 -12.21
CA MET D 213 -8.24 27.97 -11.50
C MET D 213 -7.99 27.29 -10.16
N THR D 214 -8.30 27.99 -9.07
CA THR D 214 -8.10 27.46 -7.73
C THR D 214 -9.45 27.16 -7.08
N THR D 215 -9.45 26.15 -6.20
CA THR D 215 -10.67 25.75 -5.50
C THR D 215 -10.27 25.35 -4.08
N HIS D 216 -10.46 26.27 -3.13
CA HIS D 216 -10.12 25.98 -1.74
C HIS D 216 -11.26 25.22 -1.08
N PHE D 217 -10.98 24.02 -0.59
CA PHE D 217 -11.92 23.28 0.24
C PHE D 217 -11.59 23.57 1.70
N HIS D 218 -12.62 23.88 2.49
CA HIS D 218 -12.44 24.32 3.86
C HIS D 218 -12.73 23.17 4.81
N LEU D 219 -11.83 22.95 5.76
CA LEU D 219 -11.90 21.86 6.71
C LEU D 219 -11.78 22.42 8.12
N LYS D 220 -12.57 21.88 9.04
CA LYS D 220 -12.54 22.28 10.44
C LYS D 220 -12.37 21.02 11.27
N ARG D 221 -11.27 20.94 12.01
CA ARG D 221 -10.96 19.72 12.73
C ARG D 221 -11.95 19.47 13.87
N LYS D 222 -12.20 18.20 14.15
CA LYS D 222 -12.99 17.80 15.29
C LYS D 222 -12.09 17.71 16.52
N ILE D 223 -12.61 18.15 17.66
CA ILE D 223 -11.85 18.15 18.90
C ILE D 223 -12.33 17.07 19.88
N GLY D 224 -13.55 16.55 19.72
CA GLY D 224 -14.13 15.64 20.69
C GLY D 224 -13.32 14.39 20.98
N TYR D 225 -12.29 14.12 20.18
CA TYR D 225 -11.45 12.95 20.41
C TYR D 225 -10.23 13.30 21.25
N PHE D 226 -9.55 14.40 20.92
CA PHE D 226 -8.40 14.85 21.68
C PHE D 226 -8.79 15.33 23.07
N VAL D 227 -10.07 15.65 23.28
CA VAL D 227 -10.55 15.99 24.62
C VAL D 227 -10.45 14.77 25.53
N ILE D 228 -11.09 13.67 25.15
CA ILE D 228 -11.13 12.50 26.01
C ILE D 228 -9.88 11.64 25.92
N GLN D 229 -9.03 11.86 24.92
CA GLN D 229 -7.81 11.08 24.80
C GLN D 229 -6.63 11.74 25.50
N THR D 230 -6.51 13.06 25.38
CA THR D 230 -5.34 13.77 25.89
C THR D 230 -5.68 14.80 26.96
N TYR D 231 -6.63 15.70 26.69
CA TYR D 231 -6.87 16.80 27.61
C TYR D 231 -7.44 16.30 28.94
N LEU D 232 -8.42 15.42 28.88
CA LEU D 232 -9.04 14.93 30.11
C LEU D 232 -8.08 14.08 30.95
N PRO D 233 -7.33 13.14 30.37
CA PRO D 233 -6.33 12.42 31.20
C PRO D 233 -5.29 13.35 31.80
N CYS D 234 -4.86 14.37 31.08
CA CYS D 234 -3.87 15.30 31.63
C CYS D 234 -4.44 16.12 32.77
N ILE D 235 -5.65 16.66 32.58
CA ILE D 235 -6.31 17.41 33.65
C ILE D 235 -6.49 16.51 34.87
N MET D 236 -6.89 15.26 34.65
CA MET D 236 -7.10 14.35 35.77
C MET D 236 -5.78 14.03 36.48
N THR D 237 -4.69 13.91 35.72
CA THR D 237 -3.40 13.69 36.36
C THR D 237 -2.99 14.89 37.21
N VAL D 238 -3.23 16.10 36.70
CA VAL D 238 -2.89 17.29 37.49
C VAL D 238 -3.74 17.37 38.76
N ILE D 239 -5.04 17.10 38.64
CA ILE D 239 -5.90 17.14 39.83
C ILE D 239 -5.47 16.06 40.83
N LEU D 240 -5.08 14.89 40.34
CA LEU D 240 -4.58 13.84 41.22
C LEU D 240 -3.28 14.26 41.88
N SER D 241 -2.46 15.06 41.20
CA SER D 241 -1.24 15.56 41.81
C SER D 241 -1.54 16.56 42.93
N GLN D 242 -2.49 17.47 42.69
CA GLN D 242 -2.85 18.41 43.74
C GLN D 242 -3.63 17.76 44.88
N VAL D 243 -4.26 16.61 44.63
CA VAL D 243 -4.95 15.92 45.73
C VAL D 243 -3.95 15.44 46.77
N SER D 244 -2.70 15.19 46.37
CA SER D 244 -1.69 14.69 47.29
C SER D 244 -1.41 15.67 48.44
N PHE D 245 -1.81 16.94 48.31
CA PHE D 245 -1.57 17.90 49.37
C PHE D 245 -2.43 17.63 50.60
N TRP D 246 -3.55 16.93 50.45
CA TRP D 246 -4.44 16.70 51.59
C TRP D 246 -3.90 15.65 52.54
N LEU D 247 -2.99 14.80 52.10
CA LEU D 247 -2.46 13.74 52.96
C LEU D 247 -1.61 14.33 54.08
N ASN D 248 -1.56 13.61 55.20
CA ASN D 248 -0.76 14.04 56.32
C ASN D 248 0.73 14.00 55.97
N ARG D 249 1.50 14.91 56.59
CA ARG D 249 2.91 15.01 56.29
C ARG D 249 3.69 13.76 56.73
N GLU D 250 3.20 13.06 57.75
CA GLU D 250 3.93 11.93 58.30
C GLU D 250 4.12 10.82 57.27
N SER D 251 3.17 10.67 56.34
CA SER D 251 3.23 9.61 55.33
C SER D 251 4.12 10.06 54.17
N VAL D 252 5.43 10.02 54.42
CA VAL D 252 6.40 10.45 53.40
C VAL D 252 6.42 9.51 52.21
N PRO D 253 6.51 8.19 52.37
CA PRO D 253 6.51 7.31 51.17
C PRO D 253 5.26 7.46 50.33
N ALA D 254 4.10 7.72 50.94
CA ALA D 254 2.87 7.83 50.18
C ALA D 254 2.93 9.02 49.22
N ARG D 255 3.26 10.20 49.76
CA ARG D 255 3.35 11.38 48.92
C ARG D 255 4.48 11.25 47.90
N THR D 256 5.58 10.58 48.28
CA THR D 256 6.66 10.37 47.32
C THR D 256 6.19 9.54 46.13
N VAL D 257 5.47 8.45 46.40
CA VAL D 257 4.94 7.63 45.31
C VAL D 257 3.95 8.44 44.48
N PHE D 258 3.02 9.15 45.13
CA PHE D 258 2.15 10.08 44.40
C PHE D 258 2.94 10.91 43.38
N GLY D 259 3.92 11.67 43.85
CA GLY D 259 4.64 12.55 42.96
C GLY D 259 5.35 11.81 41.84
N VAL D 260 6.18 10.83 42.21
CA VAL D 260 7.07 10.24 41.23
C VAL D 260 6.32 9.35 40.25
N THR D 261 5.12 8.90 40.60
CA THR D 261 4.32 8.11 39.68
C THR D 261 3.37 8.97 38.84
N THR D 262 2.91 10.10 39.36
CA THR D 262 2.20 11.03 38.51
C THR D 262 3.11 11.61 37.44
N VAL D 263 4.40 11.74 37.75
CA VAL D 263 5.34 12.18 36.71
C VAL D 263 5.42 11.14 35.60
N LEU D 264 5.45 9.86 35.95
CA LEU D 264 5.49 8.81 34.92
C LEU D 264 4.18 8.77 34.13
N THR D 265 3.05 8.98 34.81
CA THR D 265 1.77 9.03 34.11
C THR D 265 1.76 10.15 33.08
N MET D 266 2.15 11.36 33.50
CA MET D 266 2.24 12.47 32.56
C MET D 266 3.23 12.17 31.45
N THR D 267 4.31 11.45 31.75
CA THR D 267 5.27 11.05 30.73
C THR D 267 4.60 10.24 29.63
N THR D 268 3.94 9.15 30.02
CA THR D 268 3.30 8.29 29.03
C THR D 268 2.21 9.04 28.26
N LEU D 269 1.42 9.84 28.98
CA LEU D 269 0.35 10.59 28.33
C LEU D 269 0.91 11.54 27.28
N SER D 270 1.95 12.29 27.63
CA SER D 270 2.54 13.24 26.70
C SER D 270 3.16 12.54 25.51
N ILE D 271 3.85 11.41 25.76
CA ILE D 271 4.46 10.68 24.66
C ILE D 271 3.41 10.23 23.66
N SER D 272 2.33 9.62 24.16
CA SER D 272 1.27 9.18 23.25
C SER D 272 0.61 10.36 22.54
N ALA D 273 0.38 11.45 23.27
CA ALA D 273 -0.27 12.61 22.68
C ALA D 273 0.53 13.16 21.51
N ARG D 274 1.85 13.31 21.69
CA ARG D 274 2.67 13.77 20.58
C ARG D 274 2.84 12.69 19.52
N ASN D 275 2.68 11.43 19.87
CA ASN D 275 2.71 10.37 18.87
C ASN D 275 1.54 10.47 17.91
N SER D 276 0.37 10.90 18.41
CA SER D 276 -0.77 11.07 17.52
C SER D 276 -0.51 12.16 16.48
N LEU D 277 0.15 13.24 16.87
CA LEU D 277 0.44 14.40 16.05
C LEU D 277 1.62 14.12 15.13
N PRO D 278 1.59 14.61 13.89
CA PRO D 278 2.76 14.50 13.01
C PRO D 278 4.01 15.11 13.62
N LYS D 279 5.14 14.87 12.96
CA LYS D 279 6.44 15.30 13.47
C LYS D 279 6.77 16.70 12.98
N VAL D 280 5.95 17.67 13.40
CA VAL D 280 6.22 19.07 13.09
C VAL D 280 7.31 19.56 14.03
N ALA D 281 7.90 20.71 13.71
CA ALA D 281 9.07 21.20 14.44
C ALA D 281 8.75 22.38 15.35
N TYR D 282 7.48 22.67 15.61
CA TYR D 282 7.10 23.76 16.49
C TYR D 282 6.11 23.27 17.53
N ALA D 283 5.74 24.16 18.44
CA ALA D 283 4.87 23.83 19.56
C ALA D 283 3.42 24.10 19.17
N THR D 284 2.59 23.06 19.24
CA THR D 284 1.18 23.17 18.91
C THR D 284 0.39 23.63 20.13
N ALA D 285 -0.92 23.77 19.97
CA ALA D 285 -1.76 24.18 21.09
C ALA D 285 -1.86 23.10 22.15
N MET D 286 -1.75 21.84 21.76
CA MET D 286 -1.74 20.76 22.74
C MET D 286 -0.41 20.69 23.47
N ASP D 287 0.67 21.13 22.82
CA ASP D 287 1.99 21.07 23.44
C ASP D 287 2.09 22.00 24.64
N TRP D 288 1.49 23.19 24.53
CA TRP D 288 1.53 24.11 25.67
C TRP D 288 0.77 23.55 26.86
N PHE D 289 -0.39 22.93 26.62
CA PHE D 289 -1.14 22.32 27.70
C PHE D 289 -0.36 21.17 28.33
N ILE D 290 0.25 20.33 27.50
CA ILE D 290 1.08 19.24 28.02
C ILE D 290 2.20 19.78 28.90
N ALA D 291 2.89 20.82 28.41
CA ALA D 291 4.03 21.35 29.15
C ALA D 291 3.58 21.99 30.46
N VAL D 292 2.48 22.72 30.45
CA VAL D 292 2.00 23.36 31.68
C VAL D 292 1.58 22.30 32.69
N CYS D 293 0.90 21.24 32.24
CA CYS D 293 0.50 20.18 33.17
C CYS D 293 1.72 19.48 33.75
N TYR D 294 2.72 19.20 32.91
CA TYR D 294 3.95 18.57 33.39
C TYR D 294 4.64 19.46 34.42
N ALA D 295 4.68 20.77 34.16
CA ALA D 295 5.26 21.70 35.12
C ALA D 295 4.47 21.71 36.42
N PHE D 296 3.15 21.57 36.34
CA PHE D 296 2.33 21.55 37.55
C PHE D 296 2.63 20.32 38.39
N VAL D 297 2.80 19.16 37.76
CA VAL D 297 3.15 17.96 38.53
C VAL D 297 4.54 18.11 39.15
N PHE D 298 5.49 18.64 38.39
CA PHE D 298 6.82 18.88 38.94
C PHE D 298 6.76 19.85 40.12
N SER D 299 5.93 20.88 40.02
CA SER D 299 5.81 21.84 41.11
C SER D 299 5.18 21.21 42.34
N ALA D 300 4.19 20.33 42.15
CA ALA D 300 3.59 19.65 43.29
C ALA D 300 4.61 18.78 44.00
N LEU D 301 5.44 18.06 43.25
CA LEU D 301 6.42 17.21 43.91
C LEU D 301 7.53 18.04 44.55
N ILE D 302 7.89 19.18 43.97
CA ILE D 302 8.85 20.07 44.60
C ILE D 302 8.28 20.63 45.91
N GLU D 303 6.99 20.94 45.91
CA GLU D 303 6.34 21.41 47.14
C GLU D 303 6.38 20.33 48.21
N PHE D 304 6.10 19.09 47.83
CA PHE D 304 6.23 18.00 48.81
C PHE D 304 7.65 17.93 49.34
N ALA D 305 8.64 18.10 48.45
CA ALA D 305 10.03 18.06 48.88
C ALA D 305 10.31 19.12 49.93
N THR D 306 9.88 20.36 49.67
CA THR D 306 10.16 21.43 50.62
C THR D 306 9.39 21.25 51.92
N VAL D 307 8.17 20.72 51.84
CA VAL D 307 7.39 20.48 53.06
C VAL D 307 8.08 19.43 53.93
N ASN D 308 8.50 18.33 53.32
CA ASN D 308 9.23 17.32 54.07
C ASN D 308 10.57 17.85 54.59
N TYR D 309 11.20 18.75 53.85
CA TYR D 309 12.48 19.30 54.31
C TYR D 309 12.29 20.15 55.55
N PHE D 310 11.24 20.97 55.59
CA PHE D 310 11.03 21.81 56.76
C PHE D 310 10.36 21.06 57.91
N THR D 311 9.83 19.87 57.67
CA THR D 311 9.14 19.13 58.71
C THR D 311 10.13 18.50 59.68
N LYS D 312 9.65 18.18 60.88
CA LYS D 312 10.41 17.56 61.96
C LYS D 312 11.39 18.55 62.59
N SER D 313 11.49 19.74 62.02
CA SER D 313 12.27 20.82 62.61
C SER D 313 11.43 22.08 62.79
N GLN D 314 10.70 22.50 61.76
CA GLN D 314 9.85 23.69 61.81
C GLN D 314 8.47 23.30 61.31
N PRO D 315 7.57 22.89 62.21
CA PRO D 315 6.22 22.50 61.75
C PRO D 315 5.37 23.68 61.36
N ALA D 316 5.62 24.86 61.94
CA ALA D 316 4.76 26.02 61.68
C ALA D 316 4.78 26.40 60.21
N ARG D 317 5.97 26.69 59.66
CA ARG D 317 6.06 27.12 58.28
C ARG D 317 5.75 25.97 57.32
N ALA D 318 6.01 24.73 57.74
CA ALA D 318 5.63 23.58 56.91
C ALA D 318 4.12 23.53 56.72
N ALA D 319 3.37 23.58 57.81
CA ALA D 319 1.92 23.58 57.71
C ALA D 319 1.42 24.80 56.96
N LYS D 320 2.06 25.96 57.20
CA LYS D 320 1.67 27.17 56.51
C LYS D 320 1.79 27.00 55.00
N ILE D 321 2.97 26.58 54.52
CA ILE D 321 3.18 26.46 53.08
C ILE D 321 2.34 25.35 52.50
N ASP D 322 2.04 24.30 53.26
CA ASP D 322 1.15 23.27 52.76
C ASP D 322 -0.24 23.82 52.53
N ARG D 323 -0.75 24.62 53.48
CA ARG D 323 -2.07 25.20 53.30
C ARG D 323 -2.09 26.22 52.16
N LEU D 324 -1.03 27.03 52.04
CA LEU D 324 -0.96 27.97 50.93
C LEU D 324 -0.94 27.24 49.59
N SER D 325 -0.25 26.11 49.51
CA SER D 325 -0.25 25.33 48.28
C SER D 325 -1.62 24.76 47.99
N ARG D 326 -2.28 24.21 49.00
CA ARG D 326 -3.66 23.75 48.85
C ARG D 326 -4.53 24.84 48.24
N ILE D 327 -4.39 26.07 48.73
CA ILE D 327 -5.25 27.14 48.25
C ILE D 327 -4.84 27.62 46.87
N ALA D 328 -3.54 27.60 46.56
CA ALA D 328 -3.04 28.27 45.36
C ALA D 328 -3.08 27.38 44.13
N PHE D 329 -2.62 26.13 44.24
CA PHE D 329 -2.41 25.31 43.05
C PHE D 329 -3.67 25.11 42.22
N PRO D 330 -4.79 24.63 42.77
CA PRO D 330 -6.00 24.49 41.94
C PRO D 330 -6.49 25.81 41.38
N LEU D 331 -6.30 26.92 42.11
CA LEU D 331 -6.70 28.22 41.58
C LEU D 331 -5.92 28.58 40.34
N LEU D 332 -4.58 28.44 40.40
CA LEU D 332 -3.75 28.73 39.24
C LEU D 332 -4.08 27.80 38.08
N PHE D 333 -4.33 26.53 38.36
CA PHE D 333 -4.69 25.61 37.29
C PHE D 333 -6.00 26.00 36.63
N GLY D 334 -6.99 26.42 37.43
CA GLY D 334 -8.26 26.85 36.86
C GLY D 334 -8.12 28.11 36.02
N ILE D 335 -7.35 29.07 36.50
CA ILE D 335 -7.15 30.30 35.72
C ILE D 335 -6.44 29.98 34.41
N PHE D 336 -5.44 29.09 34.45
CA PHE D 336 -4.75 28.73 33.21
C PHE D 336 -5.68 28.02 32.25
N ASN D 337 -6.51 27.11 32.75
CA ASN D 337 -7.48 26.43 31.89
C ASN D 337 -8.41 27.44 31.22
N LEU D 338 -8.94 28.38 32.01
CA LEU D 338 -9.85 29.38 31.46
C LEU D 338 -9.16 30.19 30.37
N VAL D 339 -7.96 30.69 30.64
CA VAL D 339 -7.26 31.52 29.67
C VAL D 339 -6.97 30.72 28.40
N TYR D 340 -6.49 29.49 28.55
CA TYR D 340 -6.12 28.66 27.41
C TYR D 340 -7.34 28.36 26.53
N TRP D 341 -8.43 27.92 27.14
CA TRP D 341 -9.61 27.61 26.34
C TRP D 341 -10.20 28.85 25.69
N ALA D 342 -10.13 30.00 26.38
CA ALA D 342 -10.64 31.22 25.79
C ALA D 342 -9.79 31.66 24.59
N THR D 343 -8.48 31.56 24.71
CA THR D 343 -7.62 32.02 23.62
C THR D 343 -7.55 31.04 22.46
N TYR D 344 -7.86 29.77 22.68
CA TYR D 344 -7.83 28.81 21.58
C TYR D 344 -9.21 28.46 21.03
N LEU D 345 -10.28 28.95 21.65
CA LEU D 345 -11.61 28.79 21.09
C LEU D 345 -12.08 30.03 20.33
N ASN D 346 -11.34 31.13 20.40
CA ASN D 346 -11.74 32.35 19.71
C ASN D 346 -11.32 32.35 18.25
N ARG D 347 -10.16 31.77 17.95
CA ARG D 347 -9.65 31.74 16.59
C ARG D 347 -10.54 30.89 15.68
N GLY E 62 -3.50 25.84 -41.16
CA GLY E 62 -3.18 25.95 -42.58
C GLY E 62 -1.71 25.78 -42.88
N ASP E 63 -0.96 26.88 -42.71
CA ASP E 63 0.47 26.84 -42.99
C ASP E 63 1.24 26.13 -41.87
N VAL E 64 0.70 26.13 -40.66
CA VAL E 64 1.40 25.52 -39.53
C VAL E 64 1.50 24.01 -39.71
N THR E 65 0.43 23.38 -40.20
CA THR E 65 0.49 21.94 -40.42
C THR E 65 1.45 21.58 -41.54
N VAL E 66 1.58 22.43 -42.55
CA VAL E 66 2.56 22.19 -43.61
C VAL E 66 3.97 22.34 -43.07
N ILE E 67 4.19 23.34 -42.21
CA ILE E 67 5.49 23.50 -41.57
C ILE E 67 5.83 22.26 -40.74
N LEU E 68 4.88 21.78 -39.96
CA LEU E 68 5.12 20.61 -39.11
C LEU E 68 5.37 19.36 -39.95
N ASN E 69 4.67 19.23 -41.09
CA ASN E 69 4.87 18.08 -41.94
C ASN E 69 6.21 18.14 -42.66
N ASN E 70 6.69 19.34 -43.00
CA ASN E 70 7.97 19.48 -43.67
C ASN E 70 9.14 19.36 -42.71
N LEU E 71 8.95 19.75 -41.44
CA LEU E 71 10.03 19.64 -40.47
C LEU E 71 10.39 18.19 -40.17
N LEU E 72 9.42 17.29 -40.20
CA LEU E 72 9.66 15.89 -39.92
C LEU E 72 9.96 15.07 -41.16
N GLU E 73 9.90 15.68 -42.35
CA GLU E 73 10.26 14.98 -43.58
C GLU E 73 11.78 14.96 -43.71
N GLY E 74 12.34 13.77 -43.83
CA GLY E 74 13.78 13.64 -43.86
C GLY E 74 14.38 13.96 -42.51
N TYR E 75 13.86 13.32 -41.47
CA TYR E 75 14.32 13.53 -40.11
C TYR E 75 14.63 12.17 -39.48
N ASP E 76 15.69 12.13 -38.67
CA ASP E 76 16.08 10.93 -37.95
C ASP E 76 16.29 11.30 -36.49
N ASN E 77 15.42 10.82 -35.61
CA ASN E 77 15.51 11.08 -34.19
C ASN E 77 16.50 10.16 -33.48
N LYS E 78 17.26 9.36 -34.22
CA LYS E 78 18.30 8.52 -33.63
C LYS E 78 19.67 9.21 -33.61
N LEU E 79 19.79 10.36 -34.27
CA LEU E 79 21.06 11.07 -34.40
C LEU E 79 20.92 12.42 -33.72
N ARG E 80 21.86 12.72 -32.83
CA ARG E 80 21.84 14.02 -32.18
C ARG E 80 22.19 15.11 -33.20
N PRO E 81 21.77 16.34 -32.95
CA PRO E 81 22.06 17.43 -33.90
C PRO E 81 23.56 17.58 -34.12
N ASP E 82 23.98 17.39 -35.38
CA ASP E 82 25.39 17.43 -35.76
C ASP E 82 26.19 16.37 -34.99
N ILE E 83 25.85 15.12 -35.31
CA ILE E 83 26.40 13.97 -34.58
C ILE E 83 27.92 13.93 -34.72
N GLY E 84 28.45 14.32 -35.88
CA GLY E 84 29.88 14.22 -36.09
C GLY E 84 30.61 15.55 -36.11
N VAL E 85 29.87 16.65 -35.97
CA VAL E 85 30.46 17.98 -36.16
C VAL E 85 31.04 18.51 -34.85
N LYS E 86 30.20 18.68 -33.85
CA LYS E 86 30.62 19.33 -32.61
C LYS E 86 29.65 18.91 -31.51
N PRO E 87 30.05 19.02 -30.24
CA PRO E 87 29.14 18.64 -29.15
C PRO E 87 27.92 19.54 -29.10
N THR E 88 26.84 18.98 -28.57
CA THR E 88 25.58 19.70 -28.42
C THR E 88 25.59 20.45 -27.09
N LEU E 89 25.26 21.73 -27.13
CA LEU E 89 25.17 22.55 -25.93
C LEU E 89 23.72 22.63 -25.50
N ILE E 90 23.45 22.18 -24.27
CA ILE E 90 22.09 22.09 -23.75
C ILE E 90 22.04 22.92 -22.47
N HIS E 91 21.25 23.99 -22.48
CA HIS E 91 21.12 24.86 -21.33
C HIS E 91 19.93 24.41 -20.50
N THR E 92 20.16 24.16 -19.22
CA THR E 92 19.17 23.56 -18.34
C THR E 92 18.74 24.56 -17.28
N ASP E 93 17.45 24.54 -16.95
CA ASP E 93 16.88 25.34 -15.89
C ASP E 93 15.93 24.47 -15.07
N MET E 94 15.72 24.88 -13.82
CA MET E 94 14.82 24.19 -12.92
C MET E 94 13.91 25.19 -12.24
N TYR E 95 12.87 24.68 -11.59
CA TYR E 95 11.97 25.52 -10.79
C TYR E 95 11.38 24.62 -9.70
N VAL E 96 11.89 24.77 -8.49
CA VAL E 96 11.53 23.88 -7.39
C VAL E 96 10.16 24.30 -6.86
N ASN E 97 9.13 23.51 -7.17
CA ASN E 97 7.81 23.76 -6.62
C ASN E 97 7.78 23.49 -5.13
N SER E 98 8.30 22.34 -4.71
CA SER E 98 8.35 22.01 -3.29
C SER E 98 9.45 20.99 -3.07
N ILE E 99 10.01 20.99 -1.87
CA ILE E 99 10.95 19.98 -1.42
C ILE E 99 10.24 19.16 -0.35
N GLY E 100 9.93 17.91 -0.70
CA GLY E 100 9.16 17.05 0.17
C GLY E 100 9.88 16.71 1.45
N PRO E 101 9.29 15.81 2.24
CA PRO E 101 9.87 15.49 3.55
C PRO E 101 11.21 14.77 3.40
N VAL E 102 12.16 15.17 4.22
CA VAL E 102 13.49 14.57 4.25
C VAL E 102 13.50 13.56 5.39
N ASN E 103 13.40 12.27 5.07
CA ASN E 103 13.45 11.22 6.06
C ASN E 103 14.86 10.67 6.16
N ALA E 104 15.47 10.82 7.34
CA ALA E 104 16.82 10.34 7.56
C ALA E 104 16.90 8.82 7.64
N ILE E 105 15.76 8.13 7.62
CA ILE E 105 15.78 6.67 7.64
C ILE E 105 16.29 6.12 6.32
N ASN E 106 15.62 6.49 5.22
CA ASN E 106 16.00 6.05 3.90
C ASN E 106 17.10 6.89 3.29
N MET E 107 17.52 7.96 3.96
CA MET E 107 18.53 8.88 3.44
C MET E 107 18.11 9.40 2.07
N GLU E 108 16.89 9.89 1.99
CA GLU E 108 16.32 10.36 0.74
C GLU E 108 15.42 11.55 1.01
N TYR E 109 15.09 12.29 -0.04
CA TYR E 109 14.22 13.44 0.04
C TYR E 109 13.54 13.65 -1.29
N THR E 110 12.31 14.14 -1.25
CA THR E 110 11.48 14.33 -2.43
C THR E 110 11.56 15.77 -2.90
N ILE E 111 11.56 15.97 -4.21
CA ILE E 111 11.65 17.30 -4.80
C ILE E 111 10.85 17.33 -6.09
N ASP E 112 10.01 18.34 -6.25
CA ASP E 112 9.20 18.52 -7.45
C ASP E 112 9.74 19.70 -8.24
N ILE E 113 10.01 19.48 -9.53
CA ILE E 113 10.66 20.50 -10.36
C ILE E 113 10.00 20.58 -11.73
N PHE E 114 10.25 21.71 -12.39
CA PHE E 114 9.89 21.94 -13.79
C PHE E 114 11.21 21.97 -14.57
N PHE E 115 11.67 20.81 -15.01
CA PHE E 115 12.96 20.72 -15.66
C PHE E 115 12.84 21.17 -17.12
N ALA E 116 13.67 22.14 -17.51
CA ALA E 116 13.64 22.70 -18.85
C ALA E 116 15.01 22.59 -19.48
N GLN E 117 15.05 22.18 -20.74
CA GLN E 117 16.30 22.08 -21.49
C GLN E 117 16.11 22.72 -22.85
N THR E 118 17.04 23.59 -23.23
CA THR E 118 16.99 24.26 -24.52
C THR E 118 18.29 24.00 -25.27
N TRP E 119 18.17 23.66 -26.56
CA TRP E 119 19.31 23.36 -27.40
C TRP E 119 19.02 23.88 -28.80
N TYR E 120 19.94 23.60 -29.73
CA TYR E 120 19.81 24.05 -31.11
C TYR E 120 19.82 22.85 -32.04
N ASP E 121 18.79 22.75 -32.87
CA ASP E 121 18.66 21.68 -33.86
C ASP E 121 18.42 22.34 -35.21
N ARG E 122 19.46 22.42 -36.04
CA ARG E 122 19.36 23.10 -37.31
C ARG E 122 18.42 22.37 -38.27
N ARG E 123 18.12 21.10 -38.04
CA ARG E 123 17.14 20.41 -38.86
C ARG E 123 15.72 20.92 -38.61
N LEU E 124 15.45 21.47 -37.44
CA LEU E 124 14.16 22.09 -37.13
C LEU E 124 14.21 23.59 -37.36
N LYS E 125 14.56 23.97 -38.59
CA LYS E 125 14.68 25.37 -38.97
C LYS E 125 13.71 25.62 -40.12
N PHE E 126 12.77 26.54 -39.89
CA PHE E 126 11.76 26.88 -40.88
C PHE E 126 11.71 28.38 -41.08
N ASN E 127 11.15 28.79 -42.22
CA ASN E 127 11.04 30.20 -42.60
C ASN E 127 9.57 30.52 -42.85
N SER E 128 8.99 31.32 -41.96
CA SER E 128 7.59 31.72 -42.11
C SER E 128 7.37 33.01 -41.33
N THR E 129 6.16 33.54 -41.45
CA THR E 129 5.81 34.75 -40.71
C THR E 129 5.66 34.48 -39.22
N ILE E 130 5.39 33.24 -38.83
CA ILE E 130 5.32 32.89 -37.43
C ILE E 130 6.73 32.73 -36.88
N LYS E 131 6.97 33.27 -35.68
CA LYS E 131 8.30 33.28 -35.11
C LYS E 131 8.55 32.10 -34.18
N VAL E 132 7.51 31.42 -33.72
CA VAL E 132 7.66 30.33 -32.76
C VAL E 132 6.50 29.36 -32.93
N LEU E 133 6.79 28.07 -32.76
CA LEU E 133 5.78 27.02 -32.69
C LEU E 133 5.72 26.53 -31.25
N ARG E 134 4.56 26.67 -30.63
CA ARG E 134 4.32 26.17 -29.29
C ARG E 134 3.39 24.98 -29.39
N LEU E 135 3.87 23.80 -29.01
CA LEU E 135 3.18 22.56 -29.27
C LEU E 135 2.92 21.79 -27.98
N ASN E 136 2.23 20.67 -28.12
CA ASN E 136 1.90 19.79 -27.02
C ASN E 136 3.01 18.76 -26.82
N SER E 137 2.73 17.72 -26.05
CA SER E 137 3.59 16.56 -25.93
C SER E 137 3.46 15.61 -27.11
N ASN E 138 2.69 15.97 -28.14
CA ASN E 138 2.48 15.05 -29.25
C ASN E 138 3.73 14.87 -30.08
N MET E 139 4.52 15.93 -30.24
CA MET E 139 5.68 15.92 -31.11
C MET E 139 6.98 15.68 -30.36
N VAL E 140 6.90 15.33 -29.08
CA VAL E 140 8.11 15.12 -28.29
C VAL E 140 8.80 13.82 -28.70
N GLY E 141 8.02 12.78 -28.95
CA GLY E 141 8.60 11.49 -29.31
C GLY E 141 9.00 11.35 -30.75
N LYS E 142 8.88 12.40 -31.56
CA LYS E 142 9.26 12.33 -32.96
C LYS E 142 10.53 13.11 -33.28
N ILE E 143 10.99 13.98 -32.39
CA ILE E 143 12.24 14.70 -32.58
C ILE E 143 13.25 14.21 -31.55
N TRP E 144 14.48 14.68 -31.69
CA TRP E 144 15.55 14.24 -30.79
C TRP E 144 15.44 14.93 -29.44
N ILE E 145 15.42 14.13 -28.38
CA ILE E 145 15.35 14.63 -27.02
C ILE E 145 16.55 14.07 -26.27
N PRO E 146 17.30 14.89 -25.54
CA PRO E 146 18.47 14.37 -24.81
C PRO E 146 18.07 13.41 -23.71
N ASP E 147 18.97 12.48 -23.42
CA ASP E 147 18.69 11.44 -22.43
C ASP E 147 19.20 11.84 -21.04
N THR E 148 18.73 12.99 -20.59
CA THR E 148 19.13 13.48 -19.27
C THR E 148 18.49 12.62 -18.19
N PHE E 149 19.31 12.11 -17.27
CA PHE E 149 18.84 11.33 -16.15
C PHE E 149 19.50 11.84 -14.88
N PHE E 150 18.82 11.61 -13.76
CA PHE E 150 19.28 12.09 -12.46
C PHE E 150 20.11 11.01 -11.79
N ARG E 151 21.38 11.31 -11.55
CA ARG E 151 22.33 10.29 -11.13
C ARG E 151 22.08 9.78 -9.72
N ASN E 152 21.43 10.56 -8.86
CA ASN E 152 21.25 10.17 -7.47
C ASN E 152 19.78 9.99 -7.10
N SER E 153 18.91 9.75 -8.08
CA SER E 153 17.49 9.59 -7.83
C SER E 153 17.20 8.11 -7.62
N LYS E 154 16.58 7.77 -6.49
CA LYS E 154 16.15 6.40 -6.27
C LYS E 154 14.95 6.06 -7.12
N LYS E 155 13.92 6.90 -7.09
CA LYS E 155 12.71 6.70 -7.88
C LYS E 155 12.19 8.06 -8.32
N ALA E 156 12.17 8.29 -9.63
CA ALA E 156 11.64 9.51 -10.21
C ALA E 156 10.64 9.15 -11.29
N ASP E 157 9.54 9.91 -11.36
CA ASP E 157 8.52 9.67 -12.36
C ASP E 157 7.97 11.00 -12.85
N ALA E 158 7.65 11.05 -14.13
CA ALA E 158 7.00 12.21 -14.73
C ALA E 158 5.49 12.09 -14.56
N HIS E 159 4.81 13.22 -14.76
CA HIS E 159 3.38 13.32 -14.49
C HIS E 159 2.58 13.24 -15.78
N TRP E 160 1.48 12.50 -15.74
CA TRP E 160 0.70 12.20 -16.94
C TRP E 160 -0.77 12.57 -16.83
N ILE E 161 -1.16 13.29 -15.78
CA ILE E 161 -2.55 13.66 -15.55
C ILE E 161 -2.67 15.16 -15.75
N THR E 162 -3.58 15.58 -16.63
CA THR E 162 -4.48 14.67 -17.34
C THR E 162 -3.86 14.15 -18.64
N THR E 163 -3.24 15.02 -19.35
CA THR E 163 -2.42 14.86 -20.53
C THR E 163 -0.95 14.98 -20.16
N PRO E 164 -0.06 14.18 -20.79
CA PRO E 164 1.37 14.28 -20.48
C PRO E 164 1.87 15.70 -20.30
N ASN E 165 2.67 15.93 -19.26
CA ASN E 165 3.04 17.27 -18.85
C ASN E 165 4.29 17.79 -19.54
N ARG E 166 4.52 17.37 -20.77
CA ARG E 166 5.64 17.86 -21.56
C ARG E 166 5.28 19.18 -22.23
N MET E 167 6.26 19.77 -22.88
CA MET E 167 6.08 21.04 -23.58
C MET E 167 7.22 21.20 -24.56
N LEU E 168 6.89 21.49 -25.81
CA LEU E 168 7.89 21.70 -26.85
C LEU E 168 7.64 23.05 -27.51
N ARG E 169 8.71 23.80 -27.76
CA ARG E 169 8.63 25.08 -28.43
C ARG E 169 9.82 25.21 -29.36
N ILE E 170 9.54 25.33 -30.65
CA ILE E 170 10.58 25.39 -31.68
C ILE E 170 10.58 26.78 -32.30
N TRP E 171 11.73 27.43 -32.30
CA TRP E 171 11.80 28.80 -32.78
C TRP E 171 12.15 28.81 -34.27
N ASN E 172 12.40 30.00 -34.81
CA ASN E 172 12.58 30.15 -36.25
C ASN E 172 13.96 29.70 -36.71
N ASP E 173 14.97 29.78 -35.84
CA ASP E 173 16.33 29.45 -36.20
C ASP E 173 16.74 28.04 -35.81
N GLY E 174 15.83 27.26 -35.23
CA GLY E 174 16.13 25.91 -34.82
C GLY E 174 16.22 25.70 -33.32
N ARG E 175 16.04 26.74 -32.52
CA ARG E 175 16.17 26.62 -31.08
C ARG E 175 14.98 25.85 -30.52
N VAL E 176 15.24 24.73 -29.85
CA VAL E 176 14.21 23.88 -29.28
C VAL E 176 14.25 24.02 -27.77
N LEU E 177 13.08 24.27 -27.17
CA LEU E 177 12.92 24.30 -25.73
C LEU E 177 11.95 23.21 -25.34
N TYR E 178 12.40 22.28 -24.50
CA TYR E 178 11.62 21.14 -24.07
C TYR E 178 11.55 21.15 -22.55
N THR E 179 10.36 21.29 -22.01
CA THR E 179 10.16 21.40 -20.57
C THR E 179 9.18 20.33 -20.11
N LEU E 180 9.50 19.69 -19.00
CA LEU E 180 8.63 18.68 -18.42
C LEU E 180 8.59 18.85 -16.91
N ARG E 181 7.61 18.22 -16.29
CA ARG E 181 7.41 18.31 -14.85
C ARG E 181 7.78 16.98 -14.22
N LEU E 182 8.66 17.03 -13.22
CA LEU E 182 9.22 15.82 -12.63
C LEU E 182 9.04 15.84 -11.12
N THR E 183 8.86 14.66 -10.55
CA THR E 183 8.93 14.43 -9.11
C THR E 183 10.02 13.41 -8.85
N ILE E 184 11.01 13.79 -8.07
CA ILE E 184 12.24 13.01 -7.91
C ILE E 184 12.42 12.70 -6.45
N ASP E 185 12.51 11.41 -6.12
CA ASP E 185 12.88 10.98 -4.78
C ASP E 185 14.39 10.74 -4.80
N ALA E 186 15.12 11.83 -4.58
CA ALA E 186 16.57 11.74 -4.67
C ALA E 186 17.14 11.24 -3.36
N GLU E 187 18.42 10.87 -3.40
CA GLU E 187 19.14 10.38 -2.22
C GLU E 187 20.17 11.41 -1.80
N CYS E 188 20.37 11.53 -0.49
CA CYS E 188 21.50 12.29 0.03
C CYS E 188 21.82 11.76 1.43
N GLN E 189 22.99 11.13 1.57
CA GLN E 189 23.37 10.49 2.82
C GLN E 189 23.64 11.55 3.88
N LEU E 190 22.73 11.67 4.83
CA LEU E 190 22.86 12.64 5.91
C LEU E 190 23.84 12.14 6.95
N GLN E 191 24.84 12.94 7.26
CA GLN E 191 25.77 12.62 8.34
C GLN E 191 25.11 13.02 9.65
N LEU E 192 24.52 12.05 10.35
CA LEU E 192 23.67 12.33 11.50
C LEU E 192 24.47 12.41 12.80
N HIS E 193 25.53 13.22 12.78
CA HIS E 193 26.10 13.71 14.02
C HIS E 193 25.40 15.01 14.40
N ASN E 194 25.67 15.49 15.60
CA ASN E 194 25.11 16.74 16.09
C ASN E 194 23.59 16.73 16.08
N PHE E 195 22.98 15.57 16.13
CA PHE E 195 21.52 15.50 16.11
C PHE E 195 20.96 16.00 17.43
N PRO E 196 19.96 16.88 17.44
CA PRO E 196 19.25 17.39 16.26
C PRO E 196 19.74 18.74 15.77
N MET E 197 20.84 19.25 16.30
CA MET E 197 21.38 20.53 15.83
C MET E 197 22.32 20.33 14.66
N ASP E 198 21.82 19.66 13.64
CA ASP E 198 22.61 19.29 12.47
C ASP E 198 22.17 20.07 11.24
N GLU E 199 23.10 20.29 10.33
CA GLU E 199 22.85 20.95 9.07
C GLU E 199 23.34 20.06 7.94
N HIS E 200 22.57 19.99 6.86
CA HIS E 200 22.94 19.20 5.70
C HIS E 200 22.94 20.07 4.46
N SER E 201 23.65 19.60 3.44
CA SER E 201 23.69 20.27 2.14
C SER E 201 23.66 19.15 1.10
N CYS E 202 22.46 18.77 0.68
CA CYS E 202 22.53 17.57 -0.12
C CYS E 202 22.06 17.81 -1.56
N PRO E 203 22.59 17.03 -2.51
CA PRO E 203 22.50 17.40 -3.92
C PRO E 203 21.37 16.76 -4.71
N LEU E 204 21.11 17.35 -5.87
CA LEU E 204 20.37 16.72 -6.96
C LEU E 204 21.27 16.82 -8.19
N GLU E 205 21.78 15.67 -8.64
CA GLU E 205 22.72 15.62 -9.75
C GLU E 205 22.07 15.00 -10.97
N PHE E 206 22.48 15.46 -12.14
CA PHE E 206 21.97 14.88 -13.38
C PHE E 206 23.00 15.02 -14.49
N SER E 207 22.83 14.19 -15.51
CA SER E 207 23.76 14.17 -16.64
C SER E 207 23.14 13.33 -17.75
N SER E 208 23.79 13.36 -18.91
CA SER E 208 23.36 12.52 -20.02
C SER E 208 23.81 11.08 -19.79
N TYR E 209 22.92 10.14 -20.08
CA TYR E 209 23.21 8.74 -19.75
C TYR E 209 24.15 8.09 -20.77
N GLY E 210 23.97 8.41 -22.06
CA GLY E 210 24.71 7.71 -23.08
C GLY E 210 25.76 8.54 -23.81
N TYR E 211 25.63 9.86 -23.76
CA TYR E 211 26.50 10.75 -24.52
C TYR E 211 27.63 11.25 -23.64
N PRO E 212 28.89 10.98 -23.96
CA PRO E 212 29.99 11.45 -23.12
C PRO E 212 30.23 12.94 -23.26
N ARG E 213 31.31 13.43 -22.63
CA ARG E 213 31.59 14.86 -22.60
C ARG E 213 31.82 15.43 -24.00
N GLU E 214 32.36 14.63 -24.91
CA GLU E 214 32.64 15.09 -26.25
C GLU E 214 31.42 15.03 -27.18
N GLU E 215 30.24 14.72 -26.64
CA GLU E 215 29.02 14.66 -27.45
C GLU E 215 27.92 15.59 -26.96
N ILE E 216 27.71 15.70 -25.64
CA ILE E 216 26.74 16.62 -25.06
C ILE E 216 27.38 17.34 -23.90
N VAL E 217 27.28 18.67 -23.91
CA VAL E 217 27.80 19.52 -22.85
C VAL E 217 26.64 20.31 -22.27
N TYR E 218 26.47 20.23 -20.95
CA TYR E 218 25.44 20.97 -20.24
C TYR E 218 26.02 22.27 -19.71
N GLN E 219 25.21 23.34 -19.77
CA GLN E 219 25.63 24.65 -19.32
C GLN E 219 24.47 25.33 -18.61
N TRP E 220 24.70 25.75 -17.37
CA TRP E 220 23.67 26.45 -16.62
C TRP E 220 23.37 27.80 -17.27
N LYS E 221 22.29 28.41 -16.83
CA LYS E 221 21.98 29.79 -17.18
C LYS E 221 22.35 30.70 -16.01
N ARG E 222 22.04 31.99 -16.16
CA ARG E 222 22.41 32.93 -15.11
C ARG E 222 21.41 32.89 -13.96
N SER E 223 20.12 32.72 -14.27
CA SER E 223 19.10 32.57 -13.25
C SER E 223 18.34 31.28 -13.49
N SER E 224 19.08 30.20 -13.71
CA SER E 224 18.50 28.90 -14.05
C SER E 224 17.61 28.36 -12.94
N VAL E 225 18.20 28.03 -11.80
CA VAL E 225 17.48 27.39 -10.70
C VAL E 225 16.86 28.47 -9.83
N GLU E 226 15.60 28.26 -9.46
CA GLU E 226 14.87 29.23 -8.65
C GLU E 226 13.79 28.52 -7.85
N VAL E 227 13.63 28.92 -6.60
CA VAL E 227 12.66 28.34 -5.69
C VAL E 227 11.31 29.02 -5.85
N GLY E 228 10.26 28.41 -5.30
CA GLY E 228 8.94 28.99 -5.33
C GLY E 228 8.71 29.93 -4.16
N ASP E 229 7.71 29.63 -3.33
CA ASP E 229 7.40 30.46 -2.18
C ASP E 229 8.13 30.05 -0.91
N THR E 230 8.60 28.81 -0.84
CA THR E 230 9.29 28.25 0.32
C THR E 230 8.41 28.25 1.56
N ARG E 231 7.11 28.43 1.39
CA ARG E 231 6.16 28.38 2.49
C ARG E 231 5.08 27.32 2.34
N SER E 232 4.80 26.87 1.12
CA SER E 232 3.95 25.71 0.91
C SER E 232 4.75 24.42 0.80
N TRP E 233 6.04 24.46 1.16
CA TRP E 233 6.89 23.29 1.07
C TRP E 233 6.62 22.34 2.23
N ARG E 234 6.84 21.05 1.98
CA ARG E 234 6.54 20.01 2.95
C ARG E 234 7.67 19.76 3.92
N LEU E 235 8.61 20.69 4.05
CA LEU E 235 9.70 20.53 5.01
C LEU E 235 9.17 20.68 6.42
N TYR E 236 9.22 19.60 7.20
CA TYR E 236 8.67 19.62 8.56
C TYR E 236 9.73 20.02 9.57
N GLN E 237 10.80 19.22 9.68
CA GLN E 237 11.82 19.44 10.70
C GLN E 237 12.98 20.28 10.20
N PHE E 238 13.13 20.44 8.89
CA PHE E 238 14.23 21.17 8.33
C PHE E 238 13.78 22.57 7.91
N SER E 239 14.75 23.37 7.47
CA SER E 239 14.49 24.74 7.04
C SER E 239 15.38 25.04 5.85
N PHE E 240 14.77 25.44 4.74
CA PHE E 240 15.52 25.77 3.54
C PHE E 240 16.28 27.07 3.74
N VAL E 241 17.61 27.01 3.60
CA VAL E 241 18.45 28.17 3.82
C VAL E 241 19.13 28.67 2.55
N GLY E 242 19.19 27.87 1.50
CA GLY E 242 19.81 28.31 0.26
C GLY E 242 20.16 27.13 -0.62
N LEU E 243 20.67 27.46 -1.80
CA LEU E 243 21.09 26.45 -2.75
C LEU E 243 22.25 26.98 -3.57
N ARG E 244 22.89 26.08 -4.33
CA ARG E 244 24.05 26.46 -5.18
C ARG E 244 24.29 25.39 -6.25
N ASN E 245 24.44 25.79 -7.51
CA ASN E 245 24.68 24.85 -8.63
C ASN E 245 26.17 24.50 -8.69
N THR E 246 26.53 23.46 -9.44
CA THR E 246 27.95 23.03 -9.56
C THR E 246 28.11 22.08 -10.76
N THR E 247 29.04 22.40 -11.67
CA THR E 247 29.30 21.59 -12.84
C THR E 247 30.63 20.87 -12.67
N GLU E 248 30.71 19.63 -13.16
CA GLU E 248 31.94 18.87 -13.09
C GLU E 248 31.96 17.84 -14.21
N VAL E 249 33.05 17.11 -14.31
CA VAL E 249 33.20 16.03 -15.30
C VAL E 249 33.68 14.80 -14.57
N VAL E 250 32.89 13.73 -14.62
CA VAL E 250 33.19 12.50 -13.91
C VAL E 250 33.66 11.44 -14.90
N LYS E 251 34.45 10.50 -14.39
CA LYS E 251 34.97 9.39 -15.18
C LYS E 251 34.10 8.17 -14.92
N THR E 252 33.49 7.65 -15.97
CA THR E 252 32.62 6.49 -15.91
C THR E 252 33.19 5.41 -16.82
N THR E 253 32.67 4.18 -16.68
CA THR E 253 33.12 3.07 -17.51
C THR E 253 33.00 3.38 -19.00
N SER E 254 31.98 4.14 -19.39
CA SER E 254 31.77 4.43 -20.79
C SER E 254 32.61 5.63 -21.26
N GLY E 255 32.75 6.65 -20.43
CA GLY E 255 33.55 7.80 -20.82
C GLY E 255 33.49 8.90 -19.79
N ASP E 256 33.75 10.12 -20.24
CA ASP E 256 33.72 11.31 -19.41
C ASP E 256 32.35 11.97 -19.55
N TYR E 257 31.70 12.22 -18.41
CA TYR E 257 30.34 12.73 -18.42
C TYR E 257 30.25 14.05 -17.67
N VAL E 258 29.53 15.01 -18.26
CA VAL E 258 29.33 16.31 -17.66
C VAL E 258 28.18 16.22 -16.66
N VAL E 259 28.50 16.30 -15.38
CA VAL E 259 27.53 16.14 -14.30
C VAL E 259 27.20 17.50 -13.72
N MET E 260 25.92 17.82 -13.63
CA MET E 260 25.44 19.08 -13.09
C MET E 260 24.72 18.83 -11.78
N SER E 261 25.13 19.54 -10.73
CA SER E 261 24.63 19.35 -9.39
C SER E 261 23.92 20.60 -8.92
N VAL E 262 22.88 20.42 -8.11
CA VAL E 262 22.22 21.51 -7.41
C VAL E 262 22.13 21.10 -5.95
N TYR E 263 22.93 21.73 -5.09
CA TYR E 263 22.93 21.43 -3.68
C TYR E 263 21.92 22.31 -2.97
N PHE E 264 21.02 21.68 -2.21
CA PHE E 264 20.07 22.38 -1.37
C PHE E 264 20.52 22.24 0.07
N ASP E 265 20.69 23.36 0.76
CA ASP E 265 21.18 23.37 2.13
C ASP E 265 20.00 23.51 3.08
N LEU E 266 19.89 22.57 4.01
CA LEU E 266 18.82 22.53 5.01
C LEU E 266 19.41 22.56 6.41
N SER E 267 18.66 23.14 7.34
CA SER E 267 19.03 23.18 8.74
C SER E 267 17.86 22.67 9.55
N ARG E 268 18.12 21.73 10.46
CA ARG E 268 17.05 21.11 11.22
C ARG E 268 16.52 22.08 12.26
N ARG E 269 15.22 22.40 12.16
CA ARG E 269 14.57 23.24 13.16
C ARG E 269 14.50 22.48 14.48
N MET E 270 15.24 22.94 15.48
CA MET E 270 15.26 22.28 16.79
C MET E 270 14.22 22.94 17.69
N GLY E 271 12.97 22.65 17.39
CA GLY E 271 11.87 23.15 18.19
C GLY E 271 10.99 22.04 18.72
N TYR E 272 11.02 20.90 18.03
CA TYR E 272 10.27 19.72 18.43
C TYR E 272 11.07 18.88 19.42
N PHE E 273 12.32 18.61 19.09
CA PHE E 273 13.14 17.77 19.95
C PHE E 273 13.41 18.42 21.29
N THR E 274 13.38 19.75 21.36
CA THR E 274 13.54 20.42 22.64
C THR E 274 12.47 19.97 23.62
N ILE E 275 11.21 20.27 23.33
CA ILE E 275 10.12 19.88 24.21
C ILE E 275 9.92 18.37 24.27
N GLN E 276 10.44 17.63 23.29
CA GLN E 276 10.26 16.18 23.32
C GLN E 276 11.26 15.49 24.23
N THR E 277 12.52 15.92 24.19
CA THR E 277 13.60 15.25 24.89
C THR E 277 14.24 16.11 25.97
N TYR E 278 14.69 17.31 25.63
CA TYR E 278 15.63 18.01 26.49
C TYR E 278 14.96 18.51 27.77
N ILE E 279 13.72 18.99 27.66
CA ILE E 279 13.01 19.49 28.82
C ILE E 279 12.63 18.34 29.74
N PRO E 280 11.99 17.25 29.25
CA PRO E 280 11.59 16.20 30.19
C PRO E 280 12.76 15.48 30.86
N CYS E 281 13.85 15.20 30.12
CA CYS E 281 14.99 14.55 30.76
C CYS E 281 15.62 15.45 31.82
N THR E 282 15.76 16.74 31.52
CA THR E 282 16.33 17.66 32.50
C THR E 282 15.46 17.71 33.75
N LEU E 283 14.13 17.77 33.57
CA LEU E 283 13.25 17.82 34.74
C LEU E 283 13.28 16.50 35.49
N ILE E 284 13.47 15.38 34.78
CA ILE E 284 13.58 14.10 35.47
C ILE E 284 14.84 14.03 36.32
N VAL E 285 15.94 14.60 35.82
CA VAL E 285 17.18 14.61 36.60
C VAL E 285 17.02 15.50 37.82
N VAL E 286 16.51 16.72 37.63
CA VAL E 286 16.30 17.60 38.78
C VAL E 286 15.27 17.04 39.74
N LEU E 287 14.41 16.13 39.27
CA LEU E 287 13.46 15.46 40.14
C LEU E 287 14.13 14.35 40.94
N SER E 288 15.01 13.59 40.29
CA SER E 288 15.78 12.58 41.02
C SER E 288 16.66 13.22 42.08
N TRP E 289 17.09 14.47 41.86
CA TRP E 289 17.86 15.16 42.89
C TRP E 289 17.06 15.38 44.17
N VAL E 290 15.73 15.31 44.11
CA VAL E 290 14.90 15.58 45.28
C VAL E 290 15.24 14.63 46.42
N SER E 291 15.66 13.40 46.10
CA SER E 291 15.97 12.42 47.13
C SER E 291 17.02 12.90 48.11
N PHE E 292 17.87 13.84 47.70
CA PHE E 292 18.96 14.28 48.58
C PHE E 292 18.43 15.04 49.78
N TRP E 293 17.46 15.93 49.58
CA TRP E 293 16.95 16.73 50.68
C TRP E 293 16.11 15.91 51.65
N ILE E 294 15.58 14.78 51.22
CA ILE E 294 14.81 13.92 52.11
C ILE E 294 15.74 13.32 53.16
N ASN E 295 15.24 13.19 54.39
CA ASN E 295 16.03 12.59 55.46
C ASN E 295 16.40 11.16 55.13
N LYS E 296 17.48 10.68 55.74
CA LYS E 296 18.02 9.37 55.43
C LYS E 296 17.17 8.23 55.95
N ASP E 297 16.23 8.51 56.85
CA ASP E 297 15.44 7.44 57.45
C ASP E 297 14.27 7.00 56.58
N ALA E 298 13.82 7.83 55.64
CA ALA E 298 12.77 7.44 54.71
C ALA E 298 13.37 6.56 53.63
N VAL E 299 13.55 5.28 53.97
CA VAL E 299 14.18 4.32 53.06
C VAL E 299 13.27 4.02 51.87
N PRO E 300 12.02 3.58 52.08
CA PRO E 300 11.17 3.27 50.91
C PRO E 300 10.89 4.47 50.04
N ALA E 301 10.74 5.66 50.65
CA ALA E 301 10.48 6.86 49.89
C ALA E 301 11.60 7.13 48.88
N ARG E 302 12.83 7.28 49.37
CA ARG E 302 13.95 7.59 48.49
C ARG E 302 14.20 6.46 47.50
N THR E 303 14.06 5.21 47.95
CA THR E 303 14.33 4.08 47.06
C THR E 303 13.34 4.06 45.89
N SER E 304 12.04 4.14 46.19
CA SER E 304 11.04 4.15 45.14
C SER E 304 11.20 5.37 44.24
N LEU E 305 11.51 6.53 44.81
CA LEU E 305 11.75 7.71 44.01
C LEU E 305 12.86 7.48 43.00
N GLY E 306 14.02 7.02 43.47
CA GLY E 306 15.13 6.79 42.57
C GLY E 306 14.79 5.80 41.47
N ILE E 307 14.21 4.66 41.84
CA ILE E 307 14.02 3.63 40.83
C ILE E 307 12.93 4.03 39.84
N THR E 308 11.92 4.78 40.29
CA THR E 308 10.86 5.18 39.38
C THR E 308 11.36 6.27 38.41
N THR E 309 12.20 7.17 38.90
CA THR E 309 12.83 8.10 37.95
C THR E 309 13.76 7.37 36.99
N VAL E 310 14.36 6.27 37.42
CA VAL E 310 15.16 5.45 36.48
C VAL E 310 14.27 4.91 35.37
N LEU E 311 13.13 4.33 35.74
CA LEU E 311 12.20 3.81 34.74
C LEU E 311 11.73 4.93 33.80
N THR E 312 11.43 6.09 34.36
CA THR E 312 11.04 7.22 33.53
C THR E 312 12.15 7.62 32.57
N MET E 313 13.40 7.58 33.02
CA MET E 313 14.51 7.93 32.15
C MET E 313 14.64 6.94 31.01
N THR E 314 14.41 5.65 31.27
CA THR E 314 14.42 4.68 30.17
C THR E 314 13.32 4.98 29.16
N THR E 315 12.11 5.22 29.66
CA THR E 315 10.99 5.49 28.76
C THR E 315 11.24 6.74 27.91
N LEU E 316 11.94 7.73 28.47
CA LEU E 316 12.33 8.88 27.66
C LEU E 316 13.44 8.54 26.68
N SER E 317 14.39 7.70 27.09
CA SER E 317 15.51 7.36 26.22
C SER E 317 15.04 6.67 24.95
N THR E 318 13.94 5.92 25.03
CA THR E 318 13.42 5.27 23.83
C THR E 318 13.12 6.28 22.72
N ILE E 319 12.31 7.31 23.03
CA ILE E 319 11.76 8.16 21.98
C ILE E 319 12.84 9.00 21.31
N ALA E 320 13.93 9.28 22.02
CA ALA E 320 15.02 10.05 21.42
C ALA E 320 15.56 9.36 20.17
N ARG E 321 15.84 8.06 20.27
CA ARG E 321 16.38 7.32 19.14
C ARG E 321 15.29 6.80 18.21
N LYS E 322 14.03 6.77 18.66
CA LYS E 322 12.94 6.36 17.77
C LYS E 322 12.93 7.13 16.46
N SER E 323 13.40 8.38 16.45
CA SER E 323 13.31 9.20 15.26
C SER E 323 14.38 8.87 14.23
N LEU E 324 15.52 8.34 14.67
CA LEU E 324 16.69 8.20 13.82
C LEU E 324 16.84 6.78 13.29
N PRO E 325 17.56 6.60 12.18
CA PRO E 325 17.90 5.23 11.72
C PRO E 325 18.91 4.54 12.60
N LYS E 326 19.32 3.33 12.22
CA LYS E 326 20.23 2.53 13.02
C LYS E 326 21.69 2.92 12.75
N VAL E 327 21.99 4.19 12.96
CA VAL E 327 23.35 4.68 12.76
C VAL E 327 24.23 4.18 13.90
N SER E 328 25.43 3.71 13.56
CA SER E 328 26.31 3.06 14.51
C SER E 328 27.31 4.04 15.13
N TYR E 329 26.81 5.15 15.67
CA TYR E 329 27.66 6.10 16.37
C TYR E 329 26.78 6.94 17.29
N VAL E 330 27.45 7.72 18.14
CA VAL E 330 26.78 8.48 19.18
C VAL E 330 26.49 9.89 18.65
N THR E 331 25.22 10.25 18.59
CA THR E 331 24.80 11.58 18.20
C THR E 331 24.78 12.47 19.45
N ALA E 332 24.17 13.65 19.34
CA ALA E 332 24.12 14.55 20.49
C ALA E 332 22.92 14.32 21.39
N MET E 333 21.79 13.91 20.85
CA MET E 333 20.62 13.71 21.69
C MET E 333 20.69 12.42 22.47
N ASP E 334 21.16 11.33 21.85
CA ASP E 334 21.35 10.11 22.61
C ASP E 334 22.48 10.27 23.62
N LEU E 335 23.48 11.08 23.32
CA LEU E 335 24.50 11.40 24.31
C LEU E 335 23.90 12.14 25.51
N PHE E 336 23.06 13.14 25.24
CA PHE E 336 22.41 13.88 26.32
C PHE E 336 21.55 12.96 27.17
N VAL E 337 20.74 12.11 26.53
CA VAL E 337 19.85 11.26 27.30
C VAL E 337 20.61 10.19 28.06
N SER E 338 21.74 9.72 27.51
CA SER E 338 22.56 8.77 28.24
C SER E 338 23.20 9.42 29.46
N VAL E 339 23.65 10.67 29.32
CA VAL E 339 24.22 11.37 30.47
C VAL E 339 23.15 11.59 31.53
N CYS E 340 21.93 11.93 31.12
CA CYS E 340 20.86 12.10 32.09
C CYS E 340 20.55 10.79 32.82
N PHE E 341 20.48 9.69 32.08
CA PHE E 341 20.24 8.39 32.71
C PHE E 341 21.37 8.03 33.65
N ILE E 342 22.62 8.34 33.28
CA ILE E 342 23.75 8.07 34.15
C ILE E 342 23.64 8.88 35.43
N PHE E 343 23.17 10.13 35.31
CA PHE E 343 22.99 10.97 36.50
C PHE E 343 21.95 10.38 37.45
N VAL E 344 20.83 9.93 36.90
CA VAL E 344 19.79 9.34 37.74
C VAL E 344 20.30 8.06 38.41
N PHE E 345 20.93 7.19 37.62
CA PHE E 345 21.51 5.96 38.14
C PHE E 345 22.52 6.26 39.26
N SER E 346 23.37 7.26 39.06
CA SER E 346 24.38 7.59 40.05
C SER E 346 23.74 8.16 41.31
N ALA E 347 22.65 8.92 41.17
CA ALA E 347 21.95 9.39 42.37
C ALA E 347 21.41 8.22 43.19
N LEU E 348 20.80 7.23 42.52
CA LEU E 348 20.26 6.10 43.26
C LEU E 348 21.37 5.28 43.92
N VAL E 349 22.47 5.06 43.19
CA VAL E 349 23.58 4.32 43.80
C VAL E 349 24.21 5.11 44.94
N GLU E 350 24.26 6.44 44.81
CA GLU E 350 24.78 7.26 45.91
C GLU E 350 23.93 7.09 47.16
N TYR E 351 22.62 7.12 47.00
CA TYR E 351 21.76 6.88 48.16
C TYR E 351 21.97 5.48 48.72
N GLY E 352 22.16 4.49 47.85
CA GLY E 352 22.42 3.14 48.34
C GLY E 352 23.65 3.07 49.21
N THR E 353 24.76 3.62 48.73
CA THR E 353 25.99 3.61 49.52
C THR E 353 25.84 4.44 50.79
N LEU E 354 25.09 5.54 50.73
CA LEU E 354 24.85 6.34 51.93
C LEU E 354 24.12 5.53 52.99
N HIS E 355 23.05 4.83 52.59
CA HIS E 355 22.32 4.01 53.53
C HIS E 355 23.18 2.86 54.06
N TYR E 356 24.08 2.33 53.22
CA TYR E 356 24.97 1.28 53.71
C TYR E 356 25.95 1.82 54.73
N PHE E 357 26.45 3.03 54.53
CA PHE E 357 27.39 3.62 55.47
C PHE E 357 26.71 4.14 56.73
N VAL E 358 25.39 4.36 56.69
CA VAL E 358 24.67 4.78 57.89
C VAL E 358 24.91 3.80 59.02
N SER E 359 24.80 2.50 58.73
CA SER E 359 24.93 1.49 59.79
C SER E 359 26.36 1.35 60.27
N SER E 360 27.34 1.67 59.43
CA SER E 360 28.74 1.48 59.78
C SER E 360 29.36 2.73 60.40
N GLN E 361 29.32 3.85 59.69
CA GLN E 361 29.86 5.12 60.19
C GLN E 361 28.83 6.23 59.99
N PRO E 362 28.16 6.66 61.06
CA PRO E 362 27.15 7.73 60.89
C PRO E 362 27.74 9.09 60.61
N ALA E 363 28.82 9.46 61.31
CA ALA E 363 29.44 10.76 61.07
C ALA E 363 30.04 10.84 59.67
N ARG E 364 30.48 9.71 59.12
CA ARG E 364 30.96 9.69 57.75
C ARG E 364 29.81 9.90 56.78
N ALA E 365 28.69 9.23 57.00
CA ALA E 365 27.55 9.35 56.12
C ALA E 365 26.87 10.71 56.24
N ALA E 366 27.10 11.44 57.33
CA ALA E 366 26.44 12.71 57.53
C ALA E 366 26.91 13.78 56.54
N LYS E 367 28.09 13.61 55.96
CA LYS E 367 28.62 14.57 55.00
C LYS E 367 28.35 14.19 53.55
N MET E 368 27.99 12.93 53.29
CA MET E 368 27.75 12.50 51.92
C MET E 368 26.57 13.23 51.30
N ASP E 369 25.51 13.43 52.07
CA ASP E 369 24.35 14.14 51.55
C ASP E 369 24.68 15.60 51.25
N SER E 370 25.39 16.26 52.18
CA SER E 370 25.76 17.65 51.97
C SER E 370 26.73 17.81 50.80
N TYR E 371 27.54 16.78 50.52
CA TYR E 371 28.40 16.83 49.35
C TYR E 371 27.61 16.62 48.07
N ALA E 372 26.71 15.65 48.05
CA ALA E 372 25.95 15.36 46.85
C ALA E 372 25.05 16.53 46.47
N ARG E 373 24.43 17.17 47.46
CA ARG E 373 23.50 18.27 47.19
C ARG E 373 24.14 19.35 46.33
N ILE E 374 25.46 19.53 46.42
CA ILE E 374 26.14 20.56 45.66
C ILE E 374 26.83 19.95 44.46
N PHE E 375 27.23 18.68 44.57
CA PHE E 375 28.04 18.06 43.53
C PHE E 375 27.21 17.63 42.33
N PHE E 376 25.97 17.18 42.55
CA PHE E 376 25.17 16.70 41.42
C PHE E 376 24.65 17.85 40.56
N PRO E 377 23.98 18.87 41.11
CA PRO E 377 23.54 19.98 40.24
C PRO E 377 24.70 20.68 39.54
N THR E 378 25.83 20.91 40.23
CA THR E 378 26.92 21.61 39.57
C THR E 378 27.52 20.77 38.45
N ALA E 379 27.57 19.44 38.63
CA ALA E 379 28.08 18.58 37.57
C ALA E 379 27.14 18.59 36.38
N PHE E 380 25.83 18.54 36.62
CA PHE E 380 24.89 18.57 35.50
C PHE E 380 24.93 19.90 34.78
N CYS E 381 25.07 21.02 35.51
CA CYS E 381 25.15 22.31 34.85
C CYS E 381 26.45 22.45 34.06
N LEU E 382 27.56 21.94 34.59
CA LEU E 382 28.81 21.98 33.84
C LEU E 382 28.70 21.16 32.56
N PHE E 383 28.09 19.97 32.65
CA PHE E 383 27.89 19.17 31.45
C PHE E 383 27.00 19.88 30.44
N ASN E 384 25.89 20.47 30.92
CA ASN E 384 25.01 21.21 30.03
C ASN E 384 25.78 22.33 29.33
N LEU E 385 26.62 23.06 30.07
CA LEU E 385 27.36 24.16 29.47
C LEU E 385 28.30 23.65 28.39
N VAL E 386 29.16 22.68 28.72
CA VAL E 386 30.13 22.21 27.74
C VAL E 386 29.43 21.58 26.54
N TYR E 387 28.29 20.91 26.78
CA TYR E 387 27.56 20.26 25.69
C TYR E 387 26.93 21.27 24.76
N TRP E 388 26.13 22.19 25.31
CA TRP E 388 25.46 23.19 24.49
C TRP E 388 26.43 24.18 23.87
N VAL E 389 27.66 24.25 24.38
CA VAL E 389 28.66 25.12 23.76
C VAL E 389 29.42 24.40 22.65
N SER E 390 29.80 23.14 22.88
CA SER E 390 30.57 22.41 21.88
C SER E 390 29.72 22.05 20.67
N TYR E 391 28.43 21.78 20.88
CA TYR E 391 27.58 21.35 19.78
C TYR E 391 26.97 22.52 19.01
N LEU E 392 27.21 23.76 19.45
CA LEU E 392 26.76 24.92 18.70
C LEU E 392 27.90 25.73 18.10
N TYR E 393 29.14 25.49 18.50
CA TYR E 393 30.28 26.08 17.83
C TYR E 393 30.59 25.42 16.50
N LEU E 394 29.95 24.29 16.19
CA LEU E 394 30.22 23.57 14.95
C LEU E 394 29.42 24.15 13.79
N ASN F 1 8.02 -46.03 -0.98
CA ASN F 1 7.04 -46.88 -1.62
C ASN F 1 5.70 -46.84 -0.89
N ILE F 2 4.62 -46.75 -1.65
CA ILE F 2 3.26 -46.69 -1.12
C ILE F 2 2.56 -48.01 -1.40
N VAL F 3 2.03 -48.63 -0.35
CA VAL F 3 1.34 -49.91 -0.48
C VAL F 3 -0.15 -49.67 -0.31
N MET F 4 -0.94 -50.48 -1.01
CA MET F 4 -2.39 -50.36 -1.02
C MET F 4 -3.00 -51.64 -0.44
N THR F 5 -3.60 -51.54 0.73
CA THR F 5 -4.30 -52.67 1.34
C THR F 5 -5.75 -52.65 0.89
N GLN F 6 -6.17 -53.69 0.18
CA GLN F 6 -7.50 -53.76 -0.40
C GLN F 6 -8.34 -54.76 0.38
N SER F 7 -9.53 -54.32 0.80
CA SER F 7 -10.43 -55.16 1.57
C SER F 7 -11.77 -55.28 0.87
N PRO F 8 -12.40 -56.46 0.93
CA PRO F 8 -11.83 -57.66 1.53
C PRO F 8 -11.02 -58.47 0.52
N LYS F 9 -10.24 -59.45 0.99
CA LYS F 9 -9.44 -60.27 0.08
C LYS F 9 -10.34 -61.10 -0.83
N SER F 10 -11.42 -61.65 -0.28
CA SER F 10 -12.36 -62.44 -1.06
C SER F 10 -13.75 -62.20 -0.50
N MET F 11 -14.71 -61.98 -1.39
CA MET F 11 -16.07 -61.66 -0.98
C MET F 11 -17.06 -62.28 -1.96
N SER F 12 -18.12 -62.87 -1.40
CA SER F 12 -19.16 -63.52 -2.19
C SER F 12 -20.47 -62.80 -1.96
N MET F 13 -21.06 -62.27 -3.03
CA MET F 13 -22.34 -61.60 -2.95
C MET F 13 -23.14 -61.94 -4.21
N SER F 14 -24.45 -62.05 -4.05
CA SER F 14 -25.31 -62.55 -5.11
C SER F 14 -25.53 -61.46 -6.15
N VAL F 15 -26.48 -61.69 -7.06
CA VAL F 15 -26.75 -60.78 -8.17
C VAL F 15 -27.96 -59.92 -7.83
N GLY F 16 -27.85 -58.62 -8.10
CA GLY F 16 -28.96 -57.69 -7.96
C GLY F 16 -28.74 -56.60 -6.93
N GLU F 17 -27.82 -56.77 -5.99
CA GLU F 17 -27.65 -55.84 -4.90
C GLU F 17 -26.44 -54.94 -5.13
N ARG F 18 -26.12 -54.11 -4.14
CA ARG F 18 -25.07 -53.10 -4.23
C ARG F 18 -23.93 -53.50 -3.30
N VAL F 19 -22.75 -53.70 -3.87
CA VAL F 19 -21.59 -54.15 -3.13
C VAL F 19 -20.55 -53.03 -3.08
N THR F 20 -19.63 -53.12 -2.13
CA THR F 20 -18.60 -52.10 -1.96
C THR F 20 -17.25 -52.76 -1.69
N LEU F 21 -16.20 -52.15 -2.25
CA LEU F 21 -14.83 -52.55 -2.01
C LEU F 21 -14.07 -51.35 -1.46
N SER F 22 -13.13 -51.61 -0.55
CA SER F 22 -12.34 -50.53 0.05
C SER F 22 -10.86 -50.73 -0.25
N CYS F 23 -10.13 -49.62 -0.28
CA CYS F 23 -8.71 -49.65 -0.62
C CYS F 23 -8.02 -48.53 0.14
N LYS F 24 -7.13 -48.86 1.07
CA LYS F 24 -6.47 -47.87 1.90
C LYS F 24 -5.00 -47.76 1.53
N ALA F 25 -4.52 -46.53 1.40
CA ALA F 25 -3.11 -46.27 1.12
C ALA F 25 -2.37 -45.89 2.39
N SER F 26 -1.07 -46.12 2.38
CA SER F 26 -0.25 -45.85 3.56
C SER F 26 0.15 -44.38 3.62
N GLU F 27 0.64 -43.84 2.51
CA GLU F 27 1.00 -42.44 2.43
C GLU F 27 -0.19 -41.63 1.90
N TYR F 28 0.07 -40.39 1.49
CA TYR F 28 -0.93 -39.56 0.84
C TYR F 28 -0.91 -39.82 -0.66
N VAL F 29 -2.06 -40.16 -1.22
CA VAL F 29 -2.26 -40.25 -2.66
C VAL F 29 -3.56 -39.52 -2.97
N GLY F 30 -3.47 -38.27 -3.38
CA GLY F 30 -4.65 -37.45 -3.45
C GLY F 30 -5.44 -37.60 -4.73
N THR F 31 -6.53 -38.36 -4.66
CA THR F 31 -7.42 -38.58 -5.80
C THR F 31 -6.64 -39.03 -7.04
N TYR F 32 -5.64 -39.87 -6.82
CA TYR F 32 -4.81 -40.43 -7.88
C TYR F 32 -4.79 -41.95 -7.77
N VAL F 33 -5.97 -42.54 -7.59
CA VAL F 33 -6.12 -43.98 -7.45
C VAL F 33 -7.09 -44.47 -8.50
N SER F 34 -6.67 -45.45 -9.28
CA SER F 34 -7.48 -46.00 -10.36
C SER F 34 -7.92 -47.43 -10.04
N TRP F 35 -9.08 -47.78 -10.57
CA TRP F 35 -9.72 -49.07 -10.35
C TRP F 35 -9.82 -49.80 -11.68
N TYR F 36 -9.28 -51.02 -11.72
CA TYR F 36 -9.27 -51.89 -12.90
C TYR F 36 -10.06 -53.14 -12.61
N GLN F 37 -10.76 -53.64 -13.64
CA GLN F 37 -11.53 -54.88 -13.56
C GLN F 37 -10.93 -55.88 -14.53
N GLN F 38 -10.30 -56.91 -13.98
CA GLN F 38 -9.60 -57.92 -14.76
C GLN F 38 -10.40 -59.22 -14.71
N LYS F 39 -10.90 -59.64 -15.87
CA LYS F 39 -11.57 -60.92 -16.00
C LYS F 39 -10.55 -62.02 -16.24
N PRO F 40 -10.88 -63.26 -15.89
CA PRO F 40 -9.93 -64.37 -16.12
C PRO F 40 -9.62 -64.54 -17.60
N GLU F 41 -8.33 -64.78 -17.87
CA GLU F 41 -7.83 -64.90 -19.25
C GLU F 41 -8.12 -63.64 -20.06
N GLN F 42 -7.89 -62.48 -19.44
CA GLN F 42 -8.07 -61.21 -20.12
C GLN F 42 -7.09 -60.20 -19.53
N SER F 43 -6.92 -59.09 -20.22
CA SER F 43 -6.11 -58.01 -19.69
C SER F 43 -6.95 -57.12 -18.77
N PRO F 44 -6.33 -56.50 -17.77
CA PRO F 44 -7.09 -55.58 -16.92
C PRO F 44 -7.62 -54.41 -17.72
N LYS F 45 -8.85 -53.99 -17.41
CA LYS F 45 -9.47 -52.88 -18.08
C LYS F 45 -9.78 -51.79 -17.05
N LEU F 46 -9.40 -50.56 -17.38
CA LEU F 46 -9.59 -49.45 -16.46
C LEU F 46 -11.07 -49.15 -16.27
N LEU F 47 -11.50 -49.07 -15.02
CA LEU F 47 -12.87 -48.71 -14.69
C LEU F 47 -12.96 -47.27 -14.22
N ILE F 48 -12.18 -46.90 -13.21
CA ILE F 48 -12.27 -45.58 -12.60
C ILE F 48 -10.89 -44.94 -12.59
N TYR F 49 -10.76 -43.79 -13.26
CA TYR F 49 -9.53 -43.02 -13.18
C TYR F 49 -9.75 -41.79 -12.31
N GLY F 50 -8.67 -41.09 -12.03
CA GLY F 50 -8.73 -40.02 -11.05
C GLY F 50 -9.01 -40.60 -9.68
N ALA F 51 -10.12 -40.20 -9.08
CA ALA F 51 -10.66 -40.91 -7.92
C ALA F 51 -12.09 -41.34 -8.13
N SER F 52 -12.91 -40.48 -8.75
CA SER F 52 -14.29 -40.80 -9.12
C SER F 52 -14.50 -40.23 -10.51
N ASN F 53 -14.20 -41.03 -11.53
CA ASN F 53 -14.37 -40.63 -12.92
C ASN F 53 -14.59 -41.89 -13.72
N ARG F 54 -15.82 -42.08 -14.21
CA ARG F 54 -16.12 -43.26 -15.00
C ARG F 54 -15.47 -43.16 -16.37
N TYR F 55 -14.93 -44.27 -16.85
CA TYR F 55 -14.25 -44.29 -18.13
C TYR F 55 -15.27 -44.43 -19.27
N THR F 56 -14.76 -44.33 -20.49
CA THR F 56 -15.61 -44.43 -21.68
C THR F 56 -15.94 -45.89 -21.93
N GLY F 57 -17.20 -46.25 -21.73
CA GLY F 57 -17.66 -47.62 -21.96
C GLY F 57 -18.12 -48.35 -20.72
N VAL F 58 -18.02 -47.78 -19.53
CA VAL F 58 -18.43 -48.46 -18.31
C VAL F 58 -19.83 -48.02 -17.93
N PRO F 59 -20.71 -48.94 -17.52
CA PRO F 59 -22.06 -48.53 -17.11
C PRO F 59 -22.02 -47.69 -15.85
N ASP F 60 -23.10 -46.92 -15.65
CA ASP F 60 -23.20 -45.98 -14.55
C ASP F 60 -23.50 -46.65 -13.21
N ARG F 61 -23.40 -47.97 -13.12
CA ARG F 61 -23.57 -48.65 -11.84
C ARG F 61 -22.30 -48.65 -11.02
N PHE F 62 -21.15 -48.35 -11.62
CA PHE F 62 -19.89 -48.25 -10.91
C PHE F 62 -19.66 -46.81 -10.47
N THR F 63 -19.31 -46.62 -9.21
CA THR F 63 -19.04 -45.30 -8.69
C THR F 63 -17.84 -45.36 -7.75
N GLY F 64 -16.99 -44.34 -7.81
CA GLY F 64 -15.84 -44.28 -6.93
C GLY F 64 -15.96 -43.15 -5.93
N SER F 65 -15.21 -43.24 -4.84
CA SER F 65 -15.19 -42.19 -3.83
C SER F 65 -13.78 -42.09 -3.29
N GLY F 66 -13.21 -40.89 -3.34
CA GLY F 66 -11.81 -40.69 -3.05
C GLY F 66 -11.51 -39.83 -1.85
N SER F 67 -10.30 -39.96 -1.32
CA SER F 67 -9.86 -39.25 -0.13
C SER F 67 -8.35 -39.07 -0.23
N ALA F 68 -7.71 -38.80 0.89
CA ALA F 68 -6.25 -38.76 0.93
C ALA F 68 -5.63 -40.12 1.20
N THR F 69 -6.31 -40.98 1.96
CA THR F 69 -5.77 -42.30 2.30
C THR F 69 -6.65 -43.45 1.84
N ASP F 70 -7.96 -43.41 2.13
CA ASP F 70 -8.83 -44.54 1.89
C ASP F 70 -9.90 -44.21 0.85
N PHE F 71 -10.13 -45.13 -0.08
CA PHE F 71 -11.02 -44.93 -1.20
C PHE F 71 -11.98 -46.12 -1.29
N THR F 72 -13.11 -45.89 -1.94
CA THR F 72 -14.14 -46.92 -2.06
C THR F 72 -14.63 -47.02 -3.49
N LEU F 73 -15.00 -48.25 -3.88
CA LEU F 73 -15.62 -48.52 -5.17
C LEU F 73 -16.94 -49.24 -4.91
N THR F 74 -18.05 -48.61 -5.27
CA THR F 74 -19.38 -49.18 -5.08
C THR F 74 -19.94 -49.61 -6.42
N ILE F 75 -20.42 -50.84 -6.49
CA ILE F 75 -21.12 -51.36 -7.65
C ILE F 75 -22.57 -51.59 -7.23
N GLY F 76 -23.46 -50.69 -7.65
CA GLY F 76 -24.87 -50.80 -7.31
C GLY F 76 -25.60 -51.63 -8.35
N SER F 77 -26.40 -52.59 -7.86
CA SER F 77 -27.15 -53.51 -8.71
C SER F 77 -26.20 -54.29 -9.62
N VAL F 78 -25.39 -55.13 -8.98
CA VAL F 78 -24.40 -55.92 -9.71
C VAL F 78 -25.10 -56.82 -10.73
N GLN F 79 -24.34 -57.24 -11.73
CA GLN F 79 -24.83 -58.04 -12.84
C GLN F 79 -24.08 -59.37 -12.89
N ALA F 80 -24.36 -60.14 -13.94
CA ALA F 80 -23.77 -61.46 -14.12
C ALA F 80 -22.45 -61.44 -14.89
N GLU F 81 -22.05 -60.29 -15.43
CA GLU F 81 -20.74 -60.15 -16.05
C GLU F 81 -19.81 -59.26 -15.25
N ASP F 82 -20.21 -58.85 -14.04
CA ASP F 82 -19.39 -58.02 -13.18
C ASP F 82 -18.60 -58.84 -12.16
N LEU F 83 -18.43 -60.14 -12.40
CA LEU F 83 -17.72 -61.02 -11.47
C LEU F 83 -16.31 -61.22 -12.02
N ALA F 84 -15.37 -60.45 -11.49
CA ALA F 84 -13.97 -60.54 -11.90
C ALA F 84 -13.11 -59.93 -10.80
N ASP F 85 -11.80 -59.96 -11.00
CA ASP F 85 -10.90 -59.36 -10.04
C ASP F 85 -10.92 -57.84 -10.16
N TYR F 86 -10.71 -57.16 -9.04
CA TYR F 86 -10.73 -55.70 -9.00
C TYR F 86 -9.47 -55.21 -8.31
N HIS F 87 -8.72 -54.35 -8.99
CA HIS F 87 -7.44 -53.85 -8.48
C HIS F 87 -7.50 -52.35 -8.30
N CYS F 88 -7.01 -51.87 -7.16
CA CYS F 88 -6.82 -50.45 -6.92
C CYS F 88 -5.34 -50.13 -6.98
N GLY F 89 -4.99 -49.09 -7.72
CA GLY F 89 -3.59 -48.71 -7.87
C GLY F 89 -3.38 -47.22 -7.81
N GLN F 90 -2.40 -46.79 -7.02
CA GLN F 90 -2.12 -45.37 -6.87
C GLN F 90 -1.13 -44.90 -7.93
N SER F 91 -1.32 -43.67 -8.39
CA SER F 91 -0.44 -43.07 -9.38
C SER F 91 0.28 -41.84 -8.87
N TYR F 92 0.03 -41.42 -7.63
CA TYR F 92 0.69 -40.25 -7.08
C TYR F 92 2.20 -40.42 -7.08
N SER F 93 2.68 -41.64 -6.91
CA SER F 93 4.08 -41.99 -7.02
C SER F 93 4.23 -43.00 -8.15
N TYR F 94 5.39 -43.61 -8.25
CA TYR F 94 5.55 -44.75 -9.15
C TYR F 94 4.47 -45.78 -8.84
N PRO F 95 3.73 -46.26 -9.85
CA PRO F 95 2.50 -47.00 -9.56
C PRO F 95 2.75 -48.29 -8.79
N THR F 96 1.99 -48.46 -7.71
CA THR F 96 1.92 -49.72 -6.99
C THR F 96 0.46 -50.12 -6.87
N PHE F 97 0.20 -51.42 -6.92
CA PHE F 97 -1.16 -51.95 -6.94
C PHE F 97 -1.49 -52.63 -5.63
N GLY F 98 -2.79 -52.73 -5.37
CA GLY F 98 -3.26 -53.46 -4.21
C GLY F 98 -3.25 -54.95 -4.44
N ALA F 99 -3.50 -55.68 -3.35
CA ALA F 99 -3.46 -57.14 -3.41
C ALA F 99 -4.54 -57.71 -4.31
N GLY F 100 -5.54 -56.92 -4.68
CA GLY F 100 -6.63 -57.40 -5.48
C GLY F 100 -7.77 -57.95 -4.64
N THR F 101 -8.92 -58.11 -5.28
CA THR F 101 -10.09 -58.64 -4.60
C THR F 101 -10.90 -59.47 -5.59
N LYS F 102 -11.20 -60.71 -5.21
CA LYS F 102 -12.03 -61.58 -6.03
C LYS F 102 -13.50 -61.29 -5.76
N LEU F 103 -14.31 -61.52 -6.79
CA LEU F 103 -15.76 -61.34 -6.69
C LEU F 103 -16.45 -62.58 -7.24
N GLU F 104 -17.14 -63.30 -6.36
CA GLU F 104 -17.86 -64.51 -6.74
C GLU F 104 -19.30 -64.39 -6.28
N LEU F 105 -20.18 -65.13 -6.93
CA LEU F 105 -21.61 -65.07 -6.63
C LEU F 105 -21.88 -65.60 -5.23
N VAL G 2 -4.50 -46.56 -28.86
CA VAL G 2 -5.64 -47.35 -29.32
C VAL G 2 -5.39 -48.83 -29.11
N GLN G 3 -4.27 -49.32 -29.65
CA GLN G 3 -3.97 -50.74 -29.60
C GLN G 3 -2.51 -50.95 -29.26
N LEU G 4 -2.25 -51.92 -28.38
CA LEU G 4 -0.90 -52.33 -28.01
C LEU G 4 -0.81 -53.84 -28.20
N GLN G 5 0.00 -54.28 -29.16
CA GLN G 5 0.14 -55.68 -29.50
C GLN G 5 1.50 -56.19 -29.02
N GLN G 6 1.49 -57.30 -28.31
CA GLN G 6 2.72 -57.88 -27.79
C GLN G 6 3.08 -59.13 -28.59
N SER G 7 4.16 -59.78 -28.15
CA SER G 7 4.62 -61.01 -28.79
C SER G 7 3.80 -62.19 -28.27
N GLY G 8 4.27 -63.41 -28.54
CA GLY G 8 3.63 -64.61 -28.04
C GLY G 8 4.30 -65.15 -26.80
N ALA G 9 3.54 -65.91 -26.02
CA ALA G 9 4.06 -66.52 -24.81
C ALA G 9 5.16 -67.51 -25.16
N GLU G 10 6.07 -67.74 -24.21
CA GLU G 10 7.22 -68.57 -24.52
C GLU G 10 7.83 -69.18 -23.27
N LEU G 11 8.66 -70.19 -23.52
CA LEU G 11 9.45 -70.89 -22.51
C LEU G 11 10.91 -70.52 -22.70
N VAL G 12 11.60 -70.23 -21.60
CA VAL G 12 13.01 -69.86 -21.62
C VAL G 12 13.72 -70.60 -20.50
N LYS G 13 14.88 -71.19 -20.81
CA LYS G 13 15.64 -71.92 -19.82
C LYS G 13 16.16 -70.98 -18.73
N PRO G 14 16.10 -71.38 -17.47
CA PRO G 14 16.57 -70.49 -16.39
C PRO G 14 18.05 -70.14 -16.55
N GLY G 15 18.36 -68.86 -16.34
CA GLY G 15 19.69 -68.34 -16.53
C GLY G 15 19.89 -67.58 -17.82
N ALA G 16 18.98 -67.73 -18.78
CA ALA G 16 19.08 -67.04 -20.06
C ALA G 16 18.49 -65.63 -19.94
N SER G 17 18.26 -64.99 -21.08
CA SER G 17 17.67 -63.66 -21.12
C SER G 17 16.50 -63.64 -22.10
N VAL G 18 15.55 -62.75 -21.83
CA VAL G 18 14.32 -62.64 -22.61
C VAL G 18 14.19 -61.20 -23.10
N LYS G 19 13.61 -61.03 -24.28
CA LYS G 19 13.30 -59.70 -24.82
C LYS G 19 11.87 -59.72 -25.34
N LEU G 20 10.94 -59.22 -24.53
CA LEU G 20 9.56 -59.11 -24.94
C LEU G 20 9.34 -57.78 -25.65
N SER G 21 8.25 -57.70 -26.41
CA SER G 21 8.01 -56.58 -27.30
C SER G 21 6.58 -56.08 -27.14
N CYS G 22 6.39 -54.80 -27.47
CA CYS G 22 5.08 -54.17 -27.36
C CYS G 22 5.00 -53.09 -28.45
N THR G 23 4.37 -53.42 -29.57
CA THR G 23 4.19 -52.47 -30.66
C THR G 23 2.89 -51.70 -30.47
N ALA G 24 2.90 -50.43 -30.86
CA ALA G 24 1.74 -49.57 -30.74
C ALA G 24 1.09 -49.36 -32.10
N SER G 25 -0.22 -49.12 -32.08
CA SER G 25 -0.96 -48.86 -33.30
C SER G 25 -2.19 -48.04 -32.96
N GLY G 26 -2.41 -46.96 -33.71
CA GLY G 26 -3.48 -46.02 -33.42
C GLY G 26 -3.03 -44.78 -32.68
N PHE G 27 -1.79 -44.75 -32.18
CA PHE G 27 -1.24 -43.57 -31.53
C PHE G 27 0.27 -43.61 -31.71
N ASN G 28 0.95 -42.61 -31.14
CA ASN G 28 2.40 -42.49 -31.21
C ASN G 28 2.97 -42.58 -29.81
N ILE G 29 4.07 -43.33 -29.68
CA ILE G 29 4.54 -43.71 -28.34
C ILE G 29 5.20 -42.54 -27.61
N LYS G 30 5.82 -41.61 -28.34
CA LYS G 30 6.55 -40.55 -27.65
C LYS G 30 5.64 -39.56 -26.96
N ASP G 31 4.33 -39.72 -27.05
CA ASP G 31 3.41 -38.80 -26.41
C ASP G 31 3.19 -39.13 -24.94
N THR G 32 3.09 -40.41 -24.60
CA THR G 32 2.79 -40.86 -23.25
C THR G 32 3.92 -41.75 -22.75
N TYR G 33 3.77 -42.21 -21.50
CA TYR G 33 4.72 -43.12 -20.90
C TYR G 33 4.29 -44.56 -21.15
N MET G 34 5.26 -45.47 -21.05
CA MET G 34 4.99 -46.90 -21.25
C MET G 34 5.39 -47.64 -19.99
N TYR G 35 4.45 -48.37 -19.41
CA TYR G 35 4.65 -49.11 -18.17
C TYR G 35 4.68 -50.60 -18.47
N TRP G 36 5.51 -51.33 -17.74
CA TRP G 36 5.57 -52.78 -17.84
C TRP G 36 5.15 -53.38 -16.51
N VAL G 37 4.15 -54.26 -16.55
CA VAL G 37 3.57 -54.82 -15.34
C VAL G 37 3.73 -56.33 -15.38
N LYS G 38 4.02 -56.92 -14.22
CA LYS G 38 4.19 -58.36 -14.08
C LYS G 38 3.13 -58.91 -13.14
N GLN G 39 2.45 -59.98 -13.55
CA GLN G 39 1.38 -60.57 -12.77
C GLN G 39 1.61 -62.06 -12.63
N ARG G 40 1.71 -62.54 -11.40
CA ARG G 40 1.81 -63.97 -11.14
C ARG G 40 0.41 -64.58 -11.12
N PRO G 41 0.30 -65.89 -11.36
CA PRO G 41 -1.01 -66.54 -11.28
C PRO G 41 -1.55 -66.47 -9.87
N GLU G 42 -2.79 -65.96 -9.74
CA GLU G 42 -3.44 -65.75 -8.45
C GLU G 42 -2.56 -64.90 -7.54
N GLN G 43 -2.39 -63.65 -7.96
CA GLN G 43 -1.55 -62.71 -7.23
C GLN G 43 -1.86 -61.30 -7.72
N GLY G 44 -1.54 -60.32 -6.89
CA GLY G 44 -1.71 -58.95 -7.28
C GLY G 44 -0.71 -58.54 -8.35
N LEU G 45 -0.94 -57.35 -8.90
CA LEU G 45 -0.07 -56.85 -9.95
C LEU G 45 1.23 -56.32 -9.35
N GLU G 46 2.27 -56.30 -10.18
CA GLU G 46 3.57 -55.80 -9.77
C GLU G 46 4.12 -54.95 -10.91
N TRP G 47 4.50 -53.72 -10.61
CA TRP G 47 5.00 -52.79 -11.61
C TRP G 47 6.48 -53.01 -11.81
N ILE G 48 6.89 -53.22 -13.07
CA ILE G 48 8.29 -53.49 -13.38
C ILE G 48 9.02 -52.18 -13.59
N GLY G 49 8.62 -51.42 -14.60
CA GLY G 49 9.27 -50.16 -14.85
C GLY G 49 8.45 -49.28 -15.78
N ARG G 50 9.08 -48.17 -16.17
CA ARG G 50 8.45 -47.08 -16.87
C ARG G 50 9.48 -46.46 -17.81
N ILE G 51 9.06 -46.15 -19.04
CA ILE G 51 9.91 -45.49 -20.00
C ILE G 51 9.18 -44.33 -20.65
N ASP G 52 9.93 -43.28 -20.96
CA ASP G 52 9.44 -42.11 -21.67
C ASP G 52 10.07 -42.09 -23.06
N PRO G 53 9.33 -42.43 -24.11
CA PRO G 53 9.97 -42.59 -25.42
C PRO G 53 10.47 -41.30 -26.04
N ALA G 54 9.84 -40.17 -25.73
CA ALA G 54 10.27 -38.91 -26.34
C ALA G 54 11.63 -38.46 -25.83
N ASN G 55 12.00 -38.89 -24.63
CA ASN G 55 13.29 -38.55 -24.04
C ASN G 55 14.23 -39.74 -23.97
N GLY G 56 13.79 -40.85 -23.40
CA GLY G 56 14.61 -42.02 -23.19
C GLY G 56 14.92 -42.32 -21.75
N ASP G 57 14.49 -41.47 -20.82
CA ASP G 57 14.73 -41.72 -19.40
C ASP G 57 13.78 -42.79 -18.90
N THR G 58 14.31 -43.72 -18.12
CA THR G 58 13.54 -44.83 -17.58
C THR G 58 13.64 -44.85 -16.07
N LYS G 59 12.65 -45.48 -15.45
CA LYS G 59 12.67 -45.75 -14.02
C LYS G 59 12.25 -47.19 -13.79
N TYR G 60 12.83 -47.80 -12.76
CA TYR G 60 12.61 -49.21 -12.50
C TYR G 60 12.18 -49.41 -11.05
N ASP G 61 11.45 -50.49 -10.82
CA ASP G 61 11.05 -50.84 -9.48
C ASP G 61 12.29 -51.19 -8.65
N PRO G 62 12.24 -50.99 -7.33
CA PRO G 62 13.40 -51.37 -6.50
C PRO G 62 13.78 -52.83 -6.64
N LYS G 63 12.80 -53.73 -6.63
CA LYS G 63 13.05 -55.16 -6.76
C LYS G 63 13.12 -55.62 -8.21
N PHE G 64 13.25 -54.69 -9.16
CA PHE G 64 13.42 -55.04 -10.56
C PHE G 64 14.61 -54.35 -11.21
N GLN G 65 15.27 -53.43 -10.53
CA GLN G 65 16.44 -52.77 -11.08
C GLN G 65 17.65 -53.70 -11.04
N GLY G 66 18.47 -53.65 -12.08
CA GLY G 66 19.56 -54.57 -12.27
C GLY G 66 19.17 -55.84 -13.00
N LYS G 67 17.90 -56.22 -12.94
CA LYS G 67 17.40 -57.40 -13.62
C LYS G 67 16.68 -57.08 -14.93
N ALA G 68 16.01 -55.94 -15.02
CA ALA G 68 15.20 -55.59 -16.17
C ALA G 68 15.77 -54.35 -16.86
N THR G 69 15.47 -54.24 -18.15
CA THR G 69 15.95 -53.12 -18.96
C THR G 69 14.87 -52.78 -19.98
N ILE G 70 14.23 -51.64 -19.82
CA ILE G 70 13.17 -51.19 -20.72
C ILE G 70 13.77 -50.27 -21.75
N THR G 71 13.64 -50.62 -23.03
CA THR G 71 14.16 -49.82 -24.13
C THR G 71 13.02 -49.52 -25.10
N THR G 72 13.29 -48.60 -26.02
CA THR G 72 12.28 -48.18 -26.97
C THR G 72 12.88 -48.10 -28.37
N ASP G 73 12.00 -48.23 -29.37
CA ASP G 73 12.34 -48.04 -30.77
C ASP G 73 11.22 -47.17 -31.34
N THR G 74 11.43 -45.85 -31.33
CA THR G 74 10.39 -44.92 -31.72
C THR G 74 10.14 -44.95 -33.22
N PHE G 75 11.15 -45.31 -34.01
CA PHE G 75 10.96 -45.40 -35.46
C PHE G 75 10.03 -46.55 -35.80
N SER G 76 10.22 -47.71 -35.18
CA SER G 76 9.30 -48.83 -35.31
C SER G 76 8.10 -48.71 -34.38
N ASN G 77 8.11 -47.74 -33.46
CA ASN G 77 6.99 -47.44 -32.58
C ASN G 77 6.71 -48.59 -31.60
N THR G 78 7.77 -49.19 -31.07
CA THR G 78 7.64 -50.31 -30.15
C THR G 78 8.45 -50.06 -28.89
N ALA G 79 8.13 -50.84 -27.85
CA ALA G 79 8.82 -50.79 -26.57
C ALA G 79 9.19 -52.20 -26.16
N TYR G 80 10.46 -52.44 -25.88
CA TYR G 80 10.97 -53.76 -25.54
C TYR G 80 11.35 -53.81 -24.07
N LEU G 81 11.21 -55.01 -23.50
CA LEU G 81 11.58 -55.27 -22.11
C LEU G 81 12.55 -56.44 -22.10
N GLN G 82 13.73 -56.23 -21.53
CA GLN G 82 14.80 -57.22 -21.47
C GLN G 82 14.91 -57.71 -20.04
N LEU G 83 14.60 -58.99 -19.84
CA LEU G 83 14.79 -59.65 -18.56
C LEU G 83 16.08 -60.45 -18.59
N SER G 84 16.88 -60.32 -17.52
CA SER G 84 18.16 -60.99 -17.43
C SER G 84 18.19 -61.86 -16.18
N SER G 85 18.93 -62.97 -16.27
CA SER G 85 19.07 -63.93 -15.19
C SER G 85 17.71 -64.46 -14.73
N LEU G 86 17.03 -65.13 -15.66
CA LEU G 86 15.71 -65.67 -15.38
C LEU G 86 15.80 -66.76 -14.32
N THR G 87 14.79 -66.81 -13.45
CA THR G 87 14.75 -67.79 -12.38
C THR G 87 13.42 -68.53 -12.38
N SER G 88 13.16 -69.32 -11.35
CA SER G 88 11.93 -70.10 -11.27
C SER G 88 10.73 -69.29 -10.80
N GLU G 89 10.94 -68.07 -10.35
CA GLU G 89 9.85 -67.21 -9.89
C GLU G 89 9.44 -66.18 -10.93
N ASP G 90 10.13 -66.12 -12.07
CA ASP G 90 9.77 -65.20 -13.13
C ASP G 90 8.66 -65.73 -14.03
N THR G 91 8.15 -66.93 -13.76
CA THR G 91 7.01 -67.46 -14.51
C THR G 91 5.79 -66.61 -14.24
N ALA G 92 5.38 -65.81 -15.22
CA ALA G 92 4.31 -64.84 -14.97
C ALA G 92 3.75 -64.35 -16.29
N VAL G 93 2.87 -63.36 -16.21
CA VAL G 93 2.27 -62.73 -17.38
C VAL G 93 2.71 -61.28 -17.38
N TYR G 94 3.20 -60.81 -18.53
CA TYR G 94 3.78 -59.49 -18.66
C TYR G 94 2.88 -58.64 -19.54
N TYR G 95 2.45 -57.50 -19.01
CA TYR G 95 1.56 -56.57 -19.69
C TYR G 95 2.29 -55.27 -19.99
N CYS G 96 1.86 -54.65 -21.09
CA CYS G 96 2.39 -53.38 -21.58
C CYS G 96 1.25 -52.37 -21.55
N ALA G 97 1.36 -51.36 -20.69
CA ALA G 97 0.30 -50.38 -20.52
C ALA G 97 0.78 -49.00 -20.93
N ARG G 98 -0.16 -48.17 -21.34
CA ARG G 98 0.11 -46.80 -21.78
C ARG G 98 -0.54 -45.82 -20.82
N LYS G 99 0.25 -44.90 -20.30
CA LYS G 99 -0.28 -43.86 -19.42
C LYS G 99 -1.27 -42.99 -20.16
N GLY G 100 -2.29 -42.52 -19.44
CA GLY G 100 -3.25 -41.62 -20.02
C GLY G 100 -4.44 -41.35 -19.12
N LEU G 101 -5.01 -40.15 -19.23
CA LEU G 101 -6.21 -39.76 -18.49
C LEU G 101 -5.97 -39.84 -16.99
N ARG G 102 -5.11 -38.93 -16.52
CA ARG G 102 -4.82 -38.74 -15.10
C ARG G 102 -4.01 -39.91 -14.53
N TRP G 103 -3.04 -40.39 -15.30
CA TRP G 103 -2.11 -41.44 -14.89
C TRP G 103 -2.87 -42.71 -14.49
N ALA G 104 -3.54 -43.30 -15.47
CA ALA G 104 -4.46 -44.39 -15.20
C ALA G 104 -4.11 -45.69 -15.89
N MET G 105 -3.24 -45.69 -16.89
CA MET G 105 -2.93 -46.88 -17.67
C MET G 105 -4.19 -47.47 -18.30
N ASP G 106 -4.80 -46.68 -19.17
CA ASP G 106 -6.11 -47.03 -19.73
C ASP G 106 -6.00 -48.23 -20.67
N TYR G 107 -5.06 -48.20 -21.60
CA TYR G 107 -4.91 -49.26 -22.59
C TYR G 107 -3.83 -50.23 -22.13
N TRP G 108 -4.22 -51.49 -21.96
CA TRP G 108 -3.29 -52.56 -21.60
C TRP G 108 -3.07 -53.47 -22.80
N GLY G 109 -1.91 -54.11 -22.81
CA GLY G 109 -1.64 -55.10 -23.84
C GLY G 109 -2.26 -56.45 -23.53
N GLN G 110 -2.32 -57.29 -24.56
CA GLN G 110 -2.88 -58.63 -24.39
C GLN G 110 -2.06 -59.45 -23.39
N GLY G 111 -0.78 -59.13 -23.25
CA GLY G 111 0.06 -59.79 -22.27
C GLY G 111 0.70 -61.07 -22.76
N THR G 112 2.01 -61.18 -22.57
CA THR G 112 2.74 -62.40 -22.87
C THR G 112 2.83 -63.26 -21.61
N SER G 113 3.16 -64.53 -21.78
CA SER G 113 3.32 -65.44 -20.65
C SER G 113 4.72 -66.05 -20.71
N VAL G 114 5.54 -65.74 -19.73
CA VAL G 114 6.92 -66.21 -19.67
C VAL G 114 6.99 -67.37 -18.69
N THR G 115 7.47 -68.52 -19.17
CA THR G 115 7.67 -69.70 -18.34
C THR G 115 9.14 -70.11 -18.39
N VAL G 116 9.57 -70.85 -17.35
CA VAL G 116 10.93 -71.35 -17.27
C VAL G 116 10.88 -72.86 -17.02
N SER G 117 12.01 -73.51 -17.28
CA SER G 117 12.12 -74.96 -17.11
C SER G 117 13.39 -75.33 -16.37
N ASN H 1 -27.93 35.99 -1.64
CA ASN H 1 -27.64 37.18 -2.45
C ASN H 1 -26.57 38.03 -1.78
N ILE H 2 -25.57 38.44 -2.55
CA ILE H 2 -24.46 39.25 -2.06
C ILE H 2 -24.76 40.71 -2.40
N VAL H 3 -24.59 41.58 -1.41
CA VAL H 3 -24.85 43.01 -1.57
C VAL H 3 -23.52 43.74 -1.61
N MET H 4 -23.37 44.63 -2.59
CA MET H 4 -22.13 45.37 -2.79
C MET H 4 -22.31 46.79 -2.26
N THR H 5 -21.71 47.06 -1.10
CA THR H 5 -21.75 48.38 -0.49
C THR H 5 -20.66 49.22 -1.14
N GLN H 6 -21.05 50.25 -1.87
CA GLN H 6 -20.13 51.11 -2.58
C GLN H 6 -19.92 52.42 -1.83
N SER H 7 -18.71 52.95 -1.92
CA SER H 7 -18.34 54.17 -1.21
C SER H 7 -17.44 55.03 -2.09
N PRO H 8 -17.66 56.36 -2.09
CA PRO H 8 -18.79 56.98 -1.41
C PRO H 8 -20.00 57.12 -2.33
N LYS H 9 -21.08 57.71 -1.82
CA LYS H 9 -22.29 57.85 -2.64
C LYS H 9 -22.10 58.89 -3.72
N SER H 10 -21.44 60.00 -3.40
CA SER H 10 -21.24 61.09 -4.37
C SER H 10 -20.03 61.89 -3.94
N MET H 11 -19.06 62.02 -4.83
CA MET H 11 -17.83 62.76 -4.57
C MET H 11 -17.75 63.97 -5.47
N SER H 12 -16.81 64.86 -5.14
CA SER H 12 -16.52 66.04 -5.96
C SER H 12 -15.00 66.24 -5.93
N MET H 13 -14.35 66.00 -7.06
CA MET H 13 -12.90 66.08 -7.15
C MET H 13 -12.51 66.89 -8.38
N SER H 14 -11.35 67.55 -8.28
CA SER H 14 -10.86 68.40 -9.35
C SER H 14 -10.37 67.56 -10.52
N VAL H 15 -9.92 68.23 -11.56
CA VAL H 15 -9.43 67.57 -12.76
C VAL H 15 -7.95 67.25 -12.58
N GLY H 16 -7.54 66.05 -13.00
CA GLY H 16 -6.15 65.69 -12.99
C GLY H 16 -5.60 65.21 -11.67
N GLU H 17 -6.45 64.78 -10.74
CA GLU H 17 -6.02 64.30 -9.44
C GLU H 17 -6.42 62.85 -9.26
N ARG H 18 -5.64 62.13 -8.45
CA ARG H 18 -5.88 60.72 -8.21
C ARG H 18 -7.15 60.54 -7.38
N VAL H 19 -8.04 59.65 -7.82
CA VAL H 19 -9.29 59.39 -7.13
C VAL H 19 -9.44 57.88 -6.94
N THR H 20 -10.10 57.50 -5.85
CA THR H 20 -10.33 56.10 -5.52
C THR H 20 -11.80 55.88 -5.18
N LEU H 21 -12.28 54.69 -5.53
CA LEU H 21 -13.64 54.26 -5.25
C LEU H 21 -13.60 52.90 -4.60
N SER H 22 -14.39 52.69 -3.54
CA SER H 22 -14.36 51.45 -2.79
C SER H 22 -15.66 50.68 -2.98
N CYS H 23 -15.57 49.35 -2.90
CA CYS H 23 -16.73 48.49 -3.08
C CYS H 23 -16.47 47.23 -2.26
N LYS H 24 -17.23 47.06 -1.18
CA LYS H 24 -17.08 45.93 -0.29
C LYS H 24 -18.26 44.98 -0.42
N ALA H 25 -17.98 43.69 -0.46
CA ALA H 25 -19.01 42.68 -0.53
C ALA H 25 -19.16 41.99 0.83
N SER H 26 -20.37 41.49 1.08
CA SER H 26 -20.64 40.81 2.34
C SER H 26 -20.09 39.38 2.33
N GLU H 27 -20.40 38.63 1.28
CA GLU H 27 -19.94 37.26 1.13
C GLU H 27 -18.62 37.27 0.35
N TYR H 28 -18.02 36.10 0.19
CA TYR H 28 -16.76 35.98 -0.53
C TYR H 28 -17.02 36.05 -2.03
N VAL H 29 -16.39 37.01 -2.69
CA VAL H 29 -16.33 37.08 -4.14
C VAL H 29 -14.86 37.18 -4.51
N GLY H 30 -14.32 36.11 -5.09
CA GLY H 30 -12.88 35.99 -5.20
C GLY H 30 -12.21 37.11 -5.97
N THR H 31 -12.36 37.09 -7.29
CA THR H 31 -11.87 38.18 -8.12
C THR H 31 -12.87 38.54 -9.21
N TYR H 32 -14.15 38.23 -9.00
CA TYR H 32 -15.18 38.38 -10.02
C TYR H 32 -15.98 39.65 -9.86
N VAL H 33 -15.34 40.72 -9.41
CA VAL H 33 -15.97 42.03 -9.27
C VAL H 33 -15.51 42.91 -10.41
N SER H 34 -16.44 43.32 -11.25
CA SER H 34 -16.15 44.14 -12.42
C SER H 34 -16.71 45.54 -12.23
N TRP H 35 -16.06 46.49 -12.90
CA TRP H 35 -16.39 47.91 -12.80
C TRP H 35 -16.88 48.40 -14.15
N TYR H 36 -18.11 48.92 -14.17
CA TYR H 36 -18.74 49.49 -15.35
C TYR H 36 -18.88 50.99 -15.21
N GLN H 37 -18.85 51.67 -16.35
CA GLN H 37 -18.98 53.12 -16.44
C GLN H 37 -20.23 53.46 -17.23
N GLN H 38 -21.12 54.27 -16.65
CA GLN H 38 -22.39 54.61 -17.27
C GLN H 38 -22.49 56.13 -17.39
N LYS H 39 -22.51 56.62 -18.62
CA LYS H 39 -22.74 58.02 -18.89
C LYS H 39 -24.25 58.31 -18.89
N PRO H 40 -24.64 59.57 -18.71
CA PRO H 40 -26.07 59.91 -18.78
C PRO H 40 -26.65 59.62 -20.15
N GLU H 41 -27.80 58.94 -20.16
CA GLU H 41 -28.51 58.58 -21.39
C GLU H 41 -27.64 57.72 -22.31
N GLN H 42 -26.89 56.79 -21.71
CA GLN H 42 -26.09 55.83 -22.45
C GLN H 42 -26.14 54.49 -21.73
N SER H 43 -25.48 53.49 -22.31
CA SER H 43 -25.42 52.15 -21.75
C SER H 43 -24.12 51.96 -20.97
N PRO H 44 -24.15 51.19 -19.89
CA PRO H 44 -22.92 50.98 -19.11
C PRO H 44 -21.87 50.25 -19.93
N LYS H 45 -20.63 50.74 -19.84
CA LYS H 45 -19.50 50.16 -20.55
C LYS H 45 -18.58 49.47 -19.55
N LEU H 46 -18.10 48.29 -19.92
CA LEU H 46 -17.22 47.54 -19.03
C LEU H 46 -15.84 48.18 -19.00
N LEU H 47 -15.38 48.55 -17.80
CA LEU H 47 -14.04 49.10 -17.63
C LEU H 47 -13.07 48.08 -17.08
N ILE H 48 -13.40 47.43 -15.98
CA ILE H 48 -12.49 46.49 -15.32
C ILE H 48 -13.21 45.15 -15.21
N TYR H 49 -12.84 44.19 -16.05
CA TYR H 49 -13.40 42.85 -15.96
C TYR H 49 -12.51 42.02 -15.04
N GLY H 50 -13.14 41.27 -14.12
CA GLY H 50 -12.38 40.63 -13.07
C GLY H 50 -11.74 41.69 -12.18
N ALA H 51 -10.98 41.27 -11.18
CA ALA H 51 -10.29 42.21 -10.31
C ALA H 51 -8.95 42.56 -10.92
N SER H 52 -8.73 43.85 -11.18
CA SER H 52 -7.47 44.37 -11.71
C SER H 52 -7.14 43.78 -13.08
N ASN H 53 -8.02 44.05 -14.04
CA ASN H 53 -7.78 43.68 -15.44
C ASN H 53 -8.47 44.72 -16.31
N ARG H 54 -7.67 45.51 -17.02
CA ARG H 54 -8.25 46.53 -17.89
C ARG H 54 -8.89 45.90 -19.12
N TYR H 55 -9.89 46.57 -19.65
CA TYR H 55 -10.62 46.11 -20.83
C TYR H 55 -9.98 46.65 -22.09
N THR H 56 -10.27 45.98 -23.21
CA THR H 56 -9.77 46.44 -24.50
C THR H 56 -10.48 47.72 -24.90
N GLY H 57 -9.73 48.82 -24.96
CA GLY H 57 -10.28 50.11 -25.30
C GLY H 57 -10.50 51.05 -24.15
N VAL H 58 -9.96 50.75 -22.97
CA VAL H 58 -10.11 51.65 -21.81
C VAL H 58 -8.79 52.38 -21.63
N PRO H 59 -8.81 53.65 -21.23
CA PRO H 59 -7.53 54.36 -21.00
C PRO H 59 -6.72 53.71 -19.89
N ASP H 60 -5.41 53.94 -19.95
CA ASP H 60 -4.48 53.35 -19.00
C ASP H 60 -4.53 54.01 -17.63
N ARG H 61 -5.29 55.10 -17.48
CA ARG H 61 -5.41 55.78 -16.20
C ARG H 61 -6.29 55.03 -15.21
N PHE H 62 -7.04 54.02 -15.66
CA PHE H 62 -7.89 53.23 -14.80
C PHE H 62 -7.13 51.99 -14.32
N THR H 63 -7.26 51.67 -13.04
CA THR H 63 -6.66 50.45 -12.52
C THR H 63 -7.55 49.90 -11.41
N GLY H 64 -7.43 48.60 -11.18
CA GLY H 64 -8.21 47.96 -10.14
C GLY H 64 -7.34 47.31 -9.09
N SER H 65 -7.90 47.06 -7.92
CA SER H 65 -7.21 46.36 -6.85
C SER H 65 -8.21 45.46 -6.16
N GLY H 66 -7.96 44.16 -6.16
CA GLY H 66 -8.92 43.20 -5.68
C GLY H 66 -8.48 42.40 -4.47
N SER H 67 -9.44 41.81 -3.78
CA SER H 67 -9.19 41.05 -2.57
C SER H 67 -10.35 40.07 -2.39
N ALA H 68 -10.47 39.50 -1.20
CA ALA H 68 -11.58 38.59 -0.94
C ALA H 68 -12.90 39.34 -0.84
N THR H 69 -12.90 40.51 -0.20
CA THR H 69 -14.12 41.27 0.01
C THR H 69 -14.02 42.72 -0.46
N ASP H 70 -12.89 43.37 -0.27
CA ASP H 70 -12.73 44.77 -0.65
C ASP H 70 -12.16 44.89 -2.05
N PHE H 71 -12.72 45.83 -2.83
CA PHE H 71 -12.26 46.06 -4.18
C PHE H 71 -12.24 47.56 -4.45
N THR H 72 -11.13 48.06 -4.97
CA THR H 72 -10.96 49.49 -5.20
C THR H 72 -10.68 49.75 -6.67
N LEU H 73 -11.24 50.86 -7.16
CA LEU H 73 -10.97 51.34 -8.51
C LEU H 73 -10.26 52.68 -8.39
N THR H 74 -9.07 52.77 -8.97
CA THR H 74 -8.23 53.95 -8.86
C THR H 74 -8.04 54.59 -10.23
N ILE H 75 -8.29 55.88 -10.29
CA ILE H 75 -7.99 56.68 -11.47
C ILE H 75 -6.86 57.64 -11.13
N GLY H 76 -5.95 57.83 -12.07
CA GLY H 76 -4.84 58.74 -11.86
C GLY H 76 -5.22 60.13 -12.31
N SER H 77 -4.61 60.60 -13.39
CA SER H 77 -5.04 61.85 -14.01
C SER H 77 -6.48 61.71 -14.47
N VAL H 78 -7.40 62.40 -13.81
CA VAL H 78 -8.81 62.36 -14.17
C VAL H 78 -9.12 63.54 -15.08
N GLN H 79 -9.88 63.29 -16.13
CA GLN H 79 -10.22 64.29 -17.11
C GLN H 79 -11.64 64.81 -16.87
N ALA H 80 -12.13 65.63 -17.80
CA ALA H 80 -13.46 66.22 -17.67
C ALA H 80 -14.55 65.37 -18.28
N GLU H 81 -14.21 64.43 -19.16
CA GLU H 81 -15.19 63.55 -19.79
C GLU H 81 -15.41 62.26 -19.00
N ASP H 82 -14.81 62.13 -17.82
CA ASP H 82 -15.07 61.02 -16.93
C ASP H 82 -16.28 61.25 -16.05
N LEU H 83 -17.06 62.29 -16.33
CA LEU H 83 -18.21 62.65 -15.51
C LEU H 83 -19.32 61.63 -15.72
N ALA H 84 -19.29 60.54 -14.97
CA ALA H 84 -20.24 59.46 -15.17
C ALA H 84 -20.41 58.68 -13.88
N ASP H 85 -21.38 57.77 -13.89
CA ASP H 85 -21.61 56.87 -12.78
C ASP H 85 -20.69 55.65 -12.91
N TYR H 86 -20.24 55.13 -11.76
CA TYR H 86 -19.34 53.99 -11.72
C TYR H 86 -19.98 52.91 -10.85
N HIS H 87 -20.32 51.79 -11.47
CA HIS H 87 -20.96 50.68 -10.77
C HIS H 87 -19.98 49.53 -10.59
N CYS H 88 -20.01 48.91 -9.42
CA CYS H 88 -19.26 47.70 -9.14
C CYS H 88 -20.24 46.54 -9.04
N GLY H 89 -19.91 45.43 -9.69
CA GLY H 89 -20.81 44.29 -9.71
C GLY H 89 -20.09 42.98 -9.56
N GLN H 90 -20.56 42.14 -8.66
CA GLN H 90 -19.97 40.84 -8.42
C GLN H 90 -20.57 39.81 -9.36
N SER H 91 -19.76 38.80 -9.70
CA SER H 91 -20.21 37.71 -10.56
C SER H 91 -19.87 36.35 -9.98
N TYR H 92 -19.33 36.29 -8.76
CA TYR H 92 -19.07 34.99 -8.14
C TYR H 92 -20.35 34.20 -7.92
N SER H 93 -21.44 34.90 -7.68
CA SER H 93 -22.78 34.33 -7.60
C SER H 93 -23.62 34.99 -8.69
N TYR H 94 -24.93 34.77 -8.62
CA TYR H 94 -25.83 35.49 -9.50
C TYR H 94 -25.56 36.99 -9.41
N PRO H 95 -25.49 37.69 -10.53
CA PRO H 95 -24.94 39.06 -10.52
C PRO H 95 -25.82 40.04 -9.75
N THR H 96 -25.20 40.77 -8.83
CA THR H 96 -25.82 41.88 -8.14
C THR H 96 -24.89 43.08 -8.22
N PHE H 97 -25.47 44.26 -8.38
CA PHE H 97 -24.71 45.49 -8.57
C PHE H 97 -24.84 46.39 -7.35
N GLY H 98 -23.99 47.41 -7.31
CA GLY H 98 -24.06 48.42 -6.27
C GLY H 98 -24.90 49.60 -6.69
N ALA H 99 -25.09 50.53 -5.74
CA ALA H 99 -25.90 51.71 -6.01
C ALA H 99 -25.23 52.67 -6.97
N GLY H 100 -23.91 52.62 -7.09
CA GLY H 100 -23.20 53.51 -7.98
C GLY H 100 -22.61 54.70 -7.24
N THR H 101 -21.66 55.37 -7.90
CA THR H 101 -21.00 56.55 -7.35
C THR H 101 -21.03 57.65 -8.40
N LYS H 102 -21.73 58.74 -8.09
CA LYS H 102 -21.84 59.86 -9.02
C LYS H 102 -20.61 60.73 -8.88
N LEU H 103 -19.78 60.75 -9.93
CA LEU H 103 -18.58 61.59 -9.94
C LEU H 103 -18.98 63.02 -10.28
N GLU H 104 -18.32 63.98 -9.63
CA GLU H 104 -18.57 65.39 -9.89
C GLU H 104 -17.23 66.13 -9.94
N LEU H 105 -17.17 67.14 -10.79
CA LEU H 105 -15.96 67.92 -10.99
C LEU H 105 -16.01 69.22 -10.21
N LYS H 106 -14.84 69.69 -9.79
CA LYS H 106 -14.71 70.95 -9.07
C LYS H 106 -13.27 71.44 -9.08
N VAL I 2 -21.17 41.26 -30.76
CA VAL I 2 -20.62 42.47 -31.36
C VAL I 2 -21.60 43.62 -31.18
N GLN I 3 -22.83 43.43 -31.65
CA GLN I 3 -23.87 44.44 -31.53
C GLN I 3 -25.13 43.81 -30.97
N LEU I 4 -25.74 44.48 -29.99
CA LEU I 4 -26.99 44.03 -29.38
C LEU I 4 -28.06 45.09 -29.64
N GLN I 5 -29.01 44.77 -30.49
CA GLN I 5 -30.06 45.69 -30.89
C GLN I 5 -31.32 45.41 -30.06
N GLN I 6 -31.77 46.40 -29.31
CA GLN I 6 -32.99 46.28 -28.53
C GLN I 6 -34.14 46.97 -29.25
N SER I 7 -35.35 46.60 -28.87
CA SER I 7 -36.55 47.15 -29.48
C SER I 7 -36.77 48.58 -28.97
N GLY I 8 -37.89 49.18 -29.35
CA GLY I 8 -38.19 50.53 -28.94
C GLY I 8 -38.83 50.60 -27.58
N ALA I 9 -39.14 51.83 -27.16
CA ALA I 9 -39.79 52.04 -25.88
C ALA I 9 -41.21 51.47 -25.89
N GLU I 10 -41.75 51.26 -24.70
CA GLU I 10 -43.07 50.66 -24.53
C GLU I 10 -43.92 51.54 -23.64
N LEU I 11 -45.16 51.78 -24.06
CA LEU I 11 -46.15 52.52 -23.29
C LEU I 11 -47.35 51.59 -23.14
N VAL I 12 -47.34 50.79 -22.07
CA VAL I 12 -48.34 49.74 -21.87
C VAL I 12 -49.19 50.11 -20.65
N LYS I 13 -50.50 49.90 -20.78
CA LYS I 13 -51.39 50.11 -19.65
C LYS I 13 -51.11 49.05 -18.57
N PRO I 14 -51.36 49.39 -17.31
CA PRO I 14 -51.10 48.42 -16.23
C PRO I 14 -51.97 47.19 -16.37
N GLY I 15 -51.49 46.09 -15.77
CA GLY I 15 -52.18 44.82 -15.80
C GLY I 15 -52.04 44.04 -17.08
N ALA I 16 -51.39 44.60 -18.10
CA ALA I 16 -51.19 43.91 -19.37
C ALA I 16 -49.79 43.29 -19.40
N SER I 17 -49.45 42.71 -20.54
CA SER I 17 -48.17 42.04 -20.73
C SER I 17 -47.36 42.77 -21.79
N VAL I 18 -46.04 42.79 -21.63
CA VAL I 18 -45.14 43.43 -22.57
C VAL I 18 -44.00 42.46 -22.89
N LYS I 19 -43.53 42.49 -24.13
CA LYS I 19 -42.47 41.59 -24.58
C LYS I 19 -41.37 42.41 -25.23
N LEU I 20 -40.22 42.48 -24.55
CA LEU I 20 -39.06 43.18 -25.07
C LEU I 20 -38.13 42.20 -25.77
N SER I 21 -37.47 42.69 -26.82
CA SER I 21 -36.63 41.87 -27.68
C SER I 21 -35.19 42.36 -27.66
N CYS I 22 -34.26 41.44 -27.86
CA CYS I 22 -32.83 41.73 -27.90
C CYS I 22 -32.19 40.84 -28.96
N THR I 23 -31.84 41.40 -30.10
CA THR I 23 -31.25 40.67 -31.20
C THR I 23 -29.73 40.84 -31.17
N ALA I 24 -29.01 39.79 -31.56
CA ALA I 24 -27.56 39.82 -31.60
C ALA I 24 -27.08 39.83 -33.04
N SER I 25 -26.04 40.61 -33.30
CA SER I 25 -25.42 40.68 -34.62
C SER I 25 -23.91 40.60 -34.42
N GLY I 26 -23.30 39.61 -35.07
CA GLY I 26 -21.87 39.39 -34.99
C GLY I 26 -21.46 38.12 -34.27
N PHE I 27 -22.33 37.56 -33.45
CA PHE I 27 -22.00 36.36 -32.70
C PHE I 27 -23.25 35.53 -32.50
N ASN I 28 -23.04 34.26 -32.13
CA ASN I 28 -24.13 33.35 -31.85
C ASN I 28 -24.42 33.35 -30.35
N ILE I 29 -25.71 33.47 -30.01
CA ILE I 29 -26.11 33.61 -28.61
C ILE I 29 -25.97 32.28 -27.86
N LYS I 30 -25.61 31.22 -28.58
CA LYS I 30 -25.47 29.92 -27.93
C LYS I 30 -24.18 29.79 -27.14
N ASP I 31 -23.15 30.58 -27.47
CA ASP I 31 -21.86 30.43 -26.81
C ASP I 31 -21.83 31.06 -25.42
N THR I 32 -22.60 32.14 -25.21
CA THR I 32 -22.58 32.86 -23.94
C THR I 32 -23.99 33.00 -23.40
N TYR I 33 -24.07 33.50 -22.17
CA TYR I 33 -25.35 33.73 -21.52
C TYR I 33 -25.93 35.07 -21.97
N MET I 34 -27.18 35.31 -21.57
CA MET I 34 -27.87 36.56 -21.86
C MET I 34 -28.51 37.07 -20.57
N TYR I 35 -28.11 38.26 -20.15
CA TYR I 35 -28.59 38.86 -18.91
C TYR I 35 -29.53 40.01 -19.21
N TRP I 36 -30.49 40.21 -18.31
CA TRP I 36 -31.44 41.32 -18.37
C TRP I 36 -31.27 42.16 -17.10
N VAL I 37 -31.09 43.46 -17.27
CA VAL I 37 -30.84 44.36 -16.15
C VAL I 37 -31.77 45.55 -16.27
N LYS I 38 -32.61 45.77 -15.26
CA LYS I 38 -33.45 46.95 -15.22
C LYS I 38 -32.77 48.03 -14.39
N GLN I 39 -33.11 49.28 -14.68
CA GLN I 39 -32.51 50.40 -13.97
C GLN I 39 -33.50 51.55 -13.91
N ARG I 40 -33.91 51.91 -12.70
CA ARG I 40 -34.83 53.01 -12.50
C ARG I 40 -34.10 54.35 -12.65
N PRO I 41 -34.83 55.42 -12.94
CA PRO I 41 -34.18 56.75 -13.00
C PRO I 41 -33.54 57.10 -11.67
N GLU I 42 -32.23 57.36 -11.71
CA GLU I 42 -31.44 57.67 -10.52
C GLU I 42 -31.55 56.55 -9.49
N GLN I 43 -31.25 55.33 -9.94
CA GLN I 43 -31.21 54.17 -9.06
C GLN I 43 -30.17 53.19 -9.59
N GLY I 44 -29.75 52.29 -8.71
CA GLY I 44 -28.76 51.30 -9.10
C GLY I 44 -29.34 50.24 -10.02
N LEU I 45 -28.44 49.51 -10.67
CA LEU I 45 -28.85 48.43 -11.57
C LEU I 45 -29.42 47.27 -10.76
N GLU I 46 -30.48 46.65 -11.30
CA GLU I 46 -31.11 45.50 -10.66
C GLU I 46 -31.19 44.38 -11.69
N TRP I 47 -30.62 43.23 -11.36
CA TRP I 47 -30.60 42.10 -12.27
C TRP I 47 -31.92 41.36 -12.22
N ILE I 48 -32.46 41.04 -13.40
CA ILE I 48 -33.76 40.37 -13.49
C ILE I 48 -33.54 38.87 -13.58
N GLY I 49 -32.82 38.44 -14.61
CA GLY I 49 -32.56 37.01 -14.79
C GLY I 49 -31.70 36.79 -16.01
N ARG I 50 -31.17 35.58 -16.09
CA ARG I 50 -30.35 35.15 -17.21
C ARG I 50 -30.91 33.88 -17.83
N ILE I 51 -30.58 33.67 -19.10
CA ILE I 51 -30.99 32.50 -19.84
C ILE I 51 -29.77 31.92 -20.55
N ASP I 52 -29.64 30.59 -20.52
CA ASP I 52 -28.61 29.88 -21.25
C ASP I 52 -29.25 29.38 -22.55
N PRO I 53 -29.06 30.06 -23.68
CA PRO I 53 -29.77 29.68 -24.90
C PRO I 53 -29.37 28.32 -25.45
N ALA I 54 -28.27 27.74 -24.99
CA ALA I 54 -27.86 26.42 -25.47
C ALA I 54 -28.94 25.39 -25.18
N ASN I 55 -29.45 25.38 -23.96
CA ASN I 55 -30.50 24.44 -23.57
C ASN I 55 -31.79 25.14 -23.15
N GLY I 56 -31.71 26.21 -22.38
CA GLY I 56 -32.91 26.91 -21.95
C GLY I 56 -32.99 27.09 -20.46
N ASP I 57 -31.90 26.81 -19.75
CA ASP I 57 -31.86 27.00 -18.31
C ASP I 57 -31.97 28.49 -18.00
N THR I 58 -33.03 28.87 -17.28
CA THR I 58 -33.29 30.26 -16.95
C THR I 58 -33.31 30.44 -15.44
N LYS I 59 -32.56 31.43 -14.97
CA LYS I 59 -32.54 31.77 -13.55
C LYS I 59 -33.02 33.20 -13.39
N TYR I 60 -33.74 33.47 -12.30
CA TYR I 60 -34.33 34.77 -12.07
C TYR I 60 -33.99 35.28 -10.69
N ASP I 61 -34.20 36.58 -10.50
CA ASP I 61 -34.08 37.20 -9.19
C ASP I 61 -35.32 36.87 -8.35
N PRO I 62 -35.15 36.41 -7.10
CA PRO I 62 -36.32 36.11 -6.27
C PRO I 62 -37.36 37.21 -6.17
N LYS I 63 -36.96 38.46 -6.48
CA LYS I 63 -37.91 39.56 -6.54
C LYS I 63 -38.52 39.74 -7.92
N PHE I 64 -38.22 38.84 -8.86
CA PHE I 64 -38.80 38.89 -10.20
C PHE I 64 -39.31 37.54 -10.69
N GLN I 65 -39.06 36.45 -9.96
CA GLN I 65 -39.55 35.15 -10.39
C GLN I 65 -41.07 35.13 -10.37
N GLY I 66 -41.67 34.48 -11.37
CA GLY I 66 -43.10 34.48 -11.55
C GLY I 66 -43.66 35.73 -12.19
N LYS I 67 -42.94 36.84 -12.14
CA LYS I 67 -43.39 38.09 -12.75
C LYS I 67 -42.90 38.19 -14.20
N ALA I 68 -41.59 38.07 -14.41
CA ALA I 68 -41.00 38.14 -15.73
C ALA I 68 -40.49 36.76 -16.16
N THR I 69 -40.62 36.48 -17.45
CA THR I 69 -40.18 35.21 -18.02
C THR I 69 -39.31 35.48 -19.23
N ILE I 70 -38.16 34.82 -19.30
CA ILE I 70 -37.18 35.05 -20.34
C ILE I 70 -37.16 33.83 -21.25
N THR I 71 -37.37 34.06 -22.54
CA THR I 71 -37.36 33.02 -23.55
C THR I 71 -36.37 33.40 -24.65
N THR I 72 -36.15 32.46 -25.57
CA THR I 72 -35.16 32.67 -26.61
C THR I 72 -35.63 32.11 -27.93
N ASP I 73 -35.06 32.65 -29.01
CA ASP I 73 -35.24 32.14 -30.36
C ASP I 73 -33.85 32.02 -30.95
N THR I 74 -33.36 30.78 -31.06
CA THR I 74 -32.00 30.53 -31.52
C THR I 74 -31.84 30.74 -33.01
N PHE I 75 -32.92 30.67 -33.78
CA PHE I 75 -32.83 30.90 -35.21
C PHE I 75 -32.38 32.31 -35.53
N SER I 76 -33.07 33.31 -34.98
CA SER I 76 -32.73 34.70 -35.19
C SER I 76 -31.74 35.24 -34.19
N ASN I 77 -31.30 34.41 -33.23
CA ASN I 77 -30.41 34.83 -32.14
C ASN I 77 -31.02 36.01 -31.38
N THR I 78 -32.21 35.77 -30.83
CA THR I 78 -32.99 36.83 -30.19
C THR I 78 -33.52 36.38 -28.84
N ALA I 79 -33.24 37.16 -27.81
CA ALA I 79 -33.74 36.88 -26.46
C ALA I 79 -34.91 37.80 -26.15
N TYR I 80 -35.99 37.22 -25.62
CA TYR I 80 -37.19 37.95 -25.30
C TYR I 80 -37.44 37.93 -23.81
N LEU I 81 -37.91 39.06 -23.28
CA LEU I 81 -38.27 39.20 -21.87
C LEU I 81 -39.73 39.63 -21.81
N GLN I 82 -40.56 38.78 -21.21
CA GLN I 82 -42.01 38.99 -21.16
C GLN I 82 -42.42 39.30 -19.71
N LEU I 83 -42.92 40.50 -19.50
CA LEU I 83 -43.51 40.89 -18.23
C LEU I 83 -45.02 40.63 -18.31
N SER I 84 -45.50 39.72 -17.46
CA SER I 84 -46.89 39.30 -17.51
C SER I 84 -47.83 40.33 -16.90
N SER I 85 -47.54 40.76 -15.68
CA SER I 85 -48.30 41.80 -15.00
C SER I 85 -47.32 42.80 -14.42
N LEU I 86 -47.49 44.08 -14.78
CA LEU I 86 -46.58 45.12 -14.35
C LEU I 86 -47.37 46.30 -13.78
N THR I 87 -46.97 46.76 -12.60
CA THR I 87 -47.61 47.87 -11.94
C THR I 87 -46.96 49.18 -12.39
N SER I 88 -47.24 50.26 -11.67
CA SER I 88 -46.76 51.58 -12.05
C SER I 88 -45.35 51.89 -11.56
N GLU I 89 -44.79 51.06 -10.68
CA GLU I 89 -43.49 51.37 -10.11
C GLU I 89 -42.34 51.01 -11.03
N ASP I 90 -42.50 50.00 -11.87
CA ASP I 90 -41.42 49.52 -12.72
C ASP I 90 -41.36 50.27 -14.05
N THR I 91 -41.32 51.60 -13.96
CA THR I 91 -41.06 52.46 -15.11
C THR I 91 -39.55 52.73 -15.11
N ALA I 92 -38.81 51.87 -15.80
CA ALA I 92 -37.36 51.95 -15.81
C ALA I 92 -36.82 51.74 -17.22
N VAL I 93 -35.50 51.64 -17.36
CA VAL I 93 -34.87 51.30 -18.62
C VAL I 93 -34.34 49.87 -18.51
N TYR I 94 -34.59 49.07 -19.55
CA TYR I 94 -34.25 47.66 -19.53
C TYR I 94 -33.13 47.40 -20.53
N TYR I 95 -32.03 46.86 -20.04
CA TYR I 95 -30.84 46.57 -20.83
C TYR I 95 -30.69 45.06 -20.99
N CYS I 96 -30.22 44.66 -22.17
CA CYS I 96 -29.88 43.28 -22.47
C CYS I 96 -28.38 43.21 -22.70
N ALA I 97 -27.70 42.35 -21.94
CA ALA I 97 -26.25 42.23 -21.99
C ALA I 97 -25.86 40.77 -22.16
N ARG I 98 -24.58 40.55 -22.41
CA ARG I 98 -24.05 39.20 -22.54
C ARG I 98 -22.86 39.03 -21.62
N LYS I 99 -22.63 37.80 -21.17
CA LYS I 99 -21.49 37.53 -20.31
C LYS I 99 -20.20 37.61 -21.10
N GLY I 100 -19.16 38.14 -20.47
CA GLY I 100 -17.92 38.39 -21.16
C GLY I 100 -16.77 37.49 -20.76
N LEU I 101 -15.64 38.09 -20.40
CA LEU I 101 -14.42 37.32 -20.20
C LEU I 101 -14.38 36.67 -18.83
N ARG I 102 -14.33 37.46 -17.77
CA ARG I 102 -14.31 36.94 -16.41
C ARG I 102 -15.69 37.01 -15.78
N TRP I 103 -16.65 36.40 -16.47
CA TRP I 103 -18.06 36.42 -16.08
C TRP I 103 -18.62 37.82 -15.95
N ALA I 104 -18.00 38.79 -16.60
CA ALA I 104 -18.49 40.14 -16.63
C ALA I 104 -19.46 40.33 -17.80
N MET I 105 -20.14 41.46 -17.81
CA MET I 105 -21.12 41.79 -18.86
C MET I 105 -20.47 42.83 -19.76
N ASP I 106 -19.76 42.35 -20.79
CA ASP I 106 -18.98 43.27 -21.62
C ASP I 106 -19.87 44.06 -22.55
N TYR I 107 -20.79 43.39 -23.25
CA TYR I 107 -21.61 44.03 -24.26
C TYR I 107 -23.04 44.17 -23.75
N TRP I 108 -23.52 45.41 -23.67
CA TRP I 108 -24.89 45.75 -23.33
C TRP I 108 -25.61 46.26 -24.57
N GLY I 109 -26.93 46.45 -24.44
CA GLY I 109 -27.72 46.94 -25.55
C GLY I 109 -27.83 48.45 -25.58
N GLN I 110 -28.99 48.96 -25.98
CA GLN I 110 -29.23 50.40 -26.02
C GLN I 110 -30.25 50.88 -25.00
N GLY I 111 -31.08 49.98 -24.46
CA GLY I 111 -32.05 50.36 -23.46
C GLY I 111 -33.43 50.61 -24.01
N THR I 112 -34.43 49.93 -23.44
CA THR I 112 -35.83 50.11 -23.80
C THR I 112 -36.55 50.67 -22.58
N SER I 113 -36.73 51.98 -22.55
CA SER I 113 -37.36 52.66 -21.43
C SER I 113 -38.86 52.42 -21.49
N VAL I 114 -39.34 51.45 -20.74
CA VAL I 114 -40.78 51.17 -20.68
C VAL I 114 -41.43 52.17 -19.73
N THR I 115 -42.68 52.53 -20.02
CA THR I 115 -43.42 53.50 -19.23
C THR I 115 -44.85 53.03 -19.10
N VAL I 116 -45.36 53.02 -17.87
CA VAL I 116 -46.73 52.62 -17.57
C VAL I 116 -47.44 53.82 -16.96
N SER I 117 -48.52 54.26 -17.61
CA SER I 117 -49.30 55.40 -17.14
C SER I 117 -50.74 55.20 -17.59
N THR I 118 -51.59 56.17 -17.29
CA THR I 118 -52.98 56.13 -17.67
C THR I 118 -53.37 57.35 -18.49
C1 NAG J . 29.66 -16.04 -0.54
C2 NAG J . 31.17 -16.21 -0.37
C3 NAG J . 31.82 -16.64 -1.67
C4 NAG J . 31.14 -17.90 -2.19
C5 NAG J . 29.65 -17.66 -2.34
C6 NAG J . 28.89 -18.91 -2.75
C7 NAG J . 31.82 -13.83 -0.49
C8 NAG J . 32.52 -12.71 0.24
N2 NAG J . 31.79 -15.00 0.16
O3 NAG J . 33.21 -16.87 -1.47
O4 NAG J . 31.70 -18.27 -3.46
O5 NAG J . 29.11 -17.26 -1.07
O6 NAG J . 28.49 -19.67 -1.61
O7 NAG J . 31.33 -13.67 -1.59
C1 NAG J . 32.57 -19.42 -3.36
C2 NAG J . 32.23 -20.36 -4.51
C3 NAG J . 33.20 -21.52 -4.60
C4 NAG J . 34.63 -20.97 -4.69
C5 NAG J . 34.88 -20.09 -3.48
C6 NAG J . 36.29 -19.52 -3.51
C7 NAG J . 30.13 -21.19 -5.43
C8 NAG J . 28.71 -21.52 -5.14
N2 NAG J . 30.89 -20.89 -4.38
O3 NAG J . 32.89 -22.32 -5.75
O4 NAG J . 35.58 -22.05 -4.73
O5 NAG J . 33.94 -19.01 -3.49
O6 NAG J . 36.33 -18.38 -4.39
O7 NAG J . 30.59 -21.20 -6.56
C1 BMA J . 36.09 -22.16 -6.07
C2 BMA J . 37.53 -21.66 -6.14
C3 BMA J . 37.93 -21.58 -7.60
C4 BMA J . 37.66 -22.89 -8.32
C5 BMA J . 36.30 -23.51 -7.98
C6 BMA J . 36.22 -24.94 -8.48
O2 BMA J . 38.38 -22.58 -5.46
O3 BMA J . 39.32 -21.26 -7.69
O4 BMA J . 37.72 -22.67 -9.74
O5 BMA J . 36.07 -23.49 -6.58
O6 BMA J . 35.17 -25.07 -9.44
C1 NAG K . 8.34 -4.93 -18.37
C2 NAG K . 8.96 -3.77 -19.14
C3 NAG K . 8.43 -2.45 -18.58
C4 NAG K . 6.91 -2.46 -18.67
C5 NAG K . 6.36 -3.66 -17.92
C6 NAG K . 4.84 -3.72 -18.04
C7 NAG K . 11.22 -4.26 -19.92
C8 NAG K . 12.68 -4.16 -19.60
N2 NAG K . 10.41 -3.78 -18.99
O3 NAG K . 8.97 -1.37 -19.36
O4 NAG K . 6.36 -1.24 -18.12
O5 NAG K . 6.92 -4.85 -18.45
O6 NAG K . 4.49 -4.02 -19.39
O7 NAG K . 10.81 -4.76 -20.96
C1 NAG K . 5.89 -0.43 -19.21
C2 NAG K . 4.74 0.48 -18.85
C3 NAG K . 4.21 1.13 -20.12
C4 NAG K . 5.36 1.74 -20.94
C5 NAG K . 6.51 0.76 -21.11
C6 NAG K . 7.68 1.40 -21.84
C7 NAG K . 3.49 -0.24 -16.89
C8 NAG K . 2.12 -0.65 -16.43
N2 NAG K . 3.68 -0.27 -18.20
O3 NAG K . 3.27 2.15 -19.77
O4 NAG K . 4.86 2.07 -22.23
O5 NAG K . 6.93 0.32 -19.82
O6 NAG K . 8.48 2.15 -20.92
O7 NAG K . 4.36 0.08 -16.11
C1 BMA K . 4.85 3.51 -22.43
C2 BMA K . 4.19 3.86 -23.76
C3 BMA K . 4.23 5.37 -24.02
C4 BMA K . 3.65 6.07 -22.80
C5 BMA K . 4.42 5.67 -21.56
C6 BMA K . 3.91 6.49 -20.38
O2 BMA K . 2.84 3.43 -23.74
O3 BMA K . 3.48 5.70 -25.19
O4 BMA K . 3.72 7.50 -22.95
O5 BMA K . 4.24 4.26 -21.37
O6 BMA K . 4.68 6.27 -19.19
C1 MAN K . 4.25 6.61 -26.00
C2 MAN K . 3.39 7.20 -27.10
C3 MAN K . 2.84 6.04 -27.92
C4 MAN K . 4.00 5.22 -28.47
C5 MAN K . 4.94 4.81 -27.35
C6 MAN K . 6.18 4.11 -27.92
O2 MAN K . 4.23 8.04 -27.90
O3 MAN K . 2.01 6.49 -29.00
O4 MAN K . 3.47 4.05 -29.11
O5 MAN K . 5.36 5.96 -26.61
O6 MAN K . 7.11 5.10 -28.39
C1 MAN K . 3.56 9.24 -28.37
C2 MAN K . 4.36 9.97 -29.43
C3 MAN K . 5.35 10.89 -28.74
C4 MAN K . 4.58 11.82 -27.82
C5 MAN K . 3.81 11.02 -26.78
C6 MAN K . 3.01 11.93 -25.87
O2 MAN K . 3.49 10.81 -30.19
O3 MAN K . 6.05 11.67 -29.71
O4 MAN K . 5.49 12.71 -27.16
O5 MAN K . 2.92 10.12 -27.44
O6 MAN K . 3.91 12.64 -25.01
C1 MAN K . 3.20 10.17 -31.45
C2 MAN K . 2.62 11.22 -32.40
C3 MAN K . 1.28 11.73 -31.88
C4 MAN K . 0.35 10.58 -31.51
C5 MAN K . 1.06 9.55 -30.64
C6 MAN K . 0.16 8.36 -30.38
O2 MAN K . 2.44 10.64 -33.69
O3 MAN K . 0.65 12.53 -32.89
O4 MAN K . -0.78 11.09 -30.80
O5 MAN K . 2.25 9.11 -31.30
O6 MAN K . -0.32 8.42 -29.03
C1 MAN K . 3.78 6.56 -18.11
C2 MAN K . 4.24 6.23 -16.70
C3 MAN K . 3.96 4.76 -16.42
C4 MAN K . 2.48 4.50 -16.61
C5 MAN K . 2.07 4.89 -18.02
C6 MAN K . 0.58 4.65 -18.23
O2 MAN K . 3.55 7.05 -15.75
O3 MAN K . 4.28 4.49 -15.06
O4 MAN K . 2.21 3.11 -16.41
O5 MAN K . 2.38 6.27 -18.25
O6 MAN K . 0.27 4.70 -19.62
C1 MAN K . -1.10 5.14 -19.79
C2 MAN K . -1.54 4.76 -21.19
C3 MAN K . -0.63 5.41 -22.20
C4 MAN K . -0.75 6.92 -22.00
C5 MAN K . -0.33 7.23 -20.57
C6 MAN K . -0.42 8.73 -20.29
O2 MAN K . -2.81 5.37 -21.41
O3 MAN K . -1.05 5.08 -23.53
O4 MAN K . 0.08 7.61 -22.93
O5 MAN K . -1.21 6.55 -19.68
O6 MAN K . -1.81 9.11 -20.24
C1 MAN K . -3.97 4.52 -21.13
C2 MAN K . -5.16 4.96 -21.96
C3 MAN K . -5.91 6.08 -21.25
C4 MAN K . -6.22 5.69 -19.81
C5 MAN K . -5.00 5.13 -19.10
C6 MAN K . -5.35 4.64 -17.71
O2 MAN K . -6.03 3.85 -22.16
O3 MAN K . -7.13 6.35 -21.95
O4 MAN K . -6.67 6.85 -19.11
O5 MAN K . -4.45 4.06 -19.87
O6 MAN K . -4.17 4.58 -16.90
C1 NAG L . -27.64 -1.18 2.81
C2 NAG L . -28.93 -1.92 3.14
C3 NAG L . -29.84 -1.99 1.93
C4 NAG L . -30.07 -0.59 1.37
C5 NAG L . -28.74 0.09 1.10
C6 NAG L . -28.90 1.54 0.67
C7 NAG L . -28.07 -4.24 2.96
C8 NAG L . -27.89 -5.53 3.69
N2 NAG L . -28.66 -3.26 3.66
O3 NAG L . -31.09 -2.57 2.30
O4 NAG L . -30.83 -0.65 0.17
O5 NAG L . -27.95 0.12 2.29
O6 NAG L . -29.04 2.39 1.80
O7 NAG L . -27.68 -4.08 1.81
C1 NAG L . -32.22 -0.24 0.15
C2 NAG L . -32.42 0.63 -1.10
C3 NAG L . -33.93 0.66 -1.46
C4 NAG L . -34.78 -0.61 -1.15
C5 NAG L . -34.29 -1.32 0.09
C6 NAG L . -34.88 -2.72 0.23
C7 NAG L . -31.22 2.53 -1.94
C8 NAG L . -31.18 4.02 -1.95
N2 NAG L . -31.91 1.98 -0.95
O3 NAG L . -34.04 0.94 -2.87
O4 NAG L . -36.18 -0.32 -0.91
O5 NAG L . -32.90 -1.46 -0.05
O6 NAG L . -34.48 -3.50 -0.91
O7 NAG L . -30.65 1.86 -2.79
C1 BMA L . -37.12 -0.63 -1.99
C2 BMA L . -38.37 -1.32 -1.45
C3 BMA L . -39.35 -1.62 -2.58
C4 BMA L . -39.55 -0.42 -3.50
C5 BMA L . -38.22 0.20 -3.90
C6 BMA L . -38.42 1.44 -4.75
O2 BMA L . -38.99 -0.48 -0.47
O3 BMA L . -40.61 -2.01 -2.03
O4 BMA L . -40.27 -0.81 -4.66
O5 BMA L . -37.51 0.54 -2.72
O6 BMA L . -38.23 1.12 -6.13
C1 NAG M . 24.65 28.93 -11.27
C2 NAG M . 25.35 29.81 -10.24
C3 NAG M . 25.58 31.18 -10.84
C4 NAG M . 26.39 31.03 -12.13
C5 NAG M . 25.65 30.10 -13.08
C6 NAG M . 26.45 29.90 -14.37
C7 NAG M . 24.83 29.24 -7.94
C8 NAG M . 23.90 29.47 -6.77
N2 NAG M . 24.54 29.92 -9.04
O3 NAG M . 26.30 32.00 -9.92
O4 NAG M . 26.53 32.32 -12.73
O5 NAG M . 25.44 28.83 -12.47
O6 NAG M . 27.64 29.17 -14.09
O7 NAG M . 25.77 28.47 -7.88
C1 NAG M . 27.92 32.60 -12.95
C2 NAG M . 28.06 33.96 -13.63
C3 NAG M . 29.52 34.27 -13.89
C4 NAG M . 30.27 34.21 -12.56
C5 NAG M . 30.07 32.85 -11.91
C6 NAG M . 30.78 32.77 -10.57
C7 NAG M . 27.41 32.98 -15.75
C8 NAG M . 26.35 32.93 -16.80
N2 NAG M . 27.32 33.98 -14.88
O3 NAG M . 29.65 35.57 -14.46
O4 NAG M . 31.67 34.43 -12.79
O5 NAG M . 28.67 32.60 -11.73
O6 NAG M . 30.17 33.70 -9.66
O7 NAG M . 28.30 32.16 -15.71
C1 NAG N . 35.82 4.71 -29.31
C2 NAG N . 36.75 5.92 -29.16
C3 NAG N . 38.18 5.47 -28.86
C4 NAG N . 38.21 4.54 -27.66
C5 NAG N . 37.25 3.38 -27.89
C6 NAG N . 37.15 2.44 -26.71
C7 NAG N . 36.74 8.09 -30.30
C8 NAG N . 36.73 8.80 -31.62
N2 NAG N . 36.72 6.75 -30.34
O3 NAG N . 38.98 6.62 -28.61
O4 NAG N . 39.53 4.04 -27.46
O5 NAG N . 35.93 3.87 -28.14
O6 NAG N . 36.62 3.11 -25.58
O7 NAG N . 36.75 8.69 -29.24
C01 J94 O . 17.03 -20.96 -17.85
N02 J94 O . 15.76 -21.78 -17.88
C03 J94 O . 14.66 -20.72 -17.99
C04 J94 O . 15.68 -22.71 -19.07
C05 J94 O . 14.35 -23.48 -19.08
C06 J94 O . 13.83 -23.93 -17.74
C07 J94 O . 14.40 -23.50 -16.59
C08 J94 O . 13.91 -23.92 -15.41
C09 J94 O . 12.87 -24.75 -15.39
O10 J94 O . 12.31 -25.22 -14.40
C11 J94 O . 11.17 -25.93 -14.87
O12 J94 O . 11.37 -25.92 -16.29
C13 J94 O . 12.31 -25.16 -16.52
C14 J94 O . 12.78 -24.76 -17.71
C15 J94 O . 15.60 -22.55 -16.58
C16 J94 O . 16.89 -23.31 -16.20
O17 J94 O . 16.90 -24.64 -16.70
C18 J94 O . 16.82 -25.47 -15.61
O19 J94 O . 16.62 -26.65 -15.70
C20 J94 O . 16.98 -24.80 -14.44
C21 J94 O . 17.09 -25.24 -13.19
O22 J94 O . 17.05 -26.39 -12.76
C23 J94 O . 17.35 -26.29 -11.37
O24 J94 O . 17.33 -24.88 -11.13
C25 J94 O . 17.25 -24.33 -12.22
C26 J94 O . 17.32 -23.02 -12.48
C27 J94 O . 17.21 -22.60 -13.75
C28 J94 O . 17.04 -23.50 -14.72
C1 NAG P . -23.84 -23.47 -25.65
C2 NAG P . -24.39 -24.88 -25.55
C3 NAG P . -25.90 -24.85 -25.39
C4 NAG P . -26.30 -23.96 -24.22
C5 NAG P . -25.65 -22.59 -24.36
C6 NAG P . -25.87 -21.70 -23.16
C7 NAG P . -23.01 -26.54 -26.72
C8 NAG P . -22.76 -27.26 -28.02
N2 NAG P . -24.01 -25.67 -26.72
O3 NAG P . -26.38 -26.17 -25.17
O4 NAG P . -27.71 -23.80 -24.18
O5 NAG P . -24.23 -22.73 -24.50
O6 NAG P . -24.69 -21.59 -22.36
O7 NAG P . -22.32 -26.75 -25.73
C01 J94 Q . -21.83 8.85 -16.14
N02 J94 Q . -21.35 10.26 -16.42
C03 J94 Q . -19.88 10.08 -16.74
C04 J94 Q . -22.05 10.93 -17.59
C05 J94 Q . -21.49 12.33 -17.85
C06 J94 Q . -21.14 13.14 -16.62
C07 J94 Q . -21.16 12.58 -15.40
C08 J94 Q . -20.83 13.33 -14.32
C09 J94 Q . -20.50 14.61 -14.49
O10 J94 Q . -20.18 15.43 -13.63
C11 J94 Q . -19.78 16.61 -14.31
O12 J94 Q . -20.14 16.34 -15.66
C13 J94 Q . -20.48 15.15 -15.70
C14 J94 Q . -20.80 14.43 -16.78
C15 J94 Q . -21.53 11.13 -15.17
C16 J94 Q . -22.98 11.03 -14.62
O17 J94 Q . -23.83 12.04 -15.15
C18 J94 Q . -24.18 12.85 -14.10
O19 J94 Q . -24.78 13.90 -14.24
C20 J94 Q . -23.80 12.33 -12.90
C21 J94 Q . -24.04 12.74 -11.65
O22 J94 Q . -24.68 13.71 -11.27
C23 J94 Q . -24.74 13.59 -9.84
O24 J94 Q . -23.83 12.51 -9.57
C25 J94 Q . -23.53 12.02 -10.65
C26 J94 Q . -22.80 10.92 -10.86
C27 J94 Q . -22.57 10.53 -12.12
C28 J94 Q . -23.08 11.24 -13.14
C1 NAG R . -6.44 1.21 -19.31
C2 NAG R . -5.06 0.85 -19.85
C3 NAG R . -5.02 1.05 -21.35
C4 NAG R . -6.12 0.25 -22.01
C5 NAG R . -7.48 0.56 -21.39
C6 NAG R . -8.58 -0.34 -21.88
C7 NAG R . -3.28 1.14 -18.20
C8 NAG R . -2.24 2.05 -17.63
N2 NAG R . -4.02 1.63 -19.19
O3 NAG R . -3.75 0.64 -21.85
O4 NAG R . -6.18 0.54 -23.40
O5 NAG R . -7.43 0.41 -19.96
O6 NAG R . -8.90 -0.07 -23.24
O7 NAG R . -3.43 -0.01 -17.78
C1 MAN S . 5.91 1.71 -15.10
C2 MAN S . 6.04 1.61 -13.59
C3 MAN S . 6.27 3.00 -13.02
C4 MAN S . 7.54 3.55 -13.64
C5 MAN S . 7.36 3.58 -15.16
C6 MAN S . 8.58 4.16 -15.84
O2 MAN S . 7.14 0.76 -13.25
O3 MAN S . 6.41 2.93 -11.59
O4 MAN S . 7.80 4.87 -13.16
O5 MAN S . 7.12 2.26 -15.63
O6 MAN S . 8.79 5.50 -15.39
#